data_6OIT
#
_entry.id   6OIT
#
_cell.length_a   1.0
_cell.length_b   1.0
_cell.length_c   1.0
_cell.angle_alpha   90.00
_cell.angle_beta   90.00
_cell.angle_gamma   90.00
#
_symmetry.space_group_name_H-M   'P 1'
#
loop_
_entity.id
_entity.type
_entity.pdbx_description
1 polymer 'Protein RDM1'
2 polymer 'Protein DEFECTIVE IN MERISTEM SILENCING 3'
3 polymer 'Protein CHROMATIN REMODELING 35'
#
loop_
_entity_poly.entity_id
_entity_poly.type
_entity_poly.pdbx_seq_one_letter_code
_entity_poly.pdbx_strand_id
1 'polypeptide(L)'
;MGSSHHHHHHSQDPSSMTMELRPSGDSGSSDVDAEISDGFSPLDTSHRDVADEGSLLRRAEMYQDYMKQVPIPTNRGSLI
PFTSWVGLSISMKQLYGQPLHYLTNVLLQRWDQSRFGTDSEEQRLDSIIHPTKAEATIWLVEEIHRLTPSHLHMALLWRS
DPMYHSFIDPIFPEK
;
A,B
2 'polypeptide(L)'
;MADLYPTGQQISFQTTPLNVQDPTRMMNLDQSSPVARNETQNGGGIAHAEFAMFNSKRLESDLEAMGNKIKQHEDNLKFL
KSQKNKMDEAIVDLQVHMSKLNSSPTPRSENSDNSLQGEDINAQILRHENSAAGVLSLVETLHGAQASQLMLTKGVVGVV
AKLGKVNDENLSQILSNYLGTRSMLAVVCRNYESVTALEAYDNHGNIDINAGLHCLGSSIGREIGDSFDAICLENLRPYV
GQHIADDLQRRLDLLKPKLPNGECPPGFLGFAVNMIQIDPAYLLCVTSYGYGLRETLFYNLFSRLQVYKTRADMISALPC
ISDGAVSLDGGIIRKTGIFNLGNRDEVNVRFAKPTASRTMDNYSEAEKKMKELKWKKEKTLEDIKREQVLREHAVFNFGK
KKEEFVRCLAQSSCTNQPMNTPRGTLESGKETAAAKFERQHMDSSTSAA
;
C,D,E,F
3 'polypeptide(L)' GEFFAVSNMLEALDSGKFGSVSKELEEIADMRMDLVKRSIWLYPSLAYTVFEAEKTMDGGGGSDYKDDDDK G
#
# COMPACT_ATOMS: atom_id res chain seq x y z
N ALA A 51 8.78 -12.77 32.57
CA ALA A 51 9.11 -11.39 32.25
C ALA A 51 7.93 -10.70 31.57
N ASP A 52 8.08 -9.39 31.31
CA ASP A 52 7.05 -8.65 30.62
C ASP A 52 6.97 -9.04 29.15
N GLU A 53 8.12 -9.39 28.55
CA GLU A 53 8.17 -9.74 27.14
C GLU A 53 7.43 -11.04 26.85
N GLY A 54 7.47 -12.00 27.78
CA GLY A 54 6.70 -13.22 27.59
C GLY A 54 5.20 -12.99 27.63
N SER A 55 4.75 -12.12 28.53
CA SER A 55 3.33 -11.77 28.61
C SER A 55 2.87 -11.05 27.35
N LEU A 56 3.68 -10.12 26.86
CA LEU A 56 3.28 -9.37 25.67
C LEU A 56 3.38 -10.23 24.42
N LEU A 57 4.30 -11.20 24.40
CA LEU A 57 4.36 -12.15 23.29
C LEU A 57 3.15 -13.09 23.29
N ARG A 58 2.69 -13.49 24.48
CA ARG A 58 1.48 -14.30 24.56
C ARG A 58 0.25 -13.50 24.11
N ARG A 59 0.19 -12.22 24.47
CA ARG A 59 -0.90 -11.35 24.00
C ARG A 59 -0.87 -11.18 22.48
N ALA A 60 0.33 -11.07 21.91
CA ALA A 60 0.45 -10.95 20.45
C ALA A 60 0.00 -12.21 19.75
N GLU A 61 0.32 -13.38 20.31
CA GLU A 61 -0.11 -14.64 19.69
C GLU A 61 -1.63 -14.82 19.79
N MET A 62 -2.22 -14.41 20.93
CA MET A 62 -3.69 -14.42 21.06
C MET A 62 -4.35 -13.54 20.01
N TYR A 63 -3.84 -12.30 19.85
CA TYR A 63 -4.44 -11.36 18.91
C TYR A 63 -4.28 -11.82 17.47
N GLN A 64 -3.14 -12.42 17.13
CA GLN A 64 -2.94 -12.88 15.76
C GLN A 64 -3.81 -14.10 15.45
N ASP A 65 -3.96 -15.01 16.42
CA ASP A 65 -4.87 -16.14 16.20
C ASP A 65 -6.31 -15.70 16.10
N TYR A 66 -6.71 -14.61 16.77
CA TYR A 66 -8.06 -14.11 16.55
C TYR A 66 -8.19 -13.43 15.20
N MET A 67 -7.16 -12.69 14.77
CA MET A 67 -7.27 -11.94 13.52
C MET A 67 -7.24 -12.83 12.30
N LYS A 68 -6.58 -13.99 12.36
CA LYS A 68 -6.55 -14.89 11.21
C LYS A 68 -7.92 -15.42 10.82
N GLN A 69 -8.83 -15.61 11.78
CA GLN A 69 -10.06 -16.32 11.50
C GLN A 69 -11.16 -15.44 10.94
N VAL A 70 -11.01 -14.13 10.97
CA VAL A 70 -12.09 -13.22 10.58
C VAL A 70 -12.17 -13.18 9.05
N PRO A 71 -13.26 -13.63 8.44
CA PRO A 71 -13.29 -13.74 6.99
C PRO A 71 -13.50 -12.42 6.28
N ILE A 72 -12.89 -12.31 5.11
CA ILE A 72 -13.14 -11.17 4.21
C ILE A 72 -14.55 -11.31 3.63
N PRO A 73 -15.35 -10.24 3.59
CA PRO A 73 -16.71 -10.36 3.05
C PRO A 73 -16.73 -10.71 1.57
N THR A 74 -17.82 -11.35 1.14
CA THR A 74 -17.86 -11.94 -0.19
C THR A 74 -18.17 -10.90 -1.25
N ASN A 75 -19.34 -10.26 -1.17
CA ASN A 75 -19.72 -9.21 -2.10
C ASN A 75 -19.38 -7.88 -1.46
N ARG A 76 -18.54 -7.09 -2.13
CA ARG A 76 -18.03 -5.85 -1.58
C ARG A 76 -18.30 -4.67 -2.51
N GLY A 77 -19.46 -4.67 -3.15
CA GLY A 77 -19.81 -3.58 -4.03
C GLY A 77 -20.37 -2.38 -3.29
N SER A 78 -19.56 -1.34 -3.14
CA SER A 78 -19.97 -0.17 -2.38
C SER A 78 -19.14 1.03 -2.81
N LEU A 79 -19.67 2.21 -2.54
CA LEU A 79 -19.02 3.47 -2.90
C LEU A 79 -19.35 4.47 -1.80
N ILE A 80 -18.37 4.76 -0.95
CA ILE A 80 -18.55 5.66 0.18
C ILE A 80 -17.72 6.92 -0.08
N PRO A 81 -18.33 8.11 -0.03
CA PRO A 81 -17.54 9.34 -0.16
C PRO A 81 -16.73 9.60 1.12
N PHE A 82 -15.47 9.97 0.94
CA PHE A 82 -14.57 10.11 2.08
C PHE A 82 -13.66 11.31 1.86
N THR A 83 -12.94 11.66 2.92
CA THR A 83 -12.07 12.83 2.94
C THR A 83 -10.65 12.50 3.40
N SER A 84 -10.49 11.53 4.30
CA SER A 84 -9.19 11.06 4.76
C SER A 84 -9.20 9.55 4.77
N TRP A 85 -8.05 8.96 5.09
CA TRP A 85 -7.98 7.50 5.11
C TRP A 85 -8.61 6.91 6.36
N VAL A 86 -8.40 7.57 7.51
CA VAL A 86 -8.95 7.10 8.78
C VAL A 86 -10.47 7.19 8.76
N GLY A 87 -11.02 8.22 8.13
CA GLY A 87 -12.47 8.32 7.98
C GLY A 87 -13.05 7.22 7.12
N LEU A 88 -12.31 6.79 6.11
CA LEU A 88 -12.76 5.65 5.31
C LEU A 88 -12.72 4.37 6.12
N SER A 89 -11.68 4.19 6.95
CA SER A 89 -11.62 2.97 7.74
C SER A 89 -12.69 2.93 8.81
N ILE A 90 -13.08 4.10 9.35
CA ILE A 90 -14.17 4.12 10.32
C ILE A 90 -15.52 3.85 9.66
N SER A 91 -15.79 4.48 8.51
CA SER A 91 -17.02 4.19 7.77
C SER A 91 -17.06 2.75 7.25
N MET A 92 -15.89 2.18 6.97
CA MET A 92 -15.76 0.84 6.46
C MET A 92 -15.91 -0.21 7.55
N LYS A 93 -15.56 0.14 8.79
CA LYS A 93 -15.88 -0.73 9.91
C LYS A 93 -17.32 -0.60 10.36
N GLN A 94 -17.94 0.56 10.14
CA GLN A 94 -19.34 0.72 10.51
C GLN A 94 -20.27 0.03 9.51
N LEU A 95 -19.95 0.07 8.22
CA LEU A 95 -20.74 -0.70 7.25
C LEU A 95 -20.55 -2.20 7.43
N TYR A 96 -19.32 -2.67 7.23
CA TYR A 96 -19.00 -4.09 7.33
C TYR A 96 -18.55 -4.36 8.75
N GLY A 97 -19.34 -5.12 9.50
CA GLY A 97 -19.07 -5.27 10.92
C GLY A 97 -17.88 -6.14 11.26
N GLN A 98 -16.68 -5.71 10.88
CA GLN A 98 -15.45 -6.43 11.13
C GLN A 98 -14.37 -5.45 11.52
N PRO A 99 -13.46 -5.85 12.41
CA PRO A 99 -12.36 -4.94 12.80
C PRO A 99 -11.17 -5.09 11.86
N LEU A 100 -10.51 -3.96 11.61
CA LEU A 100 -9.30 -4.01 10.81
C LEU A 100 -8.11 -4.36 11.69
N HIS A 101 -7.00 -4.72 11.06
CA HIS A 101 -5.84 -5.20 11.78
C HIS A 101 -5.15 -4.03 12.48
N TYR A 102 -4.21 -4.35 13.38
CA TYR A 102 -3.42 -3.32 14.03
C TYR A 102 -2.49 -2.62 13.03
N LEU A 103 -1.78 -3.42 12.23
CA LEU A 103 -0.86 -2.89 11.24
C LEU A 103 -1.59 -2.05 10.19
N THR A 104 -2.85 -2.41 9.90
CA THR A 104 -3.63 -1.64 8.93
C THR A 104 -4.02 -0.29 9.51
N ASN A 105 -4.36 -0.22 10.80
CA ASN A 105 -4.66 1.08 11.38
C ASN A 105 -3.43 1.96 11.49
N VAL A 106 -2.26 1.36 11.75
CA VAL A 106 -1.01 2.12 11.79
C VAL A 106 -0.67 2.68 10.42
N LEU A 107 -0.79 1.84 9.38
CA LEU A 107 -0.49 2.26 8.01
C LEU A 107 -1.48 3.30 7.51
N LEU A 108 -2.77 3.12 7.81
CA LEU A 108 -3.80 4.07 7.43
C LEU A 108 -3.68 5.39 8.17
N GLN A 109 -3.04 5.42 9.34
CA GLN A 109 -2.74 6.70 9.97
C GLN A 109 -1.50 7.35 9.36
N ARG A 110 -0.45 6.57 9.10
CA ARG A 110 0.79 7.21 8.62
C ARG A 110 0.68 7.66 7.18
N TRP A 111 -0.27 7.14 6.40
CA TRP A 111 -0.56 7.74 5.10
C TRP A 111 -1.07 9.17 5.23
N ASP A 112 -1.91 9.44 6.22
CA ASP A 112 -2.43 10.79 6.41
C ASP A 112 -1.37 11.72 7.02
N GLN A 113 -0.57 11.18 7.95
CA GLN A 113 0.57 11.94 8.47
C GLN A 113 1.59 12.26 7.39
N SER A 114 1.75 11.37 6.41
CA SER A 114 2.59 11.66 5.26
C SER A 114 1.92 12.63 4.30
N ARG A 115 0.60 12.75 4.37
CA ARG A 115 -0.09 13.68 3.48
C ARG A 115 -0.01 15.13 3.96
N PHE A 116 0.08 15.38 5.29
CA PHE A 116 -0.12 16.71 5.91
C PHE A 116 0.51 17.92 5.20
N GLY A 117 1.72 17.78 4.68
CA GLY A 117 2.55 18.96 4.43
C GLY A 117 2.16 19.78 3.22
N THR A 118 1.96 19.12 2.08
CA THR A 118 1.96 19.81 0.79
C THR A 118 0.64 20.53 0.52
N ASP A 119 0.49 21.00 -0.72
CA ASP A 119 -0.68 21.76 -1.16
C ASP A 119 -1.85 20.88 -1.58
N SER A 120 -1.70 19.56 -1.52
CA SER A 120 -2.81 18.65 -1.77
C SER A 120 -3.81 18.60 -0.61
N GLU A 121 -3.44 19.15 0.57
CA GLU A 121 -4.27 19.05 1.77
C GLU A 121 -5.59 19.80 1.64
N GLU A 122 -5.70 20.77 0.73
CA GLU A 122 -6.95 21.45 0.50
C GLU A 122 -7.75 20.83 -0.64
N GLN A 123 -7.12 20.00 -1.45
CA GLN A 123 -7.83 19.28 -2.49
C GLN A 123 -8.49 18.05 -1.89
N ARG A 124 -9.73 17.80 -2.28
CA ARG A 124 -10.49 16.70 -1.69
C ARG A 124 -9.93 15.37 -2.16
N LEU A 125 -9.68 14.47 -1.19
CA LEU A 125 -9.04 13.19 -1.48
C LEU A 125 -9.99 12.24 -2.20
N ASP A 126 -11.30 12.51 -2.11
CA ASP A 126 -12.31 11.84 -2.93
C ASP A 126 -12.04 12.03 -4.43
N SER A 127 -11.48 13.19 -4.81
CA SER A 127 -11.18 13.45 -6.21
C SER A 127 -9.80 12.99 -6.64
N ILE A 128 -8.87 12.82 -5.70
CA ILE A 128 -7.54 12.30 -6.06
C ILE A 128 -7.62 10.82 -6.36
N ILE A 129 -8.13 10.03 -5.42
CA ILE A 129 -8.21 8.58 -5.55
C ILE A 129 -9.68 8.19 -5.49
N HIS A 130 -10.06 7.18 -6.25
CA HIS A 130 -11.47 6.82 -6.38
C HIS A 130 -11.89 5.96 -5.18
N PRO A 131 -13.08 6.18 -4.61
CA PRO A 131 -13.51 5.39 -3.44
C PRO A 131 -13.62 3.89 -3.66
N THR A 132 -13.96 3.43 -4.86
CA THR A 132 -13.90 2.00 -5.10
C THR A 132 -12.45 1.52 -5.13
N LYS A 133 -11.55 2.36 -5.64
CA LYS A 133 -10.14 2.03 -5.68
C LYS A 133 -9.52 2.04 -4.29
N ALA A 134 -9.93 2.98 -3.45
CA ALA A 134 -9.42 3.03 -2.09
C ALA A 134 -10.00 1.92 -1.22
N GLU A 135 -11.28 1.59 -1.43
CA GLU A 135 -11.93 0.49 -0.74
C GLU A 135 -11.24 -0.84 -1.06
N ALA A 136 -10.97 -1.07 -2.35
CA ALA A 136 -10.26 -2.28 -2.75
C ALA A 136 -8.83 -2.30 -2.22
N THR A 137 -8.19 -1.13 -2.13
CA THR A 137 -6.85 -1.05 -1.55
C THR A 137 -6.85 -1.48 -0.09
N ILE A 138 -7.81 -1.01 0.69
CA ILE A 138 -7.81 -1.33 2.11
C ILE A 138 -8.21 -2.79 2.35
N TRP A 139 -9.09 -3.36 1.50
CA TRP A 139 -9.37 -4.79 1.66
C TRP A 139 -8.19 -5.68 1.26
N LEU A 140 -7.41 -5.29 0.25
CA LEU A 140 -6.25 -6.11 -0.11
C LEU A 140 -5.17 -6.04 0.96
N VAL A 141 -4.91 -4.84 1.50
CA VAL A 141 -3.96 -4.69 2.61
C VAL A 141 -4.45 -5.46 3.84
N GLU A 142 -5.76 -5.53 4.03
CA GLU A 142 -6.30 -6.23 5.19
C GLU A 142 -6.15 -7.75 5.04
N GLU A 143 -6.34 -8.28 3.82
CA GLU A 143 -6.07 -9.70 3.57
C GLU A 143 -4.63 -10.04 3.88
N ILE A 144 -3.70 -9.19 3.45
CA ILE A 144 -2.28 -9.41 3.72
C ILE A 144 -2.01 -9.38 5.23
N HIS A 145 -2.59 -8.41 5.94
CA HIS A 145 -2.36 -8.27 7.37
C HIS A 145 -3.04 -9.34 8.21
N ARG A 146 -4.11 -9.97 7.73
CA ARG A 146 -4.68 -11.06 8.50
C ARG A 146 -3.91 -12.35 8.26
N LEU A 147 -3.55 -12.64 7.01
CA LEU A 147 -2.99 -13.96 6.74
C LEU A 147 -1.48 -14.03 6.97
N THR A 148 -0.71 -13.06 6.51
CA THR A 148 0.75 -13.20 6.48
C THR A 148 1.58 -13.02 7.75
N PRO A 149 1.34 -12.00 8.66
CA PRO A 149 2.40 -11.66 9.64
C PRO A 149 2.68 -12.67 10.73
N SER A 150 3.59 -12.32 11.61
CA SER A 150 4.03 -13.14 12.72
C SER A 150 3.72 -12.45 14.04
N HIS A 151 4.21 -13.05 15.12
CA HIS A 151 3.91 -12.59 16.47
C HIS A 151 5.03 -11.73 17.04
N LEU A 152 6.26 -11.95 16.56
CA LEU A 152 7.42 -11.23 17.08
C LEU A 152 7.41 -9.78 16.61
N HIS A 153 6.98 -9.56 15.37
CA HIS A 153 6.84 -8.22 14.83
C HIS A 153 5.85 -7.40 15.64
N MET A 154 4.71 -8.01 15.97
CA MET A 154 3.70 -7.37 16.82
C MET A 154 4.23 -7.14 18.23
N ALA A 155 5.04 -8.07 18.73
CA ALA A 155 5.64 -7.92 20.05
C ALA A 155 6.59 -6.74 20.14
N LEU A 156 7.43 -6.56 19.12
CA LEU A 156 8.34 -5.41 19.11
C LEU A 156 7.58 -4.10 18.92
N LEU A 157 6.60 -4.07 18.01
CA LEU A 157 5.85 -2.83 17.78
C LEU A 157 4.97 -2.45 18.97
N TRP A 158 4.56 -3.41 19.79
CA TRP A 158 3.87 -3.07 21.02
C TRP A 158 4.83 -2.78 22.17
N ARG A 159 6.06 -3.27 22.08
CA ARG A 159 7.06 -2.94 23.09
C ARG A 159 7.53 -1.50 22.94
N SER A 160 7.56 -0.99 21.71
CA SER A 160 8.12 0.35 21.48
C SER A 160 7.24 1.46 22.06
N ASP A 161 5.93 1.22 22.20
CA ASP A 161 5.05 2.21 22.78
C ASP A 161 3.92 1.60 23.60
N PRO A 162 3.52 2.23 24.69
CA PRO A 162 2.29 1.85 25.38
C PRO A 162 1.09 2.42 24.66
N MET A 163 -0.09 2.09 25.19
CA MET A 163 -1.40 2.43 24.60
C MET A 163 -1.51 1.97 23.15
N TYR A 164 -1.14 0.70 22.93
CA TYR A 164 -1.32 0.10 21.62
C TYR A 164 -2.76 -0.28 21.35
N HIS A 165 -3.63 -0.25 22.37
CA HIS A 165 -5.06 -0.51 22.21
C HIS A 165 -5.80 0.61 21.51
N SER A 166 -5.15 1.73 21.21
CA SER A 166 -5.80 2.80 20.46
C SER A 166 -6.06 2.43 19.02
N PHE A 167 -5.43 1.37 18.52
CA PHE A 167 -5.58 0.93 17.14
C PHE A 167 -6.33 -0.38 17.03
N ILE A 168 -6.48 -1.10 18.15
CA ILE A 168 -7.23 -2.35 18.19
C ILE A 168 -8.68 -2.04 18.56
N ASP A 169 -9.64 -2.66 17.80
CA ASP A 169 -11.04 -2.27 17.74
C ASP A 169 -11.92 -3.15 18.61
N PRO A 170 -12.98 -2.57 19.18
CA PRO A 170 -13.91 -3.36 20.00
C PRO A 170 -15.04 -4.00 19.22
N ILE A 171 -14.93 -4.11 17.89
CA ILE A 171 -15.99 -4.68 17.07
C ILE A 171 -15.73 -6.18 16.99
N PHE A 172 -16.46 -6.96 17.79
CA PHE A 172 -16.12 -8.38 17.94
C PHE A 172 -16.64 -9.27 16.81
N PRO A 173 -17.92 -9.19 16.36
CA PRO A 173 -18.22 -10.13 15.28
C PRO A 173 -17.70 -9.68 13.91
N ALA B 51 22.96 22.90 7.20
CA ALA B 51 23.94 22.44 6.22
C ALA B 51 23.34 21.35 5.34
N ASP B 52 23.34 20.12 5.85
CA ASP B 52 22.85 18.98 5.09
C ASP B 52 21.33 18.93 5.02
N GLU B 53 20.64 19.61 5.95
CA GLU B 53 19.19 19.52 6.06
C GLU B 53 18.48 20.15 4.86
N GLY B 54 18.90 21.35 4.48
CA GLY B 54 18.31 21.99 3.31
C GLY B 54 18.62 21.26 2.02
N SER B 55 19.79 20.62 1.94
CA SER B 55 20.12 19.80 0.79
C SER B 55 19.19 18.58 0.69
N LEU B 56 18.95 17.90 1.82
CA LEU B 56 18.02 16.76 1.79
C LEU B 56 16.60 17.19 1.50
N LEU B 57 16.18 18.36 1.98
CA LEU B 57 14.83 18.83 1.69
C LEU B 57 14.67 19.17 0.20
N ARG B 58 15.69 19.80 -0.39
CA ARG B 58 15.60 20.14 -1.81
C ARG B 58 15.66 18.89 -2.68
N ARG B 59 16.49 17.90 -2.29
CA ARG B 59 16.53 16.65 -3.05
C ARG B 59 15.24 15.85 -2.91
N ALA B 60 14.57 15.94 -1.76
CA ALA B 60 13.27 15.29 -1.61
C ALA B 60 12.21 15.96 -2.45
N GLU B 61 12.27 17.29 -2.57
CA GLU B 61 11.35 18.00 -3.46
C GLU B 61 11.58 17.62 -4.92
N MET B 62 12.85 17.49 -5.32
CA MET B 62 13.18 17.06 -6.69
C MET B 62 12.67 15.65 -6.96
N TYR B 63 12.84 14.75 -5.99
CA TYR B 63 12.44 13.36 -6.19
C TYR B 63 10.93 13.20 -6.25
N GLN B 64 10.19 13.92 -5.40
CA GLN B 64 8.73 13.80 -5.45
C GLN B 64 8.16 14.46 -6.70
N ASP B 65 8.74 15.59 -7.12
CA ASP B 65 8.27 16.23 -8.35
C ASP B 65 8.60 15.38 -9.57
N TYR B 66 9.67 14.57 -9.53
CA TYR B 66 9.88 13.60 -10.60
C TYR B 66 8.87 12.48 -10.54
N MET B 67 8.64 11.93 -9.35
CA MET B 67 7.88 10.68 -9.28
C MET B 67 6.38 10.90 -9.46
N LYS B 68 5.91 12.14 -9.33
CA LYS B 68 4.49 12.41 -9.60
C LYS B 68 4.10 12.15 -11.05
N GLN B 69 5.04 12.33 -11.98
CA GLN B 69 4.67 12.35 -13.40
C GLN B 69 4.93 11.03 -14.12
N VAL B 70 5.40 9.99 -13.43
CA VAL B 70 5.61 8.70 -14.08
C VAL B 70 4.27 7.97 -14.13
N PRO B 71 3.71 7.70 -15.30
CA PRO B 71 2.35 7.17 -15.37
C PRO B 71 2.28 5.68 -15.05
N ILE B 72 1.09 5.26 -14.62
CA ILE B 72 0.79 3.87 -14.30
C ILE B 72 0.45 3.21 -15.65
N PRO B 73 0.83 1.96 -15.90
CA PRO B 73 0.45 1.32 -17.17
C PRO B 73 -1.05 1.14 -17.33
N THR B 74 -1.49 0.98 -18.58
CA THR B 74 -2.90 1.11 -18.91
C THR B 74 -3.64 -0.21 -18.75
N ASN B 75 -3.08 -1.29 -19.28
CA ASN B 75 -3.67 -2.62 -19.11
C ASN B 75 -2.60 -3.61 -18.68
N ARG B 76 -2.74 -4.14 -17.47
CA ARG B 76 -1.78 -5.12 -16.97
C ARG B 76 -2.52 -6.46 -16.89
N GLY B 77 -2.03 -7.43 -17.65
CA GLY B 77 -2.64 -8.74 -17.69
C GLY B 77 -1.68 -9.83 -17.29
N SER B 78 -0.67 -9.49 -16.51
CA SER B 78 0.40 -10.42 -16.18
C SER B 78 0.02 -11.28 -14.97
N LEU B 79 0.67 -12.43 -14.89
CA LEU B 79 0.48 -13.38 -13.80
C LEU B 79 1.86 -13.90 -13.44
N ILE B 80 2.46 -13.35 -12.39
CA ILE B 80 3.84 -13.62 -12.04
C ILE B 80 3.84 -14.60 -10.88
N PRO B 81 4.40 -15.80 -11.04
CA PRO B 81 4.70 -16.65 -9.87
C PRO B 81 5.82 -16.00 -9.06
N PHE B 82 5.65 -15.97 -7.75
CA PHE B 82 6.60 -15.30 -6.87
C PHE B 82 6.67 -16.02 -5.53
N THR B 83 7.76 -15.78 -4.80
CA THR B 83 7.97 -16.36 -3.48
C THR B 83 8.20 -15.32 -2.39
N SER B 84 8.23 -14.03 -2.73
CA SER B 84 8.41 -12.97 -1.75
C SER B 84 7.84 -11.68 -2.34
N TRP B 85 7.77 -10.64 -1.52
CA TRP B 85 7.29 -9.36 -2.04
C TRP B 85 8.38 -8.61 -2.79
N VAL B 86 9.63 -8.73 -2.37
CA VAL B 86 10.74 -8.04 -3.02
C VAL B 86 10.99 -8.63 -4.41
N GLY B 87 10.99 -9.97 -4.52
CA GLY B 87 11.14 -10.60 -5.83
C GLY B 87 9.98 -10.31 -6.76
N LEU B 88 8.78 -10.15 -6.21
CA LEU B 88 7.63 -9.74 -6.99
C LEU B 88 7.78 -8.32 -7.52
N SER B 89 8.31 -7.41 -6.68
CA SER B 89 8.51 -6.05 -7.17
C SER B 89 9.67 -5.95 -8.16
N ILE B 90 10.69 -6.79 -8.00
CA ILE B 90 11.78 -6.84 -8.98
C ILE B 90 11.27 -7.32 -10.34
N SER B 91 10.42 -8.36 -10.33
CA SER B 91 9.83 -8.82 -11.59
C SER B 91 8.89 -7.79 -12.20
N MET B 92 8.14 -7.05 -11.38
CA MET B 92 7.28 -5.99 -11.91
C MET B 92 8.05 -4.78 -12.39
N LYS B 93 9.29 -4.59 -11.94
CA LYS B 93 10.16 -3.58 -12.52
C LYS B 93 10.73 -4.05 -13.84
N GLN B 94 11.12 -5.33 -13.92
CA GLN B 94 11.78 -5.82 -15.14
C GLN B 94 10.79 -6.02 -16.29
N LEU B 95 9.52 -6.31 -15.99
CA LEU B 95 8.53 -6.37 -17.07
C LEU B 95 8.09 -4.99 -17.51
N TYR B 96 7.47 -4.25 -16.59
CA TYR B 96 6.99 -2.90 -16.84
C TYR B 96 8.15 -1.98 -16.51
N GLY B 97 8.79 -1.40 -17.51
CA GLY B 97 10.03 -0.69 -17.29
C GLY B 97 9.94 0.62 -16.53
N GLN B 98 9.39 0.59 -15.32
CA GLN B 98 9.12 1.77 -14.51
C GLN B 98 9.63 1.58 -13.10
N PRO B 99 10.09 2.64 -12.45
CA PRO B 99 10.53 2.52 -11.06
C PRO B 99 9.38 2.59 -10.09
N LEU B 100 9.63 2.11 -8.88
CA LEU B 100 8.69 2.22 -7.78
C LEU B 100 9.21 3.23 -6.77
N HIS B 101 8.28 3.87 -6.05
CA HIS B 101 8.58 5.00 -5.16
C HIS B 101 9.43 4.55 -3.98
N TYR B 102 9.95 5.52 -3.22
CA TYR B 102 10.76 5.22 -2.05
C TYR B 102 9.96 4.52 -0.96
N LEU B 103 8.69 4.89 -0.81
CA LEU B 103 7.90 4.35 0.29
C LEU B 103 7.45 2.92 0.01
N THR B 104 7.21 2.59 -1.26
CA THR B 104 6.77 1.24 -1.61
C THR B 104 7.88 0.22 -1.38
N ASN B 105 9.14 0.60 -1.58
CA ASN B 105 10.23 -0.36 -1.40
C ASN B 105 10.44 -0.70 0.07
N VAL B 106 10.33 0.28 0.96
CA VAL B 106 10.45 -0.04 2.38
C VAL B 106 9.18 -0.68 2.91
N LEU B 107 8.03 -0.41 2.29
CA LEU B 107 6.81 -1.12 2.69
C LEU B 107 6.87 -2.59 2.31
N LEU B 108 7.46 -2.90 1.14
CA LEU B 108 7.61 -4.29 0.77
C LEU B 108 8.71 -4.98 1.55
N GLN B 109 9.74 -4.24 1.97
CA GLN B 109 10.72 -4.83 2.88
C GLN B 109 10.11 -5.13 4.25
N ARG B 110 9.20 -4.28 4.73
CA ARG B 110 8.54 -4.58 6.00
C ARG B 110 7.56 -5.74 5.87
N TRP B 111 6.84 -5.83 4.75
CA TRP B 111 5.97 -6.98 4.51
C TRP B 111 6.75 -8.28 4.34
N ASP B 112 8.00 -8.19 3.86
CA ASP B 112 8.82 -9.40 3.78
C ASP B 112 9.46 -9.74 5.12
N GLN B 113 9.77 -8.73 5.96
CA GLN B 113 10.36 -9.00 7.25
C GLN B 113 9.36 -9.43 8.30
N SER B 114 8.08 -9.13 8.13
CA SER B 114 7.11 -9.52 9.15
C SER B 114 6.81 -11.01 9.12
N ARG B 115 7.22 -11.72 8.08
CA ARG B 115 6.99 -13.15 7.96
C ARG B 115 8.13 -13.99 8.50
N PHE B 116 8.93 -13.49 9.42
CA PHE B 116 10.06 -14.23 9.97
C PHE B 116 9.73 -14.71 11.39
N GLY B 117 9.77 -16.03 11.58
CA GLY B 117 9.57 -16.61 12.89
C GLY B 117 8.52 -17.70 12.97
N THR B 118 7.69 -17.88 11.94
CA THR B 118 6.57 -18.81 12.00
C THR B 118 6.96 -20.17 11.42
N ASP B 119 6.02 -21.12 11.57
CA ASP B 119 6.13 -22.39 10.88
C ASP B 119 5.56 -22.32 9.48
N SER B 120 4.67 -21.35 9.23
CA SER B 120 4.20 -21.02 7.90
C SER B 120 5.16 -20.11 7.13
N GLU B 121 6.33 -19.81 7.71
CA GLU B 121 7.37 -19.08 7.01
C GLU B 121 7.87 -19.84 5.79
N GLU B 122 7.93 -21.17 5.87
CA GLU B 122 8.49 -21.95 4.78
C GLU B 122 7.50 -22.22 3.66
N GLN B 123 6.19 -22.06 3.90
CA GLN B 123 5.28 -22.32 2.81
C GLN B 123 5.21 -21.12 1.88
N ARG B 124 4.82 -21.39 0.63
CA ARG B 124 5.04 -20.46 -0.46
C ARG B 124 3.94 -19.42 -0.55
N LEU B 125 4.35 -18.15 -0.68
CA LEU B 125 3.43 -17.02 -0.64
C LEU B 125 2.57 -16.94 -1.90
N ASP B 126 3.00 -17.61 -2.96
CA ASP B 126 2.20 -17.74 -4.18
C ASP B 126 0.86 -18.39 -3.91
N SER B 127 0.83 -19.36 -2.99
CA SER B 127 -0.40 -20.10 -2.72
C SER B 127 -1.27 -19.43 -1.67
N ILE B 128 -0.67 -18.66 -0.76
CA ILE B 128 -1.46 -17.90 0.21
C ILE B 128 -2.22 -16.77 -0.50
N ILE B 129 -1.50 -15.99 -1.32
CA ILE B 129 -2.05 -14.80 -1.95
C ILE B 129 -1.91 -14.96 -3.47
N HIS B 130 -3.02 -14.82 -4.17
CA HIS B 130 -3.05 -14.99 -5.62
C HIS B 130 -2.28 -13.85 -6.28
N PRO B 131 -1.42 -14.14 -7.28
CA PRO B 131 -0.59 -13.10 -7.90
C PRO B 131 -1.33 -11.93 -8.54
N THR B 132 -2.54 -12.12 -9.07
CA THR B 132 -3.28 -10.97 -9.56
C THR B 132 -3.71 -10.07 -8.39
N LYS B 133 -4.10 -10.70 -7.28
CA LYS B 133 -4.44 -9.98 -6.06
C LYS B 133 -3.20 -9.44 -5.36
N ALA B 134 -2.01 -9.90 -5.73
CA ALA B 134 -0.77 -9.39 -5.14
C ALA B 134 -0.05 -8.39 -6.05
N GLU B 135 -0.49 -8.22 -7.29
CA GLU B 135 -0.03 -7.13 -8.13
C GLU B 135 -0.97 -5.94 -8.10
N ALA B 136 -2.27 -6.21 -7.93
CA ALA B 136 -3.23 -5.13 -7.76
C ALA B 136 -2.89 -4.27 -6.56
N THR B 137 -2.47 -4.89 -5.45
CA THR B 137 -2.12 -4.10 -4.27
C THR B 137 -0.83 -3.31 -4.47
N ILE B 138 0.11 -3.82 -5.27
CA ILE B 138 1.33 -3.07 -5.58
C ILE B 138 0.98 -1.82 -6.39
N TRP B 139 0.13 -1.97 -7.42
CA TRP B 139 -0.19 -0.79 -8.22
C TRP B 139 -1.08 0.20 -7.47
N LEU B 140 -1.94 -0.26 -6.56
CA LEU B 140 -2.78 0.70 -5.85
C LEU B 140 -1.99 1.45 -4.79
N VAL B 141 -1.13 0.73 -4.04
CA VAL B 141 -0.22 1.38 -3.10
C VAL B 141 0.75 2.31 -3.82
N GLU B 142 1.14 1.97 -5.05
CA GLU B 142 2.05 2.84 -5.81
C GLU B 142 1.37 4.10 -6.30
N GLU B 143 0.11 4.01 -6.72
CA GLU B 143 -0.63 5.21 -7.09
C GLU B 143 -0.85 6.13 -5.89
N ILE B 144 -1.11 5.53 -4.72
CA ILE B 144 -1.22 6.32 -3.49
C ILE B 144 0.11 7.00 -3.16
N HIS B 145 1.23 6.28 -3.29
CA HIS B 145 2.53 6.84 -2.95
C HIS B 145 3.01 7.86 -3.97
N ARG B 146 2.50 7.83 -5.21
CA ARG B 146 2.91 8.84 -6.17
C ARG B 146 2.06 10.10 -6.11
N LEU B 147 0.75 9.97 -5.95
CA LEU B 147 -0.09 11.17 -6.03
C LEU B 147 -0.15 11.95 -4.72
N THR B 148 -0.33 11.27 -3.60
CA THR B 148 -0.68 11.96 -2.35
C THR B 148 0.41 12.66 -1.53
N PRO B 149 1.63 12.08 -1.25
CA PRO B 149 2.43 12.61 -0.13
C PRO B 149 3.12 13.94 -0.37
N SER B 150 3.93 14.35 0.60
CA SER B 150 4.71 15.57 0.57
C SER B 150 6.20 15.22 0.63
N HIS B 151 7.03 16.26 0.67
CA HIS B 151 8.48 16.06 0.72
C HIS B 151 9.08 16.33 2.11
N LEU B 152 8.35 17.00 3.00
CA LEU B 152 8.85 17.23 4.35
C LEU B 152 8.91 15.92 5.13
N HIS B 153 7.86 15.11 5.02
CA HIS B 153 7.83 13.75 5.57
C HIS B 153 8.99 12.91 5.05
N MET B 154 9.27 13.01 3.75
CA MET B 154 10.28 12.15 3.15
C MET B 154 11.69 12.60 3.53
N ALA B 155 11.92 13.90 3.64
CA ALA B 155 13.21 14.39 4.12
C ALA B 155 13.42 14.08 5.59
N LEU B 156 12.34 14.10 6.40
CA LEU B 156 12.46 13.68 7.79
C LEU B 156 12.74 12.18 7.89
N LEU B 157 12.25 11.39 6.93
CA LEU B 157 12.65 9.98 6.87
C LEU B 157 14.11 9.83 6.46
N TRP B 158 14.57 10.68 5.54
CA TRP B 158 15.91 10.51 4.99
C TRP B 158 17.00 10.98 5.94
N ARG B 159 16.68 11.90 6.86
CA ARG B 159 17.68 12.32 7.83
C ARG B 159 18.03 11.22 8.82
N SER B 160 17.10 10.28 9.05
CA SER B 160 17.29 9.23 10.03
C SER B 160 18.10 8.05 9.50
N ASP B 161 18.56 8.10 8.24
CA ASP B 161 19.40 7.05 7.69
C ASP B 161 20.34 7.56 6.62
N PRO B 162 21.64 7.29 6.72
CA PRO B 162 22.50 7.35 5.55
C PRO B 162 22.20 6.18 4.64
N MET B 163 22.62 6.31 3.38
CA MET B 163 22.45 5.31 2.32
C MET B 163 20.95 4.99 2.13
N TYR B 164 20.23 6.01 1.68
CA TYR B 164 18.82 5.88 1.36
C TYR B 164 18.59 5.59 -0.12
N HIS B 165 19.65 5.56 -0.92
CA HIS B 165 19.52 5.25 -2.34
C HIS B 165 19.43 3.75 -2.61
N SER B 166 19.38 2.92 -1.57
CA SER B 166 19.11 1.51 -1.78
C SER B 166 17.66 1.27 -2.19
N PHE B 167 16.77 2.21 -1.87
CA PHE B 167 15.37 2.08 -2.22
C PHE B 167 14.98 2.95 -3.39
N ILE B 168 15.88 3.79 -3.87
CA ILE B 168 15.68 4.55 -5.10
C ILE B 168 16.41 3.80 -6.21
N ASP B 169 15.75 3.64 -7.34
CA ASP B 169 16.13 2.68 -8.35
C ASP B 169 16.45 3.33 -9.69
N PRO B 170 17.40 2.77 -10.45
CA PRO B 170 17.91 3.46 -11.64
C PRO B 170 17.11 3.26 -12.92
N ILE B 171 15.85 2.81 -12.82
CA ILE B 171 15.07 2.56 -14.02
C ILE B 171 14.46 3.87 -14.50
N PHE B 172 14.71 4.21 -15.76
CA PHE B 172 14.16 5.43 -16.37
C PHE B 172 13.17 5.05 -17.45
N PRO B 173 11.87 5.28 -17.26
CA PRO B 173 10.87 4.72 -18.16
C PRO B 173 10.77 5.42 -19.51
N GLU B 174 11.46 6.53 -19.71
CA GLU B 174 11.40 7.22 -21.00
C GLU B 174 12.13 6.42 -22.06
N LYS B 175 11.57 6.41 -23.27
CA LYS B 175 12.15 5.81 -24.47
C LYS B 175 12.40 4.31 -24.33
N ASN C 55 -8.30 -41.28 5.12
CA ASN C 55 -7.23 -41.87 5.92
C ASN C 55 -7.42 -41.50 7.38
N SER C 56 -7.05 -42.41 8.28
CA SER C 56 -7.17 -42.18 9.72
C SER C 56 -5.91 -41.57 10.32
N LYS C 57 -4.76 -41.74 9.67
CA LYS C 57 -3.49 -41.32 10.24
C LYS C 57 -3.33 -39.81 10.19
N ARG C 58 -4.05 -39.12 9.30
CA ARG C 58 -4.12 -37.66 9.38
C ARG C 58 -5.03 -37.24 10.51
N LEU C 59 -6.16 -37.93 10.66
CA LEU C 59 -7.24 -37.48 11.53
C LEU C 59 -6.89 -37.64 13.00
N GLU C 60 -6.16 -38.70 13.37
CA GLU C 60 -5.75 -38.87 14.76
C GLU C 60 -4.84 -37.75 15.24
N SER C 61 -3.84 -37.41 14.43
CA SER C 61 -2.95 -36.29 14.73
C SER C 61 -3.69 -34.97 14.74
N ASP C 62 -4.68 -34.82 13.86
CA ASP C 62 -5.47 -33.58 13.82
C ASP C 62 -6.31 -33.42 15.09
N LEU C 63 -6.96 -34.51 15.54
CA LEU C 63 -7.73 -34.48 16.78
C LEU C 63 -6.87 -34.18 18.00
N GLU C 64 -5.67 -34.77 18.07
CA GLU C 64 -4.83 -34.50 19.23
C GLU C 64 -4.27 -33.09 19.21
N ALA C 65 -4.03 -32.53 18.02
CA ALA C 65 -3.65 -31.13 17.92
C ALA C 65 -4.79 -30.21 18.37
N MET C 66 -6.04 -30.58 18.04
CA MET C 66 -7.19 -29.78 18.49
C MET C 66 -7.32 -29.82 20.02
N GLY C 67 -7.08 -30.99 20.62
CA GLY C 67 -7.17 -31.08 22.07
C GLY C 67 -6.09 -30.28 22.79
N ASN C 68 -4.85 -30.31 22.25
CA ASN C 68 -3.79 -29.49 22.80
C ASN C 68 -4.10 -28.00 22.64
N LYS C 69 -4.75 -27.63 21.53
CA LYS C 69 -5.18 -26.25 21.31
C LYS C 69 -6.22 -25.81 22.33
N ILE C 70 -7.17 -26.70 22.66
CA ILE C 70 -8.20 -26.37 23.65
C ILE C 70 -7.59 -26.15 25.03
N LYS C 71 -6.62 -27.01 25.41
CA LYS C 71 -5.94 -26.82 26.69
C LYS C 71 -5.13 -25.52 26.71
N GLN C 72 -4.55 -25.14 25.56
CA GLN C 72 -3.86 -23.84 25.45
C GLN C 72 -4.82 -22.67 25.66
N HIS C 73 -6.02 -22.75 25.10
CA HIS C 73 -6.98 -21.65 25.26
C HIS C 73 -7.46 -21.53 26.70
N GLU C 74 -7.62 -22.66 27.40
CA GLU C 74 -8.01 -22.60 28.80
C GLU C 74 -6.91 -21.99 29.67
N ASP C 75 -5.64 -22.33 29.36
CA ASP C 75 -4.52 -21.71 30.06
C ASP C 75 -4.47 -20.21 29.81
N ASN C 76 -4.81 -19.77 28.59
CA ASN C 76 -4.78 -18.35 28.29
C ASN C 76 -5.89 -17.59 29.01
N LEU C 77 -7.08 -18.19 29.11
CA LEU C 77 -8.15 -17.61 29.93
C LEU C 77 -7.72 -17.47 31.39
N LYS C 78 -7.02 -18.47 31.93
CA LYS C 78 -6.55 -18.40 33.31
C LYS C 78 -5.56 -17.26 33.51
N PHE C 79 -4.61 -17.11 32.58
CA PHE C 79 -3.63 -16.03 32.65
C PHE C 79 -4.29 -14.65 32.58
N LEU C 80 -5.25 -14.49 31.67
CA LEU C 80 -5.90 -13.19 31.52
C LEU C 80 -6.78 -12.84 32.71
N LYS C 81 -7.44 -13.84 33.32
CA LYS C 81 -8.22 -13.55 34.51
C LYS C 81 -7.35 -13.23 35.72
N SER C 82 -6.16 -13.83 35.80
CA SER C 82 -5.20 -13.43 36.84
C SER C 82 -4.76 -11.98 36.65
N GLN C 83 -4.48 -11.58 35.42
CA GLN C 83 -4.09 -10.18 35.15
C GLN C 83 -5.23 -9.21 35.47
N LYS C 84 -6.47 -9.62 35.18
CA LYS C 84 -7.62 -8.77 35.48
C LYS C 84 -7.82 -8.59 36.99
N ASN C 85 -7.65 -9.67 37.76
CA ASN C 85 -7.76 -9.55 39.22
C ASN C 85 -6.66 -8.68 39.79
N LYS C 86 -5.45 -8.76 39.21
CA LYS C 86 -4.35 -7.90 39.67
C LYS C 86 -4.64 -6.43 39.40
N MET C 87 -5.16 -6.11 38.22
CA MET C 87 -5.47 -4.72 37.90
C MET C 87 -6.65 -4.20 38.73
N ASP C 88 -7.61 -5.07 39.08
CA ASP C 88 -8.72 -4.62 39.91
C ASP C 88 -8.28 -4.40 41.35
N GLU C 89 -7.34 -5.21 41.85
CA GLU C 89 -6.75 -4.95 43.15
C GLU C 89 -5.98 -3.63 43.15
N ALA C 90 -5.31 -3.33 42.03
CA ALA C 90 -4.61 -2.05 41.91
C ALA C 90 -5.58 -0.86 41.94
N ILE C 91 -6.74 -0.98 41.26
CA ILE C 91 -7.65 0.15 41.29
C ILE C 91 -8.38 0.27 42.63
N VAL C 92 -8.53 -0.84 43.38
CA VAL C 92 -9.08 -0.72 44.74
C VAL C 92 -8.09 -0.01 45.66
N ASP C 93 -6.79 -0.34 45.52
CA ASP C 93 -5.76 0.36 46.28
C ASP C 93 -5.71 1.86 45.93
N LEU C 94 -5.85 2.18 44.64
CA LEU C 94 -5.86 3.60 44.25
C LEU C 94 -7.14 4.29 44.72
N GLN C 95 -8.26 3.56 44.80
CA GLN C 95 -9.49 4.14 45.31
C GLN C 95 -9.39 4.50 46.78
N VAL C 96 -8.80 3.60 47.59
CA VAL C 96 -8.68 3.93 49.01
C VAL C 96 -7.60 4.98 49.24
N HIS C 97 -6.58 5.05 48.37
CA HIS C 97 -5.61 6.14 48.43
C HIS C 97 -6.27 7.48 48.08
N MET C 98 -7.14 7.49 47.08
CA MET C 98 -7.82 8.71 46.65
C MET C 98 -8.81 9.19 47.71
N SER C 99 -9.49 8.25 48.37
CA SER C 99 -10.36 8.62 49.49
C SER C 99 -9.55 9.06 50.70
N LYS C 100 -8.34 8.53 50.87
CA LYS C 100 -7.48 8.96 51.96
C LYS C 100 -6.94 10.37 51.74
N LEU C 101 -6.75 10.76 50.47
CA LEU C 101 -6.31 12.12 50.18
C LEU C 101 -7.40 13.14 50.47
N ASN C 102 -8.67 12.76 50.36
CA ASN C 102 -9.77 13.65 50.73
C ASN C 102 -9.88 13.76 52.24
N ASP C 120 -19.93 34.48 37.34
CA ASP C 120 -19.55 33.07 37.35
C ASP C 120 -20.10 32.41 36.08
N ILE C 121 -19.56 31.24 35.74
CA ILE C 121 -19.91 30.59 34.48
C ILE C 121 -21.30 29.96 34.57
N ASN C 122 -21.60 29.29 35.70
CA ASN C 122 -22.92 28.69 35.90
C ASN C 122 -24.02 29.74 35.95
N ALA C 123 -23.71 30.94 36.45
CA ALA C 123 -24.67 32.04 36.38
C ALA C 123 -24.94 32.46 34.93
N GLN C 124 -23.89 32.50 34.11
CA GLN C 124 -24.05 32.80 32.69
C GLN C 124 -24.85 31.73 31.96
N ILE C 125 -24.77 30.48 32.44
CA ILE C 125 -25.68 29.45 31.95
C ILE C 125 -27.11 29.74 32.39
N LEU C 126 -27.27 30.22 33.63
CA LEU C 126 -28.60 30.53 34.17
C LEU C 126 -29.26 31.74 33.51
N ARG C 127 -28.49 32.60 32.84
CA ARG C 127 -29.10 33.68 32.05
C ARG C 127 -29.95 33.15 30.89
N HIS C 128 -29.63 31.97 30.37
CA HIS C 128 -30.32 31.42 29.20
C HIS C 128 -31.34 30.38 29.67
N GLU C 129 -32.59 30.82 29.82
CA GLU C 129 -33.64 29.93 30.30
C GLU C 129 -34.19 29.02 29.21
N ASN C 130 -34.00 29.37 27.94
CA ASN C 130 -34.63 28.59 26.86
C ASN C 130 -33.80 27.39 26.43
N SER C 131 -32.47 27.48 26.51
CA SER C 131 -31.62 26.39 26.07
C SER C 131 -31.59 25.25 27.09
N ALA C 132 -31.25 24.06 26.60
CA ALA C 132 -31.23 22.87 27.44
C ALA C 132 -30.05 22.86 28.42
N ALA C 133 -29.02 23.66 28.16
CA ALA C 133 -27.87 23.70 29.06
C ALA C 133 -28.21 24.34 30.40
N GLY C 134 -29.17 25.28 30.41
CA GLY C 134 -29.63 25.82 31.67
C GLY C 134 -30.41 24.82 32.49
N VAL C 135 -31.23 23.99 31.82
CA VAL C 135 -31.95 22.90 32.48
C VAL C 135 -30.97 21.91 33.07
N LEU C 136 -29.95 21.53 32.30
CA LEU C 136 -28.95 20.59 32.78
C LEU C 136 -28.10 21.22 33.89
N SER C 137 -27.95 22.55 33.89
CA SER C 137 -27.26 23.22 34.98
C SER C 137 -28.10 23.22 36.26
N LEU C 138 -29.42 23.40 36.14
CA LEU C 138 -30.33 23.22 37.27
C LEU C 138 -30.21 21.83 37.87
N VAL C 139 -30.14 20.80 37.02
CA VAL C 139 -30.06 19.44 37.55
C VAL C 139 -28.67 19.15 38.09
N GLU C 140 -27.62 19.80 37.55
CA GLU C 140 -26.28 19.65 38.11
C GLU C 140 -26.16 20.28 39.49
N THR C 141 -26.73 21.48 39.67
CA THR C 141 -26.61 22.15 40.98
C THR C 141 -27.51 21.48 42.01
N LEU C 142 -28.70 21.05 41.63
CA LEU C 142 -29.65 20.46 42.57
C LEU C 142 -30.57 19.44 41.91
N LEU C 150 -31.26 10.81 36.41
CA LEU C 150 -31.21 9.36 36.34
C LEU C 150 -29.99 8.89 35.56
N MET C 151 -30.20 8.50 34.30
CA MET C 151 -29.12 8.13 33.41
C MET C 151 -28.66 9.28 32.52
N LEU C 152 -29.47 10.33 32.41
CA LEU C 152 -29.13 11.45 31.53
C LEU C 152 -27.99 12.28 32.11
N THR C 153 -27.91 12.36 33.44
CA THR C 153 -26.77 13.00 34.06
C THR C 153 -25.58 12.06 34.16
N LYS C 154 -25.77 10.78 33.87
CA LYS C 154 -24.66 9.83 33.89
C LYS C 154 -23.99 9.75 32.52
N GLY C 155 -24.77 9.81 31.44
CA GLY C 155 -24.19 9.72 30.12
C GLY C 155 -23.47 10.97 29.68
N VAL C 156 -24.06 12.14 29.97
CA VAL C 156 -23.52 13.41 29.49
C VAL C 156 -22.25 13.77 30.24
N VAL C 157 -21.19 14.09 29.49
CA VAL C 157 -19.92 14.49 30.11
C VAL C 157 -20.04 15.89 30.69
N GLY C 158 -20.51 16.85 29.91
CA GLY C 158 -20.66 18.20 30.39
C GLY C 158 -20.75 19.21 29.27
N VAL C 159 -21.35 20.36 29.59
CA VAL C 159 -21.53 21.44 28.63
C VAL C 159 -20.17 22.03 28.24
N VAL C 160 -20.08 22.54 27.00
CA VAL C 160 -18.81 22.92 26.38
C VAL C 160 -18.12 24.05 27.15
N ALA C 161 -18.89 25.01 27.64
CA ALA C 161 -18.29 26.11 28.40
C ALA C 161 -17.83 25.69 29.78
N LYS C 162 -18.25 24.52 30.25
CA LYS C 162 -17.81 23.99 31.54
C LYS C 162 -16.58 23.10 31.44
N LEU C 163 -16.21 22.69 30.23
CA LEU C 163 -15.15 21.70 30.08
C LEU C 163 -13.76 22.31 29.95
N GLY C 164 -13.67 23.54 29.43
CA GLY C 164 -12.39 24.17 29.18
C GLY C 164 -12.26 25.52 29.88
N LYS C 165 -11.03 26.02 29.91
CA LYS C 165 -10.69 27.26 30.59
C LYS C 165 -9.66 28.03 29.78
N VAL C 166 -9.83 29.35 29.66
CA VAL C 166 -8.93 30.23 28.92
C VAL C 166 -8.41 31.32 29.85
N ASN C 167 -7.09 31.54 29.86
CA ASN C 167 -6.47 32.46 30.79
C ASN C 167 -6.68 33.92 30.42
N ASP C 168 -7.24 34.21 29.25
CA ASP C 168 -7.49 35.57 28.80
C ASP C 168 -8.98 35.85 28.74
N GLU C 169 -9.40 37.04 29.19
CA GLU C 169 -10.78 37.46 28.98
C GLU C 169 -11.03 37.77 27.51
N ASN C 170 -10.07 38.42 26.86
CA ASN C 170 -10.24 38.86 25.48
C ASN C 170 -10.34 37.67 24.54
N LEU C 171 -9.39 36.73 24.62
CA LEU C 171 -9.37 35.61 23.70
C LEU C 171 -10.54 34.67 23.95
N SER C 172 -10.98 34.53 25.20
CA SER C 172 -12.16 33.74 25.50
C SER C 172 -13.41 34.38 24.92
N GLN C 173 -13.52 35.71 25.01
CA GLN C 173 -14.65 36.40 24.41
C GLN C 173 -14.66 36.27 22.90
N ILE C 174 -13.47 36.31 22.28
CA ILE C 174 -13.39 36.21 20.83
C ILE C 174 -13.74 34.80 20.35
N LEU C 175 -13.25 33.76 21.05
CA LEU C 175 -13.61 32.40 20.66
C LEU C 175 -15.06 32.06 20.96
N SER C 176 -15.64 32.64 22.02
CA SER C 176 -17.05 32.40 22.30
C SER C 176 -17.95 33.17 21.34
N ASN C 177 -17.47 34.31 20.82
CA ASN C 177 -18.15 34.95 19.70
C ASN C 177 -18.00 34.15 18.43
N TYR C 178 -16.88 33.44 18.29
CA TYR C 178 -16.65 32.63 17.10
C TYR C 178 -17.59 31.43 17.03
N LEU C 179 -17.55 30.56 18.05
CA LEU C 179 -18.24 29.27 17.97
C LEU C 179 -19.76 29.38 18.00
N GLY C 180 -20.31 30.53 18.36
CA GLY C 180 -21.75 30.66 18.45
C GLY C 180 -22.30 30.10 19.75
N THR C 181 -23.45 30.62 20.18
CA THR C 181 -24.01 30.17 21.45
C THR C 181 -24.60 28.77 21.38
N ARG C 182 -24.97 28.30 20.18
CA ARG C 182 -25.52 26.96 20.05
C ARG C 182 -24.47 25.90 20.31
N SER C 183 -23.27 26.10 19.77
CA SER C 183 -22.19 25.15 20.00
C SER C 183 -21.42 25.43 21.28
N MET C 184 -21.65 26.58 21.93
CA MET C 184 -21.06 26.82 23.24
C MET C 184 -21.96 26.33 24.36
N LEU C 185 -23.27 26.23 24.10
CA LEU C 185 -24.21 25.63 25.04
C LEU C 185 -24.55 24.19 24.66
N ALA C 186 -23.59 23.45 24.10
CA ALA C 186 -23.88 22.13 23.59
C ALA C 186 -23.68 21.07 24.65
N VAL C 187 -24.50 20.03 24.60
CA VAL C 187 -24.36 18.87 25.47
C VAL C 187 -23.44 17.87 24.79
N VAL C 188 -22.70 17.13 25.60
CA VAL C 188 -21.59 16.30 25.14
C VAL C 188 -21.80 14.91 25.71
N CYS C 189 -21.88 13.91 24.83
CA CYS C 189 -22.24 12.55 25.24
C CYS C 189 -21.07 11.61 25.08
N ARG C 190 -21.26 10.37 25.56
CA ARG C 190 -20.27 9.32 25.41
C ARG C 190 -20.51 8.52 24.14
N ASN C 191 -21.73 8.05 23.96
CA ASN C 191 -22.11 7.18 22.85
C ASN C 191 -23.31 7.79 22.13
N TYR C 192 -23.73 7.14 21.06
CA TYR C 192 -24.98 7.53 20.40
C TYR C 192 -26.20 7.10 21.22
N GLU C 193 -26.03 6.15 22.14
CA GLU C 193 -27.15 5.68 22.95
C GLU C 193 -27.65 6.77 23.91
N SER C 194 -26.73 7.56 24.47
CA SER C 194 -27.14 8.71 25.28
C SER C 194 -27.84 9.76 24.44
N VAL C 195 -27.45 9.89 23.17
CA VAL C 195 -28.07 10.88 22.31
C VAL C 195 -29.47 10.43 21.89
N THR C 196 -29.69 9.11 21.80
CA THR C 196 -31.05 8.61 21.67
C THR C 196 -31.82 8.78 22.97
N ALA C 197 -31.13 8.76 24.10
CA ALA C 197 -31.78 8.98 25.39
C ALA C 197 -32.17 10.44 25.62
N LEU C 198 -31.56 11.38 24.87
CA LEU C 198 -31.92 12.78 25.07
C LEU C 198 -33.27 13.15 24.43
N GLU C 199 -33.55 12.66 23.23
CA GLU C 199 -34.79 12.99 22.54
C GLU C 199 -35.70 11.77 22.39
N ALA C 200 -36.90 12.05 21.89
CA ALA C 200 -37.84 11.02 21.47
C ALA C 200 -38.68 11.57 20.33
N TYR C 201 -39.03 10.70 19.40
CA TYR C 201 -39.84 11.06 18.23
C TYR C 201 -40.88 9.98 18.03
N ASP C 202 -42.15 10.39 18.01
CA ASP C 202 -43.22 9.42 17.82
C ASP C 202 -43.40 9.10 16.34
N ASN C 203 -44.38 8.25 16.03
CA ASN C 203 -44.56 7.76 14.67
C ASN C 203 -45.11 8.84 13.74
N HIS C 204 -45.82 9.83 14.29
CA HIS C 204 -46.27 10.96 13.48
C HIS C 204 -45.14 11.90 13.09
N GLY C 205 -43.99 11.82 13.78
CA GLY C 205 -42.88 12.69 13.51
C GLY C 205 -42.85 13.95 14.33
N ASN C 206 -43.84 14.17 15.19
CA ASN C 206 -43.90 15.36 16.03
C ASN C 206 -43.36 15.05 17.43
N ILE C 207 -42.78 16.07 18.05
CA ILE C 207 -42.09 15.92 19.32
C ILE C 207 -43.10 16.06 20.46
N ASP C 208 -43.11 15.09 21.37
CA ASP C 208 -43.85 15.20 22.61
C ASP C 208 -42.89 15.29 23.79
N ILE C 209 -43.46 15.59 24.96
CA ILE C 209 -42.65 15.77 26.18
C ILE C 209 -42.35 14.44 26.85
N ASN C 210 -42.72 13.31 26.24
CA ASN C 210 -42.37 11.99 26.75
C ASN C 210 -40.89 11.64 26.57
N ALA C 211 -40.13 12.51 25.88
CA ALA C 211 -38.67 12.40 25.89
C ALA C 211 -38.15 12.62 27.31
N GLY C 212 -37.03 11.96 27.62
CA GLY C 212 -36.50 12.02 28.97
C GLY C 212 -35.97 13.39 29.34
N LEU C 213 -35.27 14.05 28.42
CA LEU C 213 -34.73 15.36 28.72
C LEU C 213 -35.84 16.42 28.70
N HIS C 214 -36.86 16.23 27.87
CA HIS C 214 -37.96 17.19 27.82
C HIS C 214 -38.84 17.10 29.06
N CYS C 215 -39.17 15.88 29.51
CA CYS C 215 -39.93 15.75 30.75
C CYS C 215 -39.08 16.13 31.96
N LEU C 216 -37.77 15.90 31.84
CA LEU C 216 -36.81 16.29 32.90
C LEU C 216 -36.86 17.81 33.02
N GLY C 217 -36.98 18.51 31.87
CA GLY C 217 -37.01 19.95 31.89
C GLY C 217 -38.35 20.53 32.30
N SER C 218 -39.44 19.84 31.96
CA SER C 218 -40.77 20.37 32.22
C SER C 218 -41.26 20.08 33.63
N SER C 219 -40.84 18.97 34.24
CA SER C 219 -41.34 18.62 35.57
C SER C 219 -40.58 19.33 36.68
N ILE C 220 -39.51 20.06 36.37
CA ILE C 220 -38.79 20.85 37.35
C ILE C 220 -38.86 22.33 37.06
N GLY C 221 -38.67 22.72 35.80
CA GLY C 221 -38.69 24.13 35.42
C GLY C 221 -39.43 24.36 34.13
N ARG C 222 -38.91 25.27 33.31
CA ARG C 222 -39.58 25.62 32.07
C ARG C 222 -39.25 24.62 30.97
N GLU C 223 -40.10 24.58 29.94
CA GLU C 223 -39.82 23.76 28.79
C GLU C 223 -38.76 24.41 27.90
N ILE C 224 -38.29 23.66 26.92
CA ILE C 224 -37.14 24.04 26.12
C ILE C 224 -37.60 24.41 24.72
N GLY C 225 -37.36 25.66 24.33
CA GLY C 225 -37.82 26.16 23.05
C GLY C 225 -36.72 26.35 22.02
N ASP C 226 -35.55 26.80 22.45
CA ASP C 226 -34.42 26.94 21.54
C ASP C 226 -33.80 25.58 21.27
N SER C 227 -33.35 25.39 20.03
CA SER C 227 -32.75 24.13 19.63
C SER C 227 -31.39 23.96 20.28
N PHE C 228 -30.99 22.71 20.46
CA PHE C 228 -29.69 22.38 21.00
C PHE C 228 -29.08 21.26 20.17
N ASP C 229 -27.76 21.16 20.22
CA ASP C 229 -27.03 20.12 19.53
C ASP C 229 -26.33 19.22 20.53
N ALA C 230 -26.31 17.92 20.23
CA ALA C 230 -25.60 16.95 21.05
C ALA C 230 -24.47 16.38 20.22
N ILE C 231 -23.25 16.53 20.71
CA ILE C 231 -22.09 16.00 20.01
C ILE C 231 -21.79 14.64 20.63
N CYS C 232 -21.14 13.78 19.86
CA CYS C 232 -20.91 12.40 20.25
C CYS C 232 -19.44 12.09 20.19
N LEU C 233 -18.86 11.69 21.34
CA LEU C 233 -17.42 11.48 21.43
C LEU C 233 -16.91 10.27 20.65
N GLU C 234 -17.80 9.40 20.17
CA GLU C 234 -17.33 8.29 19.36
C GLU C 234 -17.40 8.59 17.88
N ASN C 235 -18.35 9.42 17.45
CA ASN C 235 -18.46 9.78 16.04
C ASN C 235 -17.58 10.97 15.65
N LEU C 236 -16.90 11.60 16.60
CA LEU C 236 -15.99 12.70 16.26
C LEU C 236 -14.71 12.15 15.66
N ARG C 237 -14.44 12.52 14.41
CA ARG C 237 -13.22 12.09 13.74
C ARG C 237 -12.04 12.87 14.29
N PRO C 238 -11.11 12.20 14.99
CA PRO C 238 -9.98 12.85 15.67
C PRO C 238 -8.87 13.35 14.75
N TYR C 239 -8.12 14.34 15.23
CA TYR C 239 -6.94 14.86 14.50
C TYR C 239 -5.88 13.75 14.58
N VAL C 240 -5.06 13.57 13.53
CA VAL C 240 -4.05 12.48 13.55
C VAL C 240 -2.68 13.09 13.26
N GLY C 241 -2.13 13.79 14.25
CA GLY C 241 -0.80 14.43 14.16
C GLY C 241 -0.03 14.20 15.43
N GLN C 242 1.30 14.15 15.37
CA GLN C 242 2.10 13.89 16.59
C GLN C 242 1.83 15.02 17.60
N HIS C 243 1.64 14.66 18.87
CA HIS C 243 1.40 15.66 19.95
C HIS C 243 2.74 16.28 20.33
N ILE C 244 2.77 17.59 20.63
CA ILE C 244 4.07 18.24 20.96
C ILE C 244 4.72 17.32 22.00
N ALA C 245 5.99 16.99 21.80
CA ALA C 245 6.63 15.98 22.67
C ALA C 245 6.57 16.38 24.14
N ASP C 246 6.09 15.45 24.98
CA ASP C 246 6.07 15.62 26.43
C ASP C 246 5.77 17.07 26.83
N ASP C 247 4.70 17.61 26.29
CA ASP C 247 4.07 18.80 26.84
C ASP C 247 2.90 18.33 27.68
N LEU C 248 2.82 18.81 28.92
CA LEU C 248 1.78 18.29 29.86
C LEU C 248 0.38 18.53 29.31
N GLN C 249 0.18 19.66 28.63
CA GLN C 249 -1.16 20.04 28.22
C GLN C 249 -1.60 19.28 26.96
N ARG C 250 -0.70 18.46 26.41
CA ARG C 250 -0.88 17.72 25.16
C ARG C 250 -1.30 18.62 24.00
N ARG C 251 -0.40 19.53 23.65
CA ARG C 251 -0.64 20.42 22.54
C ARG C 251 -0.54 19.66 21.23
N LEU C 252 -1.05 20.26 20.16
CA LEU C 252 -1.03 19.62 18.86
C LEU C 252 0.21 20.02 18.08
N ASP C 253 0.71 19.09 17.27
CA ASP C 253 1.91 19.32 16.45
C ASP C 253 1.47 19.83 15.09
N LEU C 254 0.84 20.99 15.09
CA LEU C 254 0.35 21.65 13.89
C LEU C 254 1.48 22.37 13.19
N LEU C 255 1.49 22.32 11.86
CA LEU C 255 2.47 23.09 11.10
C LEU C 255 2.02 24.53 10.95
N LYS C 256 2.95 25.46 11.12
CA LYS C 256 2.69 26.88 11.03
C LYS C 256 2.62 27.31 9.57
N PRO C 257 1.89 28.39 9.25
CA PRO C 257 1.81 28.83 7.85
C PRO C 257 3.10 29.49 7.40
N LYS C 258 3.35 29.39 6.10
CA LYS C 258 4.54 29.95 5.49
C LYS C 258 4.15 30.80 4.30
N LEU C 259 4.66 32.02 4.24
CA LEU C 259 4.54 32.86 3.07
C LEU C 259 5.38 32.28 1.94
N PRO C 260 5.11 32.66 0.67
CA PRO C 260 5.95 32.16 -0.44
C PRO C 260 7.39 32.68 -0.45
N ASN C 261 7.82 33.52 0.49
CA ASN C 261 9.24 33.78 0.66
C ASN C 261 9.89 32.88 1.71
N GLY C 262 9.12 31.98 2.32
CA GLY C 262 9.65 31.05 3.30
C GLY C 262 9.67 31.55 4.72
N GLU C 263 9.00 32.66 5.01
CA GLU C 263 9.10 33.32 6.31
C GLU C 263 7.73 33.38 6.97
N CYS C 264 7.72 33.28 8.30
CA CYS C 264 6.50 33.26 9.11
C CYS C 264 5.74 34.57 8.98
N PRO C 265 4.41 34.54 9.01
CA PRO C 265 3.62 35.78 9.06
C PRO C 265 3.89 36.55 10.33
N PRO C 266 3.82 37.89 10.27
CA PRO C 266 4.28 38.70 11.42
C PRO C 266 3.34 38.68 12.61
N GLY C 267 2.03 38.67 12.39
CA GLY C 267 1.10 38.70 13.49
C GLY C 267 0.71 37.36 14.06
N PHE C 268 1.36 36.28 13.63
CA PHE C 268 0.92 34.95 14.02
C PHE C 268 1.45 34.59 15.40
N LEU C 269 0.53 34.29 16.32
CA LEU C 269 0.89 33.94 17.68
C LEU C 269 0.35 32.59 18.13
N GLY C 270 -0.29 31.83 17.25
CA GLY C 270 -0.67 30.46 17.56
C GLY C 270 -2.03 30.10 16.98
N PHE C 271 -2.24 28.78 16.91
CA PHE C 271 -3.55 28.23 16.60
C PHE C 271 -4.44 28.29 17.83
N ALA C 272 -5.75 28.41 17.61
CA ALA C 272 -6.67 28.58 18.71
C ALA C 272 -6.96 27.29 19.47
N VAL C 273 -6.59 26.15 18.91
CA VAL C 273 -6.89 24.88 19.56
C VAL C 273 -5.85 24.52 20.62
N ASN C 274 -4.63 25.03 20.51
CA ASN C 274 -3.63 24.81 21.55
C ASN C 274 -3.75 25.79 22.71
N MET C 275 -4.51 26.88 22.55
CA MET C 275 -4.49 27.92 23.55
C MET C 275 -5.53 27.75 24.64
N ILE C 276 -6.43 26.78 24.52
CA ILE C 276 -7.33 26.45 25.61
C ILE C 276 -6.59 25.64 26.67
N GLN C 277 -6.70 26.05 27.93
CA GLN C 277 -6.26 25.21 29.04
C GLN C 277 -7.38 24.22 29.34
N ILE C 278 -7.09 22.93 29.21
CA ILE C 278 -8.07 21.87 29.42
C ILE C 278 -7.73 21.17 30.72
N ASP C 279 -8.78 20.69 31.40
CA ASP C 279 -8.65 20.17 32.76
C ASP C 279 -7.89 18.85 32.75
N PRO C 280 -7.06 18.59 33.77
CA PRO C 280 -6.15 17.44 33.69
C PRO C 280 -6.82 16.10 33.91
N ALA C 281 -8.07 16.06 34.40
CA ALA C 281 -8.76 14.78 34.52
C ALA C 281 -9.14 14.21 33.16
N TYR C 282 -9.38 15.07 32.18
CA TYR C 282 -9.90 14.68 30.88
C TYR C 282 -8.84 14.68 29.79
N LEU C 283 -7.55 14.76 30.14
CA LEU C 283 -6.51 14.86 29.13
C LEU C 283 -6.31 13.57 28.35
N LEU C 284 -6.62 12.42 28.95
CA LEU C 284 -6.13 11.17 28.39
C LEU C 284 -7.08 10.05 28.77
N CYS C 285 -7.39 9.22 27.78
CA CYS C 285 -8.31 8.07 27.88
C CYS C 285 -9.72 8.49 28.34
N VAL C 286 -10.33 9.38 27.57
CA VAL C 286 -11.75 9.67 27.74
C VAL C 286 -12.59 8.73 26.90
N THR C 287 -12.37 8.75 25.59
CA THR C 287 -13.08 7.91 24.64
C THR C 287 -12.54 6.48 24.76
N SER C 288 -13.31 5.51 24.24
CA SER C 288 -12.96 4.09 24.30
C SER C 288 -11.68 3.76 23.54
N TYR C 289 -11.23 4.62 22.63
CA TYR C 289 -9.94 4.42 21.99
C TYR C 289 -8.78 4.90 22.84
N GLY C 290 -9.00 5.83 23.75
CA GLY C 290 -7.96 6.42 24.54
C GLY C 290 -7.57 7.83 24.17
N TYR C 291 -8.50 8.63 23.69
CA TYR C 291 -8.23 9.99 23.23
C TYR C 291 -8.65 11.00 24.28
N GLY C 292 -8.08 12.19 24.19
CA GLY C 292 -8.41 13.27 25.09
C GLY C 292 -9.57 14.08 24.59
N LEU C 293 -9.73 15.28 25.16
CA LEU C 293 -10.73 16.21 24.65
C LEU C 293 -10.18 17.19 23.65
N ARG C 294 -8.86 17.30 23.50
CA ARG C 294 -8.32 18.22 22.53
C ARG C 294 -8.24 17.58 21.15
N GLU C 295 -7.98 16.28 21.10
CA GLU C 295 -7.89 15.57 19.83
C GLU C 295 -9.27 15.29 19.23
N THR C 296 -10.30 15.27 20.07
CA THR C 296 -11.65 14.96 19.62
C THR C 296 -12.60 16.13 19.73
N LEU C 297 -12.76 16.71 20.93
CA LEU C 297 -13.81 17.71 21.09
C LEU C 297 -13.38 19.06 20.53
N PHE C 298 -12.24 19.57 20.98
CA PHE C 298 -11.87 20.94 20.64
C PHE C 298 -11.18 21.07 19.29
N TYR C 299 -10.80 19.95 18.66
CA TYR C 299 -10.39 20.03 17.26
C TYR C 299 -11.59 20.17 16.35
N ASN C 300 -12.64 19.38 16.59
CA ASN C 300 -13.78 19.39 15.69
C ASN C 300 -14.72 20.57 15.90
N LEU C 301 -14.59 21.29 17.02
CA LEU C 301 -15.31 22.55 17.13
C LEU C 301 -14.71 23.60 16.21
N PHE C 302 -13.43 23.89 16.38
CA PHE C 302 -12.69 24.77 15.49
C PHE C 302 -11.36 24.13 15.14
N SER C 303 -11.09 24.00 13.85
CA SER C 303 -10.04 23.12 13.35
C SER C 303 -8.97 23.93 12.65
N ARG C 304 -7.79 24.01 13.30
CA ARG C 304 -6.55 24.52 12.72
C ARG C 304 -6.68 25.99 12.31
N LEU C 305 -7.57 26.71 12.99
CA LEU C 305 -7.76 28.15 12.70
C LEU C 305 -6.55 28.92 13.24
N GLN C 306 -6.25 30.08 12.66
CA GLN C 306 -5.08 30.85 13.04
C GLN C 306 -5.49 32.13 13.74
N VAL C 307 -4.88 32.38 14.89
CA VAL C 307 -5.11 33.58 15.67
C VAL C 307 -4.00 34.58 15.34
N TYR C 308 -4.40 35.76 14.88
CA TYR C 308 -3.48 36.85 14.59
C TYR C 308 -3.77 38.00 15.55
N LYS C 309 -2.79 38.90 15.68
CA LYS C 309 -2.85 39.92 16.71
C LYS C 309 -3.84 41.03 16.35
N THR C 310 -3.73 41.60 15.15
CA THR C 310 -4.61 42.66 14.72
C THR C 310 -5.29 42.27 13.42
N ARG C 311 -6.22 43.12 12.97
CA ARG C 311 -7.01 42.82 11.78
C ARG C 311 -6.16 42.91 10.52
N ALA C 312 -5.26 43.88 10.44
CA ALA C 312 -4.45 44.08 9.23
C ALA C 312 -3.45 42.94 9.03
N ASP C 313 -2.94 42.36 10.12
CA ASP C 313 -2.07 41.20 10.00
C ASP C 313 -2.84 39.98 9.52
N MET C 314 -4.14 39.93 9.78
CA MET C 314 -4.97 38.84 9.29
C MET C 314 -5.32 39.04 7.82
N ILE C 315 -5.62 40.29 7.44
CA ILE C 315 -6.04 40.58 6.07
C ILE C 315 -4.86 40.49 5.11
N SER C 316 -3.70 41.00 5.49
CA SER C 316 -2.54 41.00 4.61
C SER C 316 -2.00 39.59 4.39
N ALA C 317 -2.17 38.70 5.36
CA ALA C 317 -1.75 37.31 5.25
C ALA C 317 -2.89 36.39 4.83
N LEU C 318 -3.79 36.89 3.99
CA LEU C 318 -4.89 36.08 3.48
C LEU C 318 -4.50 34.86 2.64
N PRO C 319 -3.52 34.88 1.71
CA PRO C 319 -3.26 33.65 0.94
C PRO C 319 -2.54 32.55 1.69
N CYS C 320 -1.97 32.81 2.87
CA CYS C 320 -1.24 31.76 3.55
C CYS C 320 -2.08 31.01 4.57
N ILE C 321 -3.28 31.48 4.90
CA ILE C 321 -4.07 30.81 5.91
C ILE C 321 -4.72 29.56 5.33
N SER C 322 -5.01 28.60 6.21
CA SER C 322 -5.92 27.50 5.92
C SER C 322 -7.34 27.98 6.22
N ASP C 323 -8.29 27.06 6.32
CA ASP C 323 -9.67 27.43 6.60
C ASP C 323 -9.78 27.91 8.04
N GLY C 324 -9.84 29.23 8.24
CA GLY C 324 -10.06 29.79 9.57
C GLY C 324 -9.06 30.86 9.93
N ALA C 325 -9.56 31.99 10.42
CA ALA C 325 -8.73 33.10 10.86
C ALA C 325 -9.48 33.93 11.88
N VAL C 326 -8.77 34.38 12.90
CA VAL C 326 -9.34 35.11 14.04
C VAL C 326 -8.41 36.26 14.39
N SER C 327 -8.98 37.44 14.65
CA SER C 327 -8.22 38.62 15.01
C SER C 327 -8.70 39.15 16.36
N LEU C 328 -7.75 39.57 17.20
CA LEU C 328 -8.11 40.11 18.51
C LEU C 328 -8.72 41.50 18.41
N ASP C 329 -8.43 42.22 17.33
CA ASP C 329 -9.04 43.53 17.13
C ASP C 329 -10.53 43.40 16.83
N GLY C 330 -10.91 42.33 16.14
CA GLY C 330 -12.28 42.14 15.71
C GLY C 330 -12.31 41.83 14.23
N GLY C 331 -12.86 40.67 13.88
CA GLY C 331 -12.84 40.21 12.52
C GLY C 331 -12.48 38.74 12.44
N ILE C 332 -13.38 37.95 11.86
CA ILE C 332 -13.18 36.52 11.72
C ILE C 332 -13.38 36.16 10.26
N ILE C 333 -12.43 35.44 9.69
CA ILE C 333 -12.52 34.92 8.33
C ILE C 333 -12.89 33.45 8.47
N ARG C 334 -14.20 33.17 8.40
CA ARG C 334 -14.77 31.83 8.60
C ARG C 334 -14.22 30.82 7.61
N LYS C 335 -14.57 31.01 6.34
CA LYS C 335 -14.04 30.26 5.21
C LYS C 335 -13.18 31.23 4.42
N THR C 336 -12.44 30.73 3.43
CA THR C 336 -11.40 31.53 2.78
C THR C 336 -11.96 32.69 1.96
N GLY C 337 -13.26 32.71 1.68
CA GLY C 337 -13.83 33.84 0.98
C GLY C 337 -14.84 34.65 1.76
N ILE C 338 -15.10 34.26 3.01
CA ILE C 338 -16.12 34.93 3.81
C ILE C 338 -15.45 35.85 4.81
N PHE C 339 -15.84 37.13 4.78
CA PHE C 339 -15.34 38.14 5.69
C PHE C 339 -16.49 38.65 6.55
N ASN C 340 -16.19 38.96 7.81
CA ASN C 340 -17.22 39.38 8.77
C ASN C 340 -17.03 40.86 9.04
N LEU C 341 -18.07 41.65 8.75
CA LEU C 341 -18.04 43.10 8.94
C LEU C 341 -19.22 43.51 9.80
N GLY C 342 -19.11 44.72 10.37
CA GLY C 342 -20.17 45.28 11.18
C GLY C 342 -19.94 45.07 12.66
N ASN C 343 -20.95 45.48 13.43
CA ASN C 343 -20.91 45.32 14.87
C ASN C 343 -21.07 43.85 15.25
N ARG C 344 -20.76 43.53 16.50
CA ARG C 344 -20.63 42.14 16.92
C ARG C 344 -21.71 41.76 17.91
N ASP C 345 -22.47 40.72 17.57
CA ASP C 345 -23.46 40.16 18.48
C ASP C 345 -22.75 39.48 19.64
N GLU C 346 -22.90 40.04 20.84
CA GLU C 346 -22.20 39.54 22.03
C GLU C 346 -22.80 38.22 22.46
N VAL C 347 -22.05 37.14 22.24
CA VAL C 347 -22.41 35.86 22.86
C VAL C 347 -22.17 36.01 24.36
N ASN C 348 -23.26 36.06 25.13
CA ASN C 348 -23.17 36.42 26.55
C ASN C 348 -22.53 35.31 27.36
N VAL C 349 -22.65 34.05 26.91
CA VAL C 349 -21.84 32.98 27.47
C VAL C 349 -20.38 33.22 27.10
N ARG C 350 -19.50 33.13 28.08
CA ARG C 350 -18.08 33.23 27.83
C ARG C 350 -17.41 31.88 28.08
N PHE C 351 -16.10 31.87 27.93
CA PHE C 351 -15.30 30.70 28.19
C PHE C 351 -14.62 30.90 29.53
N ALA C 352 -14.41 29.81 30.27
CA ALA C 352 -13.99 29.93 31.66
C ALA C 352 -12.50 30.31 31.77
N LYS C 353 -12.07 30.59 33.04
CA LYS C 353 -10.68 30.89 33.38
C LYS C 353 -10.09 29.81 34.27
N PRO C 354 -8.79 29.52 34.13
CA PRO C 354 -8.16 28.53 35.01
C PRO C 354 -8.05 29.03 36.44
N THR C 355 -8.07 28.06 37.35
CA THR C 355 -8.08 28.37 38.77
C THR C 355 -6.71 28.83 39.25
N ALA C 356 -6.71 29.54 40.38
CA ALA C 356 -5.48 29.84 41.08
C ALA C 356 -4.88 28.57 41.66
N SER C 357 -3.59 28.65 42.02
CA SER C 357 -2.86 27.48 42.46
C SER C 357 -3.37 26.97 43.80
N ARG C 358 -3.97 25.79 43.77
CA ARG C 358 -4.58 25.15 44.93
C ARG C 358 -4.11 23.71 44.95
N THR C 359 -4.08 23.11 46.14
CA THR C 359 -3.57 21.76 46.28
C THR C 359 -4.50 20.70 45.70
N MET C 360 -5.75 21.04 45.37
CA MET C 360 -6.72 20.09 44.85
C MET C 360 -6.31 19.50 43.51
N ASP C 361 -5.41 20.17 42.77
CA ASP C 361 -4.86 19.62 41.54
C ASP C 361 -4.15 18.30 41.78
N ASN C 362 -3.50 18.15 42.96
CA ASN C 362 -2.94 16.88 43.38
C ASN C 362 -4.00 15.79 43.38
N TYR C 363 -5.16 16.09 43.99
CA TYR C 363 -6.33 15.23 43.91
C TYR C 363 -6.70 14.93 42.47
N SER C 364 -6.73 15.98 41.64
CA SER C 364 -7.09 15.81 40.23
C SER C 364 -6.07 14.96 39.51
N GLU C 365 -4.80 15.06 39.91
CA GLU C 365 -3.75 14.21 39.36
C GLU C 365 -4.07 12.74 39.59
N ALA C 366 -4.46 12.41 40.83
CA ALA C 366 -4.84 11.05 41.16
C ALA C 366 -6.04 10.61 40.33
N GLU C 367 -6.99 11.54 40.12
CA GLU C 367 -8.18 11.22 39.35
C GLU C 367 -7.83 10.90 37.92
N LYS C 368 -6.83 11.62 37.37
CA LYS C 368 -6.34 11.35 36.02
C LYS C 368 -5.82 9.92 35.93
N LYS C 369 -5.02 9.52 36.92
CA LYS C 369 -4.46 8.18 36.94
C LYS C 369 -5.56 7.15 37.04
N MET C 370 -6.61 7.46 37.83
CA MET C 370 -7.74 6.55 38.01
C MET C 370 -8.42 6.27 36.69
N LYS C 371 -8.57 7.31 35.86
CA LYS C 371 -9.25 7.15 34.58
C LYS C 371 -8.47 6.21 33.68
N GLU C 372 -7.14 6.37 33.66
CA GLU C 372 -6.31 5.51 32.82
C GLU C 372 -6.37 4.07 33.31
N LEU C 373 -6.41 3.89 34.65
CA LEU C 373 -6.49 2.55 35.21
C LEU C 373 -7.77 1.87 34.77
N LYS C 374 -8.89 2.61 34.78
CA LYS C 374 -10.17 2.03 34.38
C LYS C 374 -10.14 1.62 32.93
N TRP C 375 -9.46 2.44 32.10
CA TRP C 375 -9.40 2.19 30.67
C TRP C 375 -8.69 0.87 30.40
N LYS C 376 -7.60 0.62 31.14
CA LYS C 376 -6.83 -0.58 30.87
C LYS C 376 -7.60 -1.81 31.31
N LYS C 377 -8.41 -1.68 32.38
CA LYS C 377 -9.23 -2.80 32.82
C LYS C 377 -10.27 -3.13 31.77
N GLU C 378 -10.83 -2.08 31.14
CA GLU C 378 -11.78 -2.26 30.05
C GLU C 378 -11.17 -3.07 28.92
N LYS C 379 -9.92 -2.75 28.57
CA LYS C 379 -9.31 -3.42 27.45
C LYS C 379 -8.95 -4.85 27.81
N THR C 380 -8.67 -5.11 29.09
CA THR C 380 -8.40 -6.48 29.51
C THR C 380 -9.64 -7.34 29.34
N LEU C 381 -10.81 -6.76 29.62
CA LEU C 381 -12.08 -7.46 29.41
C LEU C 381 -12.27 -7.81 27.94
N GLU C 382 -11.88 -6.89 27.04
CA GLU C 382 -12.05 -7.18 25.63
C GLU C 382 -11.16 -8.33 25.21
N ASP C 383 -9.95 -8.39 25.79
CA ASP C 383 -9.03 -9.49 25.50
C ASP C 383 -9.63 -10.83 25.90
N ILE C 384 -10.27 -10.89 27.08
CA ILE C 384 -10.77 -12.19 27.53
C ILE C 384 -11.95 -12.59 26.66
N LYS C 385 -12.76 -11.58 26.26
CA LYS C 385 -13.91 -11.85 25.41
C LYS C 385 -13.44 -12.36 24.07
N ARG C 386 -12.33 -11.78 23.59
CA ARG C 386 -11.72 -12.19 22.32
C ARG C 386 -11.33 -13.65 22.39
N GLU C 387 -10.67 -14.05 23.47
CA GLU C 387 -10.17 -15.42 23.54
C GLU C 387 -11.31 -16.39 23.76
N GLN C 388 -12.41 -15.92 24.40
CA GLN C 388 -13.56 -16.79 24.61
C GLN C 388 -14.17 -17.20 23.29
N VAL C 389 -14.24 -16.27 22.32
CA VAL C 389 -14.81 -16.58 21.02
C VAL C 389 -13.98 -17.65 20.34
N LEU C 390 -12.65 -17.53 20.49
CA LEU C 390 -11.76 -18.45 19.82
C LEU C 390 -11.86 -19.84 20.42
N ARG C 391 -12.07 -19.93 21.74
CA ARG C 391 -12.10 -21.27 22.33
C ARG C 391 -13.40 -21.97 22.00
N GLU C 392 -14.46 -21.22 21.66
CA GLU C 392 -15.68 -21.89 21.22
C GLU C 392 -15.44 -22.55 19.88
N HIS C 393 -14.70 -21.87 19.00
CA HIS C 393 -14.34 -22.49 17.73
C HIS C 393 -13.29 -23.57 17.93
N ALA C 394 -12.65 -23.62 19.10
CA ALA C 394 -11.76 -24.73 19.38
C ALA C 394 -12.54 -25.96 19.82
N VAL C 395 -13.74 -25.79 20.37
CA VAL C 395 -14.43 -26.93 20.98
C VAL C 395 -15.37 -27.59 20.00
N PHE C 396 -16.30 -26.79 19.44
CA PHE C 396 -17.40 -27.26 18.61
C PHE C 396 -16.91 -28.10 17.44
N ASN C 397 -16.04 -27.50 16.60
CA ASN C 397 -15.34 -28.18 15.51
C ASN C 397 -14.73 -29.49 15.98
N PHE C 398 -13.99 -29.43 17.11
CA PHE C 398 -13.36 -30.60 17.71
C PHE C 398 -14.36 -31.72 17.97
N GLY C 399 -15.49 -31.37 18.60
CA GLY C 399 -16.50 -32.37 18.89
C GLY C 399 -17.05 -32.97 17.61
N LYS C 400 -17.35 -32.11 16.62
CA LYS C 400 -17.81 -32.58 15.33
C LYS C 400 -16.75 -33.45 14.67
N LYS C 401 -15.49 -32.99 14.74
CA LYS C 401 -14.39 -33.73 14.11
C LYS C 401 -14.21 -35.07 14.79
N LYS C 402 -14.46 -35.10 16.11
CA LYS C 402 -14.34 -36.35 16.87
C LYS C 402 -15.32 -37.38 16.35
N GLU C 403 -16.57 -36.96 16.12
CA GLU C 403 -17.58 -37.86 15.59
C GLU C 403 -17.19 -38.32 14.19
N GLU C 404 -16.63 -37.41 13.39
CA GLU C 404 -16.25 -37.75 12.02
C GLU C 404 -15.16 -38.79 12.03
N PHE C 405 -14.26 -38.71 13.02
CA PHE C 405 -13.17 -39.68 13.14
C PHE C 405 -13.71 -41.07 13.32
N VAL C 406 -14.70 -41.24 14.21
CA VAL C 406 -15.13 -42.60 14.48
C VAL C 406 -15.98 -43.13 13.33
N ARG C 407 -16.61 -42.24 12.54
CA ARG C 407 -17.38 -42.82 11.44
C ARG C 407 -16.44 -43.22 10.32
N CYS C 408 -15.26 -42.58 10.24
CA CYS C 408 -14.23 -43.10 9.35
C CYS C 408 -13.75 -44.45 9.86
N LEU C 409 -13.64 -44.59 11.19
CA LEU C 409 -13.31 -45.88 11.77
C LEU C 409 -14.50 -46.83 11.70
N ALA C 410 -15.70 -46.30 11.46
CA ALA C 410 -16.84 -47.17 11.19
C ALA C 410 -16.97 -47.52 9.70
N GLN C 411 -16.11 -46.94 8.85
CA GLN C 411 -16.29 -47.17 7.42
C GLN C 411 -15.52 -48.40 6.94
N SER C 412 -14.29 -48.57 7.40
CA SER C 412 -13.47 -49.71 6.98
C SER C 412 -12.53 -50.13 8.09
N ASP D 120 -44.18 37.89 1.05
CA ASP D 120 -43.25 38.16 -0.04
C ASP D 120 -41.82 38.09 0.51
N ILE D 121 -40.84 37.99 -0.39
CA ILE D 121 -39.45 37.87 0.01
C ILE D 121 -38.93 39.20 0.57
N ASN D 122 -39.26 40.31 -0.11
CA ASN D 122 -38.74 41.62 0.27
C ASN D 122 -39.30 42.09 1.59
N ALA D 123 -40.53 41.70 1.92
CA ALA D 123 -41.09 42.00 3.24
C ALA D 123 -40.33 41.25 4.33
N GLN D 124 -39.96 40.00 4.06
CA GLN D 124 -39.16 39.23 5.01
C GLN D 124 -37.74 39.79 5.14
N ILE D 125 -37.23 40.41 4.07
CA ILE D 125 -35.97 41.15 4.16
C ILE D 125 -36.14 42.37 5.05
N LEU D 126 -37.22 43.12 4.87
CA LEU D 126 -37.46 44.33 5.64
C LEU D 126 -37.83 44.05 7.10
N ARG D 127 -38.21 42.81 7.43
CA ARG D 127 -38.39 42.45 8.84
C ARG D 127 -37.09 42.54 9.62
N HIS D 128 -35.96 42.21 8.99
CA HIS D 128 -34.65 42.38 9.60
C HIS D 128 -34.17 43.80 9.36
N GLU D 129 -34.76 44.73 10.12
CA GLU D 129 -34.52 46.16 9.91
C GLU D 129 -33.11 46.57 10.31
N ASN D 130 -32.55 45.95 11.35
CA ASN D 130 -31.18 46.24 11.74
C ASN D 130 -30.14 45.62 10.82
N SER D 131 -30.55 44.65 10.00
CA SER D 131 -29.63 44.02 9.06
C SER D 131 -29.36 44.91 7.87
N ALA D 132 -28.25 44.63 7.17
CA ALA D 132 -27.87 45.40 6.01
C ALA D 132 -28.59 44.98 4.74
N ALA D 133 -29.33 43.86 4.77
CA ALA D 133 -30.05 43.42 3.58
C ALA D 133 -31.24 44.32 3.27
N GLY D 134 -31.98 44.72 4.31
CA GLY D 134 -33.03 45.70 4.12
C GLY D 134 -32.50 47.07 3.74
N VAL D 135 -31.31 47.41 4.23
CA VAL D 135 -30.61 48.62 3.81
C VAL D 135 -30.32 48.59 2.31
N LEU D 136 -29.77 47.46 1.84
CA LEU D 136 -29.44 47.33 0.42
C LEU D 136 -30.70 47.28 -0.44
N SER D 137 -31.78 46.67 0.05
CA SER D 137 -33.04 46.68 -0.68
C SER D 137 -33.66 48.08 -0.74
N LEU D 138 -33.52 48.87 0.33
CA LEU D 138 -34.03 50.23 0.34
C LEU D 138 -33.22 51.14 -0.59
N VAL D 139 -31.92 50.91 -0.68
CA VAL D 139 -31.10 51.64 -1.66
C VAL D 139 -31.45 51.18 -3.08
N GLU D 140 -31.80 49.90 -3.25
CA GLU D 140 -32.21 49.39 -4.55
C GLU D 140 -33.55 49.97 -4.98
N THR D 141 -34.45 50.26 -4.03
CA THR D 141 -35.71 50.92 -4.39
C THR D 141 -35.49 52.40 -4.76
N LEU D 142 -34.53 53.05 -4.12
CA LEU D 142 -34.27 54.47 -4.39
C LEU D 142 -32.82 54.71 -4.80
N LEU D 152 -20.45 51.23 -4.09
CA LEU D 152 -21.31 50.54 -3.14
C LEU D 152 -22.26 49.58 -3.86
N THR D 153 -23.18 50.15 -4.65
CA THR D 153 -24.17 49.34 -5.34
C THR D 153 -23.58 48.63 -6.55
N LYS D 154 -22.48 49.15 -7.08
CA LYS D 154 -21.93 48.60 -8.33
C LYS D 154 -21.20 47.28 -8.11
N GLY D 155 -20.46 47.14 -7.01
CA GLY D 155 -19.69 45.93 -6.80
C GLY D 155 -20.52 44.72 -6.40
N VAL D 156 -21.67 44.95 -5.77
CA VAL D 156 -22.44 43.87 -5.17
C VAL D 156 -23.20 43.09 -6.24
N VAL D 157 -23.34 41.79 -6.03
CA VAL D 157 -24.26 40.99 -6.84
C VAL D 157 -25.63 40.93 -6.19
N GLY D 158 -25.68 40.68 -4.90
CA GLY D 158 -26.97 40.64 -4.21
C GLY D 158 -26.90 39.76 -2.98
N VAL D 159 -28.06 39.46 -2.44
CA VAL D 159 -28.11 38.62 -1.25
C VAL D 159 -28.48 37.20 -1.66
N VAL D 160 -28.06 36.23 -0.85
CA VAL D 160 -28.26 34.82 -1.18
C VAL D 160 -29.73 34.42 -1.09
N ALA D 161 -30.52 35.13 -0.29
CA ALA D 161 -31.94 34.85 -0.17
C ALA D 161 -32.73 35.25 -1.41
N LYS D 162 -32.14 36.03 -2.32
CA LYS D 162 -32.81 36.38 -3.57
C LYS D 162 -32.29 35.59 -4.76
N LEU D 163 -31.06 35.07 -4.68
CA LEU D 163 -30.45 34.43 -5.85
C LEU D 163 -31.04 33.05 -6.10
N GLY D 164 -31.32 32.30 -5.04
CA GLY D 164 -31.77 30.93 -5.17
C GLY D 164 -33.28 30.83 -5.11
N LYS D 165 -33.82 29.98 -5.98
CA LYS D 165 -35.26 29.72 -6.02
C LYS D 165 -35.49 28.21 -6.04
N VAL D 166 -36.28 27.71 -5.10
CA VAL D 166 -36.53 26.28 -4.95
C VAL D 166 -38.04 26.05 -5.02
N ASN D 167 -38.44 25.08 -5.84
CA ASN D 167 -39.86 24.75 -5.98
C ASN D 167 -40.43 24.14 -4.70
N ASP D 168 -39.71 23.19 -4.11
CA ASP D 168 -40.18 22.49 -2.91
C ASP D 168 -40.04 23.42 -1.71
N GLU D 169 -41.16 24.01 -1.28
CA GLU D 169 -41.11 25.00 -0.20
C GLU D 169 -40.77 24.36 1.15
N ASN D 170 -41.09 23.08 1.33
CA ASN D 170 -40.69 22.36 2.53
C ASN D 170 -39.17 22.18 2.56
N LEU D 171 -38.61 21.68 1.46
CA LEU D 171 -37.17 21.52 1.34
C LEU D 171 -36.45 22.87 1.35
N SER D 172 -37.10 23.92 0.83
CA SER D 172 -36.59 25.28 0.94
C SER D 172 -36.48 25.72 2.39
N GLN D 173 -37.52 25.47 3.18
CA GLN D 173 -37.50 25.82 4.59
C GLN D 173 -36.45 25.02 5.36
N ILE D 174 -36.25 23.75 4.99
CA ILE D 174 -35.28 22.93 5.71
C ILE D 174 -33.84 23.35 5.39
N LEU D 175 -33.55 23.67 4.11
CA LEU D 175 -32.23 24.19 3.80
C LEU D 175 -32.00 25.59 4.37
N SER D 176 -33.07 26.39 4.46
CA SER D 176 -33.00 27.68 5.12
C SER D 176 -32.65 27.55 6.59
N ASN D 177 -33.20 26.53 7.27
CA ASN D 177 -32.82 26.26 8.65
C ASN D 177 -31.42 25.66 8.74
N TYR D 178 -30.97 24.98 7.68
CA TYR D 178 -29.63 24.42 7.67
C TYR D 178 -28.56 25.51 7.60
N LEU D 179 -28.75 26.50 6.71
CA LEU D 179 -27.71 27.51 6.52
C LEU D 179 -27.57 28.44 7.72
N GLY D 180 -28.68 28.84 8.31
CA GLY D 180 -28.60 29.86 9.34
C GLY D 180 -28.74 31.24 8.74
N THR D 181 -29.34 32.15 9.51
CA THR D 181 -29.73 33.45 8.97
C THR D 181 -28.56 34.40 8.73
N ARG D 182 -27.39 34.12 9.31
CA ARG D 182 -26.26 35.00 9.07
C ARG D 182 -25.62 34.73 7.71
N SER D 183 -25.63 33.48 7.26
CA SER D 183 -25.06 33.16 5.96
C SER D 183 -26.02 33.51 4.83
N MET D 184 -27.32 33.39 5.06
CA MET D 184 -28.29 33.57 4.00
C MET D 184 -28.74 35.03 3.84
N LEU D 185 -28.53 35.86 4.86
CA LEU D 185 -28.68 37.30 4.71
C LEU D 185 -27.36 37.99 4.41
N ALA D 186 -26.36 37.24 3.97
CA ALA D 186 -25.07 37.83 3.62
C ALA D 186 -25.05 38.20 2.14
N VAL D 187 -24.39 39.32 1.84
CA VAL D 187 -24.35 39.81 0.48
C VAL D 187 -23.10 39.29 -0.22
N VAL D 188 -23.24 39.06 -1.52
CA VAL D 188 -22.17 38.61 -2.39
C VAL D 188 -21.88 39.70 -3.41
N CYS D 189 -20.60 39.96 -3.62
CA CYS D 189 -20.07 40.92 -4.57
C CYS D 189 -19.02 40.25 -5.44
N ARG D 190 -18.74 40.86 -6.59
CA ARG D 190 -17.85 40.23 -7.56
C ARG D 190 -16.39 40.29 -7.13
N ASN D 191 -15.95 41.43 -6.60
CA ASN D 191 -14.53 41.70 -6.38
C ASN D 191 -14.25 41.92 -4.91
N TYR D 192 -12.96 42.00 -4.59
CA TYR D 192 -12.51 42.33 -3.25
C TYR D 192 -12.51 43.85 -2.99
N GLU D 193 -12.44 44.65 -4.06
CA GLU D 193 -12.53 46.09 -3.92
C GLU D 193 -13.92 46.52 -3.46
N SER D 194 -14.96 45.73 -3.77
CA SER D 194 -16.28 46.00 -3.21
C SER D 194 -16.32 45.71 -1.71
N VAL D 195 -15.59 44.68 -1.26
CA VAL D 195 -15.47 44.39 0.16
C VAL D 195 -14.77 45.53 0.88
N THR D 196 -13.71 46.09 0.27
CA THR D 196 -13.09 47.26 0.86
C THR D 196 -13.92 48.52 0.69
N ALA D 197 -14.91 48.51 -0.21
CA ALA D 197 -15.74 49.68 -0.44
C ALA D 197 -16.95 49.74 0.48
N LEU D 198 -17.44 48.60 0.97
CA LEU D 198 -18.62 48.61 1.83
C LEU D 198 -18.30 49.21 3.20
N GLU D 199 -17.35 48.61 3.92
CA GLU D 199 -16.98 49.05 5.26
C GLU D 199 -15.50 49.40 5.29
N ALA D 200 -15.18 50.56 5.84
CA ALA D 200 -13.81 51.01 6.02
C ALA D 200 -13.61 51.40 7.49
N TYR D 201 -12.51 50.94 8.06
CA TYR D 201 -12.20 51.19 9.46
C TYR D 201 -11.32 52.44 9.60
N ASP D 202 -11.40 53.06 10.78
CA ASP D 202 -10.62 54.25 11.07
C ASP D 202 -9.35 53.86 11.83
N ASN D 203 -8.63 54.85 12.35
CA ASN D 203 -7.32 54.60 12.94
C ASN D 203 -7.43 53.99 14.33
N HIS D 204 -8.56 54.15 15.00
CA HIS D 204 -8.69 53.60 16.35
C HIS D 204 -9.08 52.13 16.31
N GLY D 205 -9.97 51.75 15.39
CA GLY D 205 -10.43 50.38 15.27
C GLY D 205 -11.92 50.18 15.44
N ASN D 206 -12.69 51.26 15.59
CA ASN D 206 -14.13 51.17 15.71
C ASN D 206 -14.81 51.59 14.42
N ILE D 207 -15.99 51.04 14.20
CA ILE D 207 -16.75 51.33 12.98
C ILE D 207 -17.61 52.56 13.21
N ASP D 208 -17.39 53.59 12.41
CA ASP D 208 -18.15 54.82 12.48
C ASP D 208 -19.12 54.89 11.30
N ILE D 209 -19.76 56.05 11.17
CA ILE D 209 -20.80 56.24 10.15
C ILE D 209 -20.18 56.29 8.75
N ASN D 210 -18.97 56.85 8.63
CA ASN D 210 -18.36 57.26 7.37
C ASN D 210 -18.02 56.11 6.41
N ALA D 211 -18.29 54.85 6.75
CA ALA D 211 -18.19 53.79 5.77
C ALA D 211 -19.38 53.85 4.81
N GLY D 212 -19.28 53.08 3.72
CA GLY D 212 -20.21 53.16 2.61
C GLY D 212 -21.65 52.80 2.91
N LEU D 213 -21.90 51.53 3.22
CA LEU D 213 -23.26 51.09 3.57
C LEU D 213 -23.76 51.76 4.84
N HIS D 214 -22.86 52.05 5.78
CA HIS D 214 -23.27 52.60 7.07
C HIS D 214 -23.82 54.01 6.92
N CYS D 215 -23.07 54.90 6.23
CA CYS D 215 -23.58 56.25 6.00
C CYS D 215 -24.74 56.25 5.01
N LEU D 216 -24.62 55.49 3.93
CA LEU D 216 -25.61 55.56 2.87
C LEU D 216 -26.90 54.82 3.24
N GLY D 217 -26.90 54.06 4.35
CA GLY D 217 -28.11 53.50 4.89
C GLY D 217 -28.63 54.26 6.10
N SER D 218 -27.75 54.83 6.92
CA SER D 218 -28.19 55.64 8.04
C SER D 218 -28.65 57.03 7.62
N SER D 219 -28.44 57.40 6.35
CA SER D 219 -29.03 58.63 5.84
C SER D 219 -30.55 58.53 5.76
N ILE D 220 -31.07 57.36 5.38
CA ILE D 220 -32.51 57.16 5.19
C ILE D 220 -33.06 56.08 6.11
N GLY D 221 -32.45 54.90 6.11
CA GLY D 221 -32.99 53.78 6.85
C GLY D 221 -32.25 53.47 8.14
N ARG D 222 -32.41 52.26 8.66
CA ARG D 222 -31.84 51.90 9.94
C ARG D 222 -30.35 51.63 9.82
N GLU D 223 -29.66 51.69 10.98
CA GLU D 223 -28.23 51.46 11.01
C GLU D 223 -27.92 49.96 10.96
N ILE D 224 -26.63 49.65 10.91
CA ILE D 224 -26.16 48.26 10.93
C ILE D 224 -25.74 47.97 12.37
N GLY D 225 -26.62 47.33 13.12
CA GLY D 225 -26.35 46.99 14.50
C GLY D 225 -25.92 45.56 14.70
N ASP D 226 -26.40 44.67 13.84
CA ASP D 226 -26.00 43.28 13.87
C ASP D 226 -24.84 43.03 12.90
N SER D 227 -24.26 41.84 13.02
CA SER D 227 -23.18 41.44 12.12
C SER D 227 -23.74 41.04 10.77
N PHE D 228 -22.94 41.24 9.73
CA PHE D 228 -23.28 40.80 8.39
C PHE D 228 -22.01 40.29 7.71
N ASP D 229 -22.14 39.19 7.01
CA ASP D 229 -20.99 38.64 6.31
C ASP D 229 -20.94 39.15 4.87
N ALA D 230 -19.76 39.05 4.28
CA ALA D 230 -19.54 39.43 2.90
C ALA D 230 -18.71 38.35 2.23
N ILE D 231 -19.16 37.89 1.09
CA ILE D 231 -18.53 36.78 0.38
C ILE D 231 -18.17 37.24 -1.03
N CYS D 232 -16.89 37.06 -1.39
CA CYS D 232 -16.34 37.58 -2.63
C CYS D 232 -15.87 36.43 -3.51
N LEU D 233 -16.36 36.39 -4.75
CA LEU D 233 -16.31 35.16 -5.53
C LEU D 233 -14.93 34.86 -6.11
N GLU D 234 -14.01 35.82 -6.10
CA GLU D 234 -12.69 35.56 -6.64
C GLU D 234 -11.79 34.84 -5.64
N ASN D 235 -12.15 34.86 -4.36
CA ASN D 235 -11.33 34.27 -3.32
C ASN D 235 -11.78 32.87 -2.91
N LEU D 236 -12.95 32.43 -3.35
CA LEU D 236 -13.42 31.09 -3.02
C LEU D 236 -12.67 30.04 -3.82
N ARG D 237 -12.50 28.86 -3.21
CA ARG D 237 -11.93 27.73 -3.90
C ARG D 237 -13.02 27.04 -4.72
N PRO D 238 -13.07 27.31 -6.03
CA PRO D 238 -14.16 26.83 -6.90
C PRO D 238 -14.15 25.33 -7.22
N TYR D 239 -15.33 24.79 -7.55
CA TYR D 239 -15.45 23.35 -7.90
C TYR D 239 -14.58 23.07 -9.14
N VAL D 240 -13.84 21.96 -9.12
CA VAL D 240 -12.97 21.59 -10.27
C VAL D 240 -13.27 20.12 -10.61
N GLY D 241 -14.46 19.87 -11.15
CA GLY D 241 -14.93 18.51 -11.49
C GLY D 241 -15.82 18.54 -12.71
N GLN D 242 -16.07 17.39 -13.32
CA GLN D 242 -16.93 17.31 -14.53
C GLN D 242 -18.34 17.79 -14.16
N HIS D 243 -18.96 18.57 -15.04
CA HIS D 243 -20.35 19.05 -14.82
C HIS D 243 -21.26 18.17 -15.68
N ILE D 244 -22.30 17.60 -15.08
CA ILE D 244 -23.15 16.69 -15.87
C ILE D 244 -23.32 17.25 -17.27
N ALA D 245 -23.01 16.43 -18.27
CA ALA D 245 -23.11 16.84 -19.66
C ALA D 245 -24.56 16.82 -20.14
N ASP D 246 -24.83 17.66 -21.14
CA ASP D 246 -26.14 17.80 -21.80
C ASP D 246 -27.22 18.18 -20.80
N ASP D 247 -26.94 19.21 -20.00
CA ASP D 247 -27.84 19.65 -18.95
C ASP D 247 -28.10 21.14 -19.09
N LEU D 248 -29.30 21.57 -18.70
CA LEU D 248 -29.64 22.98 -18.77
C LEU D 248 -29.29 23.71 -17.48
N GLN D 249 -29.65 23.14 -16.33
CA GLN D 249 -29.35 23.78 -15.05
C GLN D 249 -27.93 23.55 -14.57
N ARG D 250 -27.12 22.83 -15.36
CA ARG D 250 -25.67 22.67 -15.17
C ARG D 250 -25.35 22.00 -13.84
N ARG D 251 -25.89 20.80 -13.67
CA ARG D 251 -25.72 20.06 -12.42
C ARG D 251 -24.30 19.53 -12.28
N LEU D 252 -23.98 19.08 -11.06
CA LEU D 252 -22.62 18.71 -10.69
C LEU D 252 -22.49 17.20 -10.60
N ASP D 253 -21.45 16.65 -11.22
CA ASP D 253 -21.19 15.21 -11.20
C ASP D 253 -20.49 14.87 -9.89
N LEU D 254 -21.27 14.70 -8.83
CA LEU D 254 -20.75 14.24 -7.55
C LEU D 254 -21.06 12.76 -7.40
N LEU D 255 -20.21 12.06 -6.65
CA LEU D 255 -20.31 10.61 -6.55
C LEU D 255 -21.50 10.24 -5.67
N LYS D 256 -22.45 9.51 -6.26
CA LYS D 256 -23.63 9.06 -5.52
C LYS D 256 -23.25 7.89 -4.64
N PRO D 257 -23.57 7.90 -3.35
CA PRO D 257 -23.12 6.83 -2.45
C PRO D 257 -23.87 5.53 -2.69
N LYS D 258 -23.26 4.43 -2.25
CA LYS D 258 -23.87 3.12 -2.40
C LYS D 258 -23.65 2.27 -1.15
N LEU D 259 -24.67 1.48 -0.81
CA LEU D 259 -24.65 0.52 0.28
C LEU D 259 -23.74 -0.67 -0.06
N PRO D 260 -23.44 -1.56 0.90
CA PRO D 260 -22.63 -2.75 0.55
C PRO D 260 -23.28 -3.72 -0.42
N ASN D 261 -24.61 -3.72 -0.57
CA ASN D 261 -25.24 -4.66 -1.49
C ASN D 261 -25.08 -4.26 -2.95
N GLY D 262 -24.76 -3.00 -3.22
CA GLY D 262 -24.69 -2.49 -4.56
C GLY D 262 -25.75 -1.48 -4.90
N GLU D 263 -26.54 -1.05 -3.93
CA GLU D 263 -27.62 -0.10 -4.15
C GLU D 263 -27.36 1.19 -3.40
N CYS D 264 -28.06 2.24 -3.83
CA CYS D 264 -28.02 3.54 -3.18
C CYS D 264 -28.66 3.43 -1.79
N PRO D 265 -28.32 4.31 -0.85
CA PRO D 265 -29.04 4.38 0.42
C PRO D 265 -30.52 4.65 0.20
N PRO D 266 -31.39 4.05 1.02
CA PRO D 266 -32.79 3.84 0.60
C PRO D 266 -33.62 5.11 0.47
N GLY D 267 -33.30 6.16 1.20
CA GLY D 267 -34.05 7.38 1.06
C GLY D 267 -33.29 8.53 0.44
N PHE D 268 -32.41 8.26 -0.52
CA PHE D 268 -31.51 9.27 -1.07
C PHE D 268 -32.23 10.04 -2.16
N LEU D 269 -32.33 11.36 -2.01
CA LEU D 269 -32.96 12.18 -3.03
C LEU D 269 -31.93 12.87 -3.92
N GLY D 270 -30.89 13.45 -3.32
CA GLY D 270 -29.82 14.06 -4.09
C GLY D 270 -28.99 14.97 -3.21
N PHE D 271 -27.86 15.40 -3.77
CA PHE D 271 -27.04 16.41 -3.11
C PHE D 271 -27.74 17.75 -3.17
N ALA D 272 -27.63 18.51 -2.07
CA ALA D 272 -28.49 19.70 -1.89
C ALA D 272 -28.06 20.85 -2.79
N VAL D 273 -26.85 20.79 -3.35
CA VAL D 273 -26.40 21.79 -4.31
C VAL D 273 -27.24 21.73 -5.59
N ASN D 274 -27.72 20.55 -5.95
CA ASN D 274 -28.41 20.32 -7.21
C ASN D 274 -29.89 20.69 -7.18
N MET D 275 -30.42 21.17 -6.05
CA MET D 275 -31.84 21.50 -5.98
C MET D 275 -32.15 22.94 -6.38
N ILE D 276 -31.21 23.85 -6.23
CA ILE D 276 -31.47 25.28 -6.43
C ILE D 276 -31.56 25.56 -7.92
N GLN D 277 -32.64 26.21 -8.35
CA GLN D 277 -32.86 26.55 -9.75
C GLN D 277 -32.41 27.98 -10.00
N ILE D 278 -31.45 28.15 -10.90
CA ILE D 278 -30.74 29.41 -11.07
C ILE D 278 -31.44 30.27 -12.11
N ASP D 279 -31.49 31.57 -11.86
CA ASP D 279 -31.71 32.56 -12.90
C ASP D 279 -30.67 32.35 -14.00
N PRO D 280 -31.07 32.14 -15.26
CA PRO D 280 -30.09 31.76 -16.30
C PRO D 280 -29.07 32.84 -16.66
N ALA D 281 -29.10 34.02 -16.06
CA ALA D 281 -28.01 34.97 -16.25
C ALA D 281 -26.75 34.51 -15.54
N TYR D 282 -26.89 34.07 -14.28
CA TYR D 282 -25.73 33.79 -13.43
C TYR D 282 -25.14 32.39 -13.63
N LEU D 283 -25.57 31.63 -14.63
CA LEU D 283 -25.03 30.29 -14.82
C LEU D 283 -23.61 30.31 -15.36
N LEU D 284 -23.25 31.35 -16.11
CA LEU D 284 -21.89 31.50 -16.61
C LEU D 284 -21.46 32.96 -16.52
N CYS D 285 -20.14 33.14 -16.53
CA CYS D 285 -19.46 34.41 -16.73
C CYS D 285 -19.77 35.42 -15.64
N VAL D 286 -19.68 34.99 -14.38
CA VAL D 286 -19.71 35.92 -13.25
C VAL D 286 -18.30 36.10 -12.71
N THR D 287 -17.55 35.02 -12.57
CA THR D 287 -16.17 35.04 -12.15
C THR D 287 -15.29 35.61 -13.28
N SER D 288 -14.14 36.16 -12.90
CA SER D 288 -13.20 36.71 -13.88
C SER D 288 -12.54 35.63 -14.73
N TYR D 289 -12.60 34.37 -14.29
CA TYR D 289 -12.16 33.26 -15.12
C TYR D 289 -13.31 32.69 -15.96
N GLY D 290 -14.54 33.01 -15.63
CA GLY D 290 -15.69 32.54 -16.36
C GLY D 290 -16.55 31.52 -15.66
N TYR D 291 -16.28 31.24 -14.39
CA TYR D 291 -17.06 30.28 -13.63
C TYR D 291 -18.44 30.83 -13.33
N GLY D 292 -19.35 29.92 -13.00
CA GLY D 292 -20.73 30.28 -12.71
C GLY D 292 -20.96 30.53 -11.24
N LEU D 293 -22.24 30.64 -10.89
CA LEU D 293 -22.61 30.91 -9.51
C LEU D 293 -22.89 29.63 -8.75
N ARG D 294 -23.23 28.55 -9.47
CA ARG D 294 -23.53 27.28 -8.83
C ARG D 294 -22.26 26.57 -8.37
N GLU D 295 -21.17 26.72 -9.10
CA GLU D 295 -19.93 26.00 -8.79
C GLU D 295 -18.96 26.79 -7.92
N THR D 296 -19.20 28.07 -7.68
CA THR D 296 -18.42 28.82 -6.70
C THR D 296 -19.16 29.01 -5.38
N LEU D 297 -20.32 29.66 -5.42
CA LEU D 297 -21.03 30.01 -4.19
C LEU D 297 -21.80 28.83 -3.63
N PHE D 298 -22.61 28.20 -4.47
CA PHE D 298 -23.48 27.10 -4.04
C PHE D 298 -22.73 25.80 -3.83
N TYR D 299 -21.45 25.74 -4.15
CA TYR D 299 -20.62 24.63 -3.68
C TYR D 299 -20.02 24.95 -2.33
N ASN D 300 -19.54 26.17 -2.13
CA ASN D 300 -18.88 26.55 -0.88
C ASN D 300 -19.86 27.03 0.19
N LEU D 301 -21.12 26.63 0.11
CA LEU D 301 -22.04 26.72 1.25
C LEU D 301 -22.33 25.34 1.82
N PHE D 302 -22.80 24.42 0.98
CA PHE D 302 -23.05 23.04 1.36
C PHE D 302 -22.43 22.10 0.31
N SER D 303 -21.15 21.79 0.50
CA SER D 303 -20.41 20.92 -0.39
C SER D 303 -20.64 19.47 0.00
N ARG D 304 -21.16 18.67 -0.92
CA ARG D 304 -21.46 17.25 -0.75
C ARG D 304 -22.41 17.01 0.42
N LEU D 305 -23.40 17.91 0.55
CA LEU D 305 -24.47 17.79 1.57
C LEU D 305 -25.63 17.13 0.82
N GLN D 306 -26.12 16.00 1.34
CA GLN D 306 -27.08 15.17 0.64
C GLN D 306 -28.39 15.07 1.39
N VAL D 307 -29.48 14.91 0.64
CA VAL D 307 -30.84 15.07 1.14
C VAL D 307 -31.51 13.71 1.27
N TYR D 308 -32.04 13.43 2.47
CA TYR D 308 -32.78 12.20 2.71
C TYR D 308 -34.25 12.45 3.02
N LYS D 309 -35.00 11.38 3.32
CA LYS D 309 -36.45 11.46 3.49
C LYS D 309 -36.86 11.61 4.95
N THR D 310 -36.53 10.64 5.79
CA THR D 310 -36.87 10.67 7.21
C THR D 310 -35.60 10.60 8.04
N ARG D 311 -35.72 10.94 9.33
CA ARG D 311 -34.52 11.02 10.16
C ARG D 311 -34.00 9.64 10.56
N ALA D 312 -34.86 8.62 10.63
CA ALA D 312 -34.37 7.27 10.86
C ALA D 312 -33.66 6.73 9.64
N ASP D 313 -34.11 7.14 8.45
CA ASP D 313 -33.41 6.82 7.22
C ASP D 313 -32.07 7.54 7.16
N MET D 314 -31.98 8.73 7.74
CA MET D 314 -30.72 9.47 7.76
C MET D 314 -29.74 8.83 8.74
N ILE D 315 -30.23 8.36 9.88
CA ILE D 315 -29.39 7.64 10.83
C ILE D 315 -28.95 6.29 10.25
N SER D 316 -29.81 5.65 9.45
CA SER D 316 -29.47 4.35 8.88
C SER D 316 -28.32 4.44 7.88
N ALA D 317 -28.23 5.57 7.15
CA ALA D 317 -27.14 5.79 6.21
C ALA D 317 -26.14 6.83 6.73
N LEU D 318 -25.95 6.91 8.03
CA LEU D 318 -24.99 7.81 8.65
C LEU D 318 -23.51 7.49 8.39
N PRO D 319 -23.03 6.24 8.25
CA PRO D 319 -21.61 6.09 7.90
C PRO D 319 -21.28 6.45 6.47
N CYS D 320 -22.23 6.39 5.55
CA CYS D 320 -21.95 6.69 4.15
C CYS D 320 -21.98 8.17 3.84
N ILE D 321 -22.14 9.06 4.81
CA ILE D 321 -22.20 10.48 4.50
C ILE D 321 -20.79 11.04 4.44
N SER D 322 -20.64 12.08 3.62
CA SER D 322 -19.59 13.07 3.74
C SER D 322 -20.14 14.18 4.62
N ASP D 323 -19.58 15.39 4.50
CA ASP D 323 -19.61 16.53 5.42
C ASP D 323 -20.87 16.69 6.29
N GLY D 324 -22.05 16.50 5.71
CA GLY D 324 -23.26 16.44 6.51
C GLY D 324 -24.37 15.72 5.78
N ALA D 325 -25.59 15.91 6.29
CA ALA D 325 -26.80 15.48 5.62
C ALA D 325 -27.97 16.30 6.13
N VAL D 326 -29.08 16.24 5.39
CA VAL D 326 -30.29 16.99 5.70
C VAL D 326 -31.49 16.13 5.33
N SER D 327 -32.39 15.92 6.28
CA SER D 327 -33.57 15.11 6.02
C SER D 327 -34.81 15.98 5.81
N LEU D 328 -35.71 15.50 4.96
CA LEU D 328 -36.88 16.27 4.56
C LEU D 328 -37.96 16.29 5.64
N ASP D 329 -37.91 15.34 6.57
CA ASP D 329 -38.79 15.38 7.74
C ASP D 329 -38.39 16.51 8.68
N GLY D 330 -37.10 16.83 8.70
CA GLY D 330 -36.52 17.70 9.71
C GLY D 330 -35.25 17.05 10.16
N GLY D 331 -34.56 17.63 11.13
CA GLY D 331 -33.32 17.02 11.59
C GLY D 331 -32.16 17.41 10.72
N ILE D 332 -31.11 17.94 11.33
CA ILE D 332 -29.97 18.52 10.62
C ILE D 332 -28.70 17.97 11.24
N ILE D 333 -27.83 17.40 10.41
CA ILE D 333 -26.51 16.95 10.83
C ILE D 333 -25.49 17.72 9.98
N ARG D 334 -24.75 18.63 10.64
CA ARG D 334 -23.86 19.52 9.90
C ARG D 334 -22.44 19.00 9.78
N LYS D 335 -21.95 18.29 10.78
CA LYS D 335 -20.61 17.73 10.77
C LYS D 335 -20.73 16.23 10.95
N THR D 336 -19.65 15.49 10.72
CA THR D 336 -19.73 14.03 10.72
C THR D 336 -19.87 13.46 12.12
N GLY D 337 -19.59 14.25 13.16
CA GLY D 337 -19.81 13.78 14.52
C GLY D 337 -21.02 14.39 15.20
N ILE D 338 -21.21 15.71 15.06
CA ILE D 338 -22.24 16.43 15.78
C ILE D 338 -23.51 16.45 14.94
N PHE D 339 -24.67 16.51 15.60
CA PHE D 339 -25.94 16.56 14.88
C PHE D 339 -27.05 17.12 15.76
N ASN D 340 -27.84 18.02 15.18
CA ASN D 340 -28.92 18.69 15.87
C ASN D 340 -30.07 17.74 16.16
N LEU D 341 -30.77 18.00 17.27
CA LEU D 341 -32.01 17.33 17.62
C LEU D 341 -32.78 18.18 18.61
N GLY D 342 -34.08 17.92 18.68
CA GLY D 342 -35.02 18.80 19.34
C GLY D 342 -36.08 19.31 18.37
N ASN D 343 -36.49 20.55 18.56
CA ASN D 343 -37.40 21.17 17.61
C ASN D 343 -36.66 21.52 16.31
N ARG D 344 -37.43 21.71 15.25
CA ARG D 344 -36.88 22.31 14.04
C ARG D 344 -36.88 23.83 14.19
N ASP D 345 -35.86 24.45 13.62
CA ASP D 345 -35.74 25.90 13.71
C ASP D 345 -36.77 26.58 12.82
N GLU D 346 -37.13 27.80 13.18
CA GLU D 346 -38.03 28.62 12.38
C GLU D 346 -37.37 29.97 12.13
N VAL D 347 -37.02 30.22 10.87
CA VAL D 347 -36.51 31.51 10.45
C VAL D 347 -37.42 32.06 9.37
N ASN D 348 -37.56 33.38 9.35
CA ASN D 348 -38.57 34.02 8.51
C ASN D 348 -38.17 34.07 7.04
N VAL D 349 -36.91 34.42 6.75
CA VAL D 349 -36.44 34.52 5.37
C VAL D 349 -36.22 33.13 4.81
N ARG D 350 -36.67 32.92 3.57
CA ARG D 350 -36.65 31.64 2.91
C ARG D 350 -36.10 31.84 1.51
N PHE D 351 -35.98 30.76 0.75
CA PHE D 351 -35.70 30.91 -0.68
C PHE D 351 -36.98 31.31 -1.40
N ALA D 352 -36.81 31.96 -2.56
CA ALA D 352 -37.95 32.35 -3.34
C ALA D 352 -38.53 31.16 -4.08
N LYS D 353 -39.69 31.37 -4.70
CA LYS D 353 -40.31 30.27 -5.44
C LYS D 353 -40.31 30.57 -6.93
N PRO D 354 -39.93 29.61 -7.77
CA PRO D 354 -40.01 29.83 -9.22
C PRO D 354 -41.44 29.88 -9.70
N THR D 355 -41.61 30.42 -10.90
CA THR D 355 -42.93 30.50 -11.53
C THR D 355 -42.98 29.60 -12.76
N ALA E 49 -12.03 44.12 -28.00
CA ALA E 49 -12.52 43.16 -27.02
C ALA E 49 -11.65 43.16 -25.77
N GLU E 50 -12.24 43.61 -24.65
CA GLU E 50 -11.52 43.62 -23.38
C GLU E 50 -11.35 42.22 -22.83
N PHE E 51 -12.27 41.30 -23.16
CA PHE E 51 -12.16 39.93 -22.67
C PHE E 51 -11.01 39.19 -23.33
N ALA E 52 -10.77 39.44 -24.62
CA ALA E 52 -9.61 38.87 -25.29
C ALA E 52 -8.31 39.45 -24.75
N MET E 53 -8.33 40.73 -24.33
CA MET E 53 -7.16 41.32 -23.69
C MET E 53 -6.90 40.70 -22.32
N PHE E 54 -7.96 40.41 -21.57
CA PHE E 54 -7.80 39.72 -20.29
C PHE E 54 -7.29 38.30 -20.49
N ASN E 55 -7.76 37.64 -21.55
CA ASN E 55 -7.23 36.33 -21.94
C ASN E 55 -5.75 36.40 -22.25
N SER E 56 -5.33 37.42 -23.00
CA SER E 56 -3.92 37.56 -23.36
C SER E 56 -3.05 37.89 -22.15
N LYS E 57 -3.59 38.63 -21.18
CA LYS E 57 -2.83 38.87 -19.96
C LYS E 57 -2.72 37.63 -19.09
N ARG E 58 -3.76 36.78 -19.08
CA ARG E 58 -3.64 35.49 -18.39
C ARG E 58 -2.64 34.57 -19.08
N LEU E 59 -2.58 34.63 -20.42
CA LEU E 59 -1.57 33.86 -21.16
C LEU E 59 -0.16 34.36 -20.83
N GLU E 60 0.01 35.68 -20.72
CA GLU E 60 1.33 36.23 -20.37
C GLU E 60 1.71 35.88 -18.94
N SER E 61 0.73 35.82 -18.03
CA SER E 61 1.02 35.42 -16.65
C SER E 61 1.43 33.95 -16.59
N ASP E 62 0.80 33.10 -17.39
CA ASP E 62 1.19 31.68 -17.40
C ASP E 62 2.56 31.50 -18.07
N LEU E 63 2.89 32.32 -19.07
CA LEU E 63 4.24 32.31 -19.64
C LEU E 63 5.28 32.72 -18.62
N GLU E 64 4.97 33.74 -17.79
CA GLU E 64 5.89 34.16 -16.74
C GLU E 64 6.06 33.08 -15.68
N ALA E 65 4.97 32.36 -15.34
CA ALA E 65 5.05 31.27 -14.39
C ALA E 65 5.91 30.12 -14.92
N MET E 66 5.77 29.81 -16.21
CA MET E 66 6.62 28.79 -16.83
C MET E 66 8.09 29.22 -16.87
N GLY E 67 8.35 30.50 -17.08
CA GLY E 67 9.73 30.99 -17.04
C GLY E 67 10.35 30.91 -15.66
N ASN E 68 9.56 31.22 -14.62
CA ASN E 68 10.06 31.08 -13.26
C ASN E 68 10.30 29.62 -12.90
N LYS E 69 9.44 28.72 -13.39
CA LYS E 69 9.65 27.29 -13.13
C LYS E 69 10.89 26.76 -13.83
N ILE E 70 11.15 27.21 -15.07
CA ILE E 70 12.30 26.67 -15.79
C ILE E 70 13.60 27.24 -15.25
N LYS E 71 13.62 28.49 -14.76
CA LYS E 71 14.83 28.98 -14.12
C LYS E 71 15.05 28.32 -12.76
N GLN E 72 13.95 27.92 -12.08
CA GLN E 72 14.09 27.07 -10.89
C GLN E 72 14.73 25.73 -11.24
N HIS E 73 14.36 25.16 -12.39
CA HIS E 73 14.97 23.91 -12.85
C HIS E 73 16.48 24.06 -13.07
N GLU E 74 16.90 25.13 -13.76
CA GLU E 74 18.34 25.27 -13.99
C GLU E 74 19.11 25.66 -12.72
N ASP E 75 18.44 26.33 -11.77
CA ASP E 75 19.04 26.56 -10.45
C ASP E 75 19.29 25.24 -9.73
N ASN E 76 18.33 24.32 -9.81
CA ASN E 76 18.50 23.01 -9.20
C ASN E 76 19.59 22.20 -9.89
N LEU E 77 19.68 22.33 -11.23
CA LEU E 77 20.78 21.72 -11.98
C LEU E 77 22.14 22.23 -11.51
N LYS E 78 22.27 23.55 -11.33
CA LYS E 78 23.55 24.12 -10.93
C LYS E 78 23.94 23.72 -9.51
N PHE E 79 22.95 23.62 -8.62
CA PHE E 79 23.19 23.10 -7.27
C PHE E 79 23.71 21.67 -7.32
N LEU E 80 23.09 20.82 -8.14
CA LEU E 80 23.55 19.44 -8.25
C LEU E 80 24.94 19.33 -8.89
N LYS E 81 25.26 20.21 -9.83
CA LYS E 81 26.60 20.21 -10.43
C LYS E 81 27.67 20.61 -9.41
N SER E 82 27.37 21.61 -8.57
CA SER E 82 28.32 22.00 -7.52
C SER E 82 28.49 20.88 -6.50
N GLN E 83 27.41 20.15 -6.20
CA GLN E 83 27.50 19.03 -5.27
C GLN E 83 28.34 17.90 -5.84
N LYS E 84 28.17 17.60 -7.13
CA LYS E 84 28.98 16.58 -7.79
C LYS E 84 30.44 16.99 -7.86
N ASN E 85 30.73 18.28 -8.04
CA ASN E 85 32.12 18.73 -8.07
C ASN E 85 32.77 18.67 -6.69
N LYS E 86 31.99 18.89 -5.63
CA LYS E 86 32.49 18.66 -4.27
C LYS E 86 32.84 17.19 -4.07
N MET E 87 31.95 16.29 -4.53
CA MET E 87 32.25 14.85 -4.49
C MET E 87 33.50 14.51 -5.28
N ASP E 88 33.73 15.18 -6.40
CA ASP E 88 34.86 14.84 -7.25
C ASP E 88 36.17 15.38 -6.70
N GLU E 89 36.16 16.56 -6.06
CA GLU E 89 37.40 17.00 -5.43
C GLU E 89 37.73 16.16 -4.20
N ALA E 90 36.70 15.66 -3.49
CA ALA E 90 36.96 14.74 -2.38
C ALA E 90 37.52 13.42 -2.87
N ILE E 91 37.04 12.93 -4.02
CA ILE E 91 37.53 11.64 -4.50
C ILE E 91 38.94 11.78 -5.09
N VAL E 92 39.30 12.94 -5.65
CA VAL E 92 40.66 13.12 -6.14
C VAL E 92 41.64 13.30 -4.97
N ASP E 93 41.19 13.96 -3.90
CA ASP E 93 41.98 14.03 -2.67
C ASP E 93 42.22 12.64 -2.09
N LEU E 94 41.21 11.79 -2.09
CA LEU E 94 41.41 10.42 -1.59
C LEU E 94 42.28 9.59 -2.53
N GLN E 95 42.22 9.86 -3.84
CA GLN E 95 43.10 9.16 -4.78
C GLN E 95 44.55 9.49 -4.55
N VAL E 96 44.89 10.77 -4.35
CA VAL E 96 46.30 11.10 -4.13
C VAL E 96 46.76 10.67 -2.74
N HIS E 97 45.85 10.68 -1.75
CA HIS E 97 46.19 10.16 -0.42
C HIS E 97 46.45 8.66 -0.45
N MET E 98 45.69 7.92 -1.26
CA MET E 98 45.91 6.48 -1.37
C MET E 98 47.15 6.16 -2.21
N SER E 99 47.39 6.92 -3.28
CA SER E 99 48.53 6.68 -4.14
C SER E 99 49.84 7.12 -3.50
N LYS E 100 49.78 7.92 -2.43
CA LYS E 100 50.96 8.09 -1.58
C LYS E 100 51.43 6.76 -1.00
N LEU E 101 50.49 5.93 -0.56
CA LEU E 101 50.80 4.68 0.10
C LEU E 101 51.19 3.61 -0.92
N GLU E 119 48.27 -24.64 -1.79
CA GLU E 119 48.03 -23.84 -0.60
C GLU E 119 47.49 -22.47 -0.99
N ASP E 120 48.17 -21.81 -1.92
CA ASP E 120 47.63 -20.62 -2.54
C ASP E 120 46.44 -21.01 -3.40
N ILE E 121 45.45 -20.12 -3.51
CA ILE E 121 44.17 -20.46 -4.12
C ILE E 121 44.33 -20.68 -5.61
N ASN E 122 45.24 -19.92 -6.23
CA ASN E 122 45.39 -20.00 -7.68
C ASN E 122 46.04 -21.30 -8.11
N ALA E 123 46.89 -21.89 -7.25
CA ALA E 123 47.50 -23.16 -7.57
C ALA E 123 46.50 -24.31 -7.47
N GLN E 124 45.41 -24.12 -6.71
CA GLN E 124 44.35 -25.11 -6.64
C GLN E 124 43.34 -24.91 -7.76
N ILE E 125 43.08 -23.66 -8.13
CA ILE E 125 42.14 -23.35 -9.21
C ILE E 125 42.73 -23.76 -10.57
N LEU E 126 44.03 -23.55 -10.77
CA LEU E 126 44.66 -23.83 -12.05
C LEU E 126 44.76 -25.32 -12.37
N ARG E 127 44.58 -26.19 -11.38
CA ARG E 127 44.61 -27.62 -11.65
C ARG E 127 43.32 -28.07 -12.32
N HIS E 128 42.21 -27.38 -12.08
CA HIS E 128 40.95 -27.65 -12.76
C HIS E 128 41.01 -27.00 -14.14
N GLU E 129 41.66 -27.70 -15.06
CA GLU E 129 42.12 -27.09 -16.30
C GLU E 129 41.00 -26.84 -17.29
N ASN E 130 39.89 -27.55 -17.19
CA ASN E 130 38.86 -27.50 -18.23
C ASN E 130 37.76 -26.48 -17.96
N SER E 131 37.84 -25.71 -16.88
CA SER E 131 36.80 -24.72 -16.60
C SER E 131 37.29 -23.32 -16.96
N ALA E 132 36.44 -22.33 -16.69
CA ALA E 132 36.77 -20.94 -16.97
C ALA E 132 37.66 -20.34 -15.90
N ALA E 133 37.62 -20.90 -14.68
CA ALA E 133 38.37 -20.33 -13.57
C ALA E 133 39.86 -20.49 -13.77
N GLY E 134 40.30 -21.64 -14.25
CA GLY E 134 41.70 -21.82 -14.59
C GLY E 134 42.15 -20.95 -15.73
N VAL E 135 41.25 -20.67 -16.68
CA VAL E 135 41.56 -19.77 -17.79
C VAL E 135 41.81 -18.35 -17.28
N LEU E 136 40.91 -17.85 -16.41
CA LEU E 136 41.10 -16.50 -15.89
C LEU E 136 42.30 -16.41 -14.95
N SER E 137 42.60 -17.49 -14.22
CA SER E 137 43.81 -17.52 -13.40
C SER E 137 45.07 -17.46 -14.27
N LEU E 138 45.09 -18.19 -15.37
CA LEU E 138 46.27 -18.20 -16.22
C LEU E 138 46.41 -16.87 -16.97
N VAL E 139 45.29 -16.20 -17.24
CA VAL E 139 45.35 -14.87 -17.84
C VAL E 139 45.87 -13.85 -16.84
N GLU E 140 45.40 -13.89 -15.59
CA GLU E 140 45.87 -12.89 -14.62
C GLU E 140 47.29 -13.18 -14.14
N THR E 141 47.82 -14.40 -14.33
CA THR E 141 49.24 -14.60 -14.08
C THR E 141 50.10 -14.12 -15.24
N LEU E 142 49.49 -13.86 -16.39
CA LEU E 142 50.24 -13.36 -17.55
C LEU E 142 49.71 -12.02 -18.03
N LEU E 150 40.98 -8.01 -20.83
CA LEU E 150 40.40 -7.47 -22.06
C LEU E 150 39.08 -6.76 -21.76
N MET E 151 38.11 -6.90 -22.67
CA MET E 151 36.77 -6.37 -22.45
C MET E 151 35.94 -7.28 -21.57
N LEU E 152 36.36 -8.53 -21.39
CA LEU E 152 35.62 -9.46 -20.54
C LEU E 152 35.81 -9.12 -19.07
N THR E 153 37.06 -9.03 -18.62
CA THR E 153 37.43 -8.93 -17.22
C THR E 153 37.21 -7.53 -16.65
N LYS E 154 36.55 -6.64 -17.39
CA LYS E 154 36.11 -5.38 -16.80
C LYS E 154 34.84 -5.58 -15.97
N GLY E 155 34.09 -6.65 -16.23
CA GLY E 155 32.88 -6.94 -15.49
C GLY E 155 32.98 -8.10 -14.53
N VAL E 156 33.88 -9.05 -14.81
CA VAL E 156 34.04 -10.23 -13.98
C VAL E 156 34.64 -9.85 -12.63
N VAL E 157 33.93 -10.19 -11.54
CA VAL E 157 34.42 -9.80 -10.22
C VAL E 157 35.47 -10.77 -9.72
N GLY E 158 35.22 -12.06 -9.84
CA GLY E 158 36.23 -13.05 -9.48
C GLY E 158 35.62 -14.37 -9.07
N VAL E 159 36.43 -15.43 -9.17
CA VAL E 159 36.01 -16.77 -8.81
C VAL E 159 35.76 -16.87 -7.31
N VAL E 160 34.61 -17.45 -6.93
CA VAL E 160 34.11 -17.38 -5.56
C VAL E 160 34.91 -18.18 -4.55
N ALA E 161 35.92 -18.95 -4.99
CA ALA E 161 36.88 -19.50 -4.05
C ALA E 161 37.92 -18.47 -3.63
N LYS E 162 37.95 -17.31 -4.30
CA LYS E 162 38.89 -16.24 -3.98
C LYS E 162 38.23 -15.05 -3.31
N LEU E 163 36.90 -14.94 -3.35
CA LEU E 163 36.24 -13.78 -2.77
C LEU E 163 35.98 -13.93 -1.28
N GLY E 164 36.09 -15.13 -0.72
CA GLY E 164 35.80 -15.34 0.69
C GLY E 164 36.88 -16.18 1.34
N LYS E 165 36.97 -16.02 2.67
CA LYS E 165 37.98 -16.70 3.48
C LYS E 165 37.37 -17.07 4.82
N VAL E 166 37.71 -18.26 5.31
CA VAL E 166 37.35 -18.71 6.65
C VAL E 166 38.60 -19.13 7.38
N ASN E 167 38.59 -18.98 8.70
CA ASN E 167 39.81 -19.11 9.49
C ASN E 167 40.24 -20.57 9.62
N ASP E 168 39.32 -21.46 9.98
CA ASP E 168 39.66 -22.84 10.30
C ASP E 168 39.50 -23.75 9.09
N GLU E 169 40.52 -24.59 8.88
CA GLU E 169 40.64 -25.40 7.66
C GLU E 169 39.60 -26.51 7.55
N ASN E 170 39.24 -27.13 8.68
CA ASN E 170 38.23 -28.19 8.66
C ASN E 170 36.87 -27.65 8.25
N LEU E 171 36.49 -26.49 8.79
CA LEU E 171 35.24 -25.85 8.40
C LEU E 171 35.31 -25.29 6.99
N SER E 172 36.52 -24.98 6.49
CA SER E 172 36.68 -24.60 5.09
C SER E 172 36.36 -25.77 4.17
N GLN E 173 36.90 -26.95 4.48
CA GLN E 173 36.63 -28.12 3.66
C GLN E 173 35.18 -28.55 3.77
N ILE E 174 34.56 -28.32 4.92
CA ILE E 174 33.13 -28.62 5.10
C ILE E 174 32.27 -27.72 4.23
N LEU E 175 32.47 -26.40 4.30
CA LEU E 175 31.68 -25.49 3.49
C LEU E 175 32.03 -25.54 2.00
N SER E 176 33.20 -26.07 1.66
CA SER E 176 33.52 -26.29 0.26
C SER E 176 32.88 -27.56 -0.28
N ASN E 177 32.78 -28.60 0.56
CA ASN E 177 32.09 -29.82 0.15
C ASN E 177 30.59 -29.61 0.04
N TYR E 178 30.04 -28.65 0.80
CA TYR E 178 28.61 -28.35 0.69
C TYR E 178 28.24 -27.85 -0.70
N LEU E 179 29.07 -26.99 -1.30
CA LEU E 179 28.67 -26.29 -2.51
C LEU E 179 29.07 -26.98 -3.80
N GLY E 180 30.10 -27.81 -3.78
CA GLY E 180 30.42 -28.50 -5.01
C GLY E 180 31.31 -27.68 -5.92
N THR E 181 32.20 -28.37 -6.63
CA THR E 181 33.24 -27.71 -7.41
C THR E 181 32.76 -27.11 -8.72
N ARG E 182 31.45 -27.12 -8.99
CA ARG E 182 30.94 -26.39 -10.14
C ARG E 182 30.43 -25.02 -9.73
N SER E 183 30.02 -24.86 -8.48
CA SER E 183 29.63 -23.57 -7.95
C SER E 183 30.67 -23.00 -6.99
N MET E 184 31.80 -23.69 -6.83
CA MET E 184 32.93 -23.12 -6.10
C MET E 184 33.93 -22.49 -7.06
N LEU E 185 33.93 -22.91 -8.31
CA LEU E 185 34.74 -22.31 -9.37
C LEU E 185 33.90 -21.43 -10.28
N ALA E 186 32.98 -20.66 -9.70
CA ALA E 186 31.99 -19.95 -10.48
C ALA E 186 32.37 -18.49 -10.68
N VAL E 187 32.34 -18.05 -11.94
CA VAL E 187 32.75 -16.71 -12.32
C VAL E 187 31.55 -15.78 -12.16
N VAL E 188 31.56 -14.98 -11.10
CA VAL E 188 30.48 -14.02 -10.89
C VAL E 188 30.72 -12.79 -11.76
N CYS E 189 29.71 -12.43 -12.54
CA CYS E 189 29.72 -11.22 -13.33
C CYS E 189 29.01 -10.12 -12.56
N ARG E 190 29.38 -8.88 -12.84
CA ARG E 190 28.76 -7.76 -12.13
C ARG E 190 27.37 -7.47 -12.68
N ASN E 191 27.10 -7.88 -13.91
CA ASN E 191 25.92 -7.40 -14.62
C ASN E 191 25.64 -8.37 -15.76
N TYR E 192 24.39 -8.37 -16.24
CA TYR E 192 23.97 -9.36 -17.23
C TYR E 192 24.63 -9.13 -18.59
N GLU E 193 24.99 -7.89 -18.92
CA GLU E 193 25.71 -7.63 -20.16
C GLU E 193 27.08 -8.28 -20.17
N SER E 194 27.70 -8.44 -18.99
CA SER E 194 28.92 -9.21 -18.92
C SER E 194 28.66 -10.70 -19.14
N VAL E 195 27.50 -11.21 -18.70
CA VAL E 195 27.13 -12.59 -18.93
C VAL E 195 26.91 -12.84 -20.41
N THR E 196 26.36 -11.84 -21.12
CA THR E 196 26.29 -11.94 -22.57
C THR E 196 27.67 -11.83 -23.22
N ALA E 197 28.60 -11.12 -22.58
CA ALA E 197 29.94 -10.99 -23.14
C ALA E 197 30.75 -12.28 -23.00
N LEU E 198 30.51 -13.06 -21.95
CA LEU E 198 31.30 -14.28 -21.73
C LEU E 198 31.03 -15.39 -22.73
N GLU E 199 29.82 -15.50 -23.26
CA GLU E 199 29.48 -16.55 -24.22
C GLU E 199 28.65 -15.97 -25.35
N ALA E 200 29.02 -16.31 -26.58
CA ALA E 200 28.32 -15.86 -27.79
C ALA E 200 28.02 -17.06 -28.67
N TYR E 201 26.94 -16.95 -29.45
CA TYR E 201 26.32 -18.08 -30.12
C TYR E 201 26.08 -17.78 -31.58
N ASP E 202 26.05 -18.84 -32.39
CA ASP E 202 25.71 -18.72 -33.80
C ASP E 202 24.20 -18.70 -33.98
N ASN E 203 23.75 -18.71 -35.23
CA ASN E 203 22.33 -18.83 -35.52
C ASN E 203 21.85 -20.28 -35.50
N HIS E 204 22.77 -21.24 -35.39
CA HIS E 204 22.37 -22.64 -35.40
C HIS E 204 22.09 -23.15 -33.99
N GLY E 205 22.98 -22.88 -33.04
CA GLY E 205 22.75 -23.28 -31.66
C GLY E 205 23.96 -23.79 -30.93
N ASN E 206 25.09 -23.91 -31.63
CA ASN E 206 26.32 -24.34 -30.97
C ASN E 206 27.06 -23.15 -30.38
N ILE E 207 28.13 -23.45 -29.63
CA ILE E 207 28.98 -22.40 -29.11
C ILE E 207 29.87 -21.87 -30.22
N ASP E 208 30.18 -20.59 -30.17
CA ASP E 208 31.02 -19.96 -31.18
C ASP E 208 32.45 -19.84 -30.66
N ILE E 209 33.42 -20.15 -31.51
CA ILE E 209 34.81 -20.09 -31.10
C ILE E 209 35.29 -18.64 -30.98
N ASN E 210 34.64 -17.70 -31.66
CA ASN E 210 34.95 -16.28 -31.53
C ASN E 210 34.11 -15.61 -30.45
N ALA E 211 33.72 -16.35 -29.42
CA ALA E 211 33.01 -15.80 -28.27
C ALA E 211 34.00 -15.16 -27.31
N GLY E 212 33.54 -14.85 -26.10
CA GLY E 212 34.41 -14.21 -25.14
C GLY E 212 35.50 -15.08 -24.57
N LEU E 213 35.14 -16.08 -23.74
CA LEU E 213 36.17 -16.81 -23.02
C LEU E 213 36.85 -17.86 -23.89
N HIS E 214 36.15 -18.40 -24.89
CA HIS E 214 36.70 -19.46 -25.72
C HIS E 214 37.87 -18.97 -26.57
N CYS E 215 37.86 -17.68 -26.96
CA CYS E 215 39.03 -17.07 -27.58
C CYS E 215 40.24 -17.10 -26.66
N LEU E 216 40.04 -16.83 -25.37
CA LEU E 216 41.16 -16.86 -24.44
C LEU E 216 41.63 -18.28 -24.18
N GLY E 217 40.68 -19.23 -24.12
CA GLY E 217 41.04 -20.61 -23.89
C GLY E 217 41.72 -21.26 -25.08
N SER E 218 41.44 -20.76 -26.29
CA SER E 218 42.16 -21.25 -27.47
C SER E 218 43.43 -20.45 -27.74
N SER E 219 43.49 -19.20 -27.27
CA SER E 219 44.70 -18.41 -27.40
C SER E 219 45.78 -18.92 -26.47
N ILE E 220 45.39 -19.46 -25.32
CA ILE E 220 46.37 -20.11 -24.45
C ILE E 220 46.51 -21.58 -24.81
N GLY E 221 45.38 -22.28 -24.96
CA GLY E 221 45.42 -23.72 -25.10
C GLY E 221 44.73 -24.38 -23.92
N ARG E 222 43.69 -23.73 -23.41
CA ARG E 222 43.18 -24.03 -22.08
C ARG E 222 41.90 -24.84 -22.04
N GLU E 223 41.19 -24.97 -23.18
CA GLU E 223 40.14 -25.99 -23.37
C GLU E 223 38.97 -25.93 -22.40
N ILE E 224 38.05 -24.97 -22.57
CA ILE E 224 36.94 -24.70 -21.65
C ILE E 224 35.76 -25.65 -21.91
N GLY E 225 36.02 -26.80 -22.52
CA GLY E 225 35.02 -27.82 -22.84
C GLY E 225 34.24 -28.40 -21.67
N ASP E 226 34.52 -28.01 -20.43
CA ASP E 226 33.68 -28.34 -19.29
C ASP E 226 32.71 -27.20 -19.02
N SER E 227 31.53 -27.54 -18.51
CA SER E 227 30.50 -26.54 -18.28
C SER E 227 30.85 -25.66 -17.08
N PHE E 228 30.41 -24.40 -17.15
CA PHE E 228 30.57 -23.47 -16.05
C PHE E 228 29.28 -22.68 -15.90
N ASP E 229 29.25 -21.80 -14.90
CA ASP E 229 28.09 -21.00 -14.57
C ASP E 229 28.48 -19.54 -14.45
N ALA E 230 27.52 -18.68 -14.09
CA ALA E 230 27.77 -17.24 -14.02
C ALA E 230 26.75 -16.60 -13.10
N ILE E 231 27.18 -16.19 -11.93
CA ILE E 231 26.32 -15.46 -11.00
C ILE E 231 26.22 -14.01 -11.46
N CYS E 232 25.00 -13.50 -11.57
CA CYS E 232 24.75 -12.12 -11.97
C CYS E 232 24.24 -11.35 -10.77
N LEU E 233 25.11 -10.54 -10.15
CA LEU E 233 24.80 -9.87 -8.89
C LEU E 233 23.65 -8.87 -8.99
N GLU E 234 23.32 -8.40 -10.19
CA GLU E 234 22.18 -7.52 -10.31
C GLU E 234 20.87 -8.31 -10.35
N ASN E 235 20.93 -9.58 -10.72
CA ASN E 235 19.75 -10.42 -10.83
C ASN E 235 19.51 -11.31 -9.62
N LEU E 236 20.46 -11.39 -8.69
CA LEU E 236 20.24 -12.14 -7.46
C LEU E 236 19.21 -11.45 -6.58
N ARG E 237 18.34 -12.22 -5.97
CA ARG E 237 17.39 -11.65 -5.02
C ARG E 237 18.06 -11.55 -3.65
N PRO E 238 18.22 -10.31 -3.11
CA PRO E 238 18.92 -10.10 -1.85
C PRO E 238 18.15 -10.48 -0.58
N TYR E 239 18.90 -10.75 0.49
CA TYR E 239 18.33 -11.06 1.83
C TYR E 239 17.72 -9.76 2.36
N VAL E 240 16.47 -9.81 2.83
CA VAL E 240 15.77 -8.58 3.32
C VAL E 240 15.94 -8.40 4.83
N GLY E 241 16.53 -9.39 5.51
CA GLY E 241 16.70 -9.30 6.97
C GLY E 241 17.69 -8.22 7.38
N GLN E 242 17.43 -7.56 8.51
CA GLN E 242 18.33 -6.47 9.01
C GLN E 242 19.67 -7.08 9.44
N HIS E 243 20.77 -6.37 9.20
CA HIS E 243 22.12 -6.85 9.58
C HIS E 243 22.37 -6.56 11.06
N ILE E 244 23.12 -7.43 11.73
CA ILE E 244 23.47 -7.19 13.13
C ILE E 244 23.83 -5.72 13.29
N ALA E 245 23.17 -5.05 14.25
CA ALA E 245 23.33 -3.61 14.40
C ALA E 245 24.70 -3.26 14.96
N ASP E 246 25.34 -2.27 14.32
CA ASP E 246 26.62 -1.68 14.75
C ASP E 246 27.74 -2.72 14.78
N ASP E 247 27.82 -3.53 13.73
CA ASP E 247 28.80 -4.59 13.63
C ASP E 247 29.90 -4.16 12.67
N LEU E 248 31.10 -4.74 12.85
CA LEU E 248 32.22 -4.45 11.97
C LEU E 248 32.08 -5.22 10.65
N GLN E 249 31.82 -6.53 10.72
CA GLN E 249 31.85 -7.40 9.57
C GLN E 249 30.52 -7.49 8.84
N ARG E 250 29.48 -6.84 9.39
CA ARG E 250 28.12 -6.78 8.82
C ARG E 250 27.53 -8.19 8.66
N ARG E 251 27.51 -8.92 9.76
CA ARG E 251 26.90 -10.24 9.79
C ARG E 251 25.38 -10.12 9.82
N LEU E 252 24.71 -11.24 9.49
CA LEU E 252 23.27 -11.25 9.35
C LEU E 252 22.63 -11.74 10.65
N ASP E 253 21.58 -11.06 11.09
CA ASP E 253 20.86 -11.49 12.30
C ASP E 253 19.75 -12.45 11.90
N LEU E 254 20.11 -13.71 11.75
CA LEU E 254 19.20 -14.78 11.40
C LEU E 254 18.63 -15.35 12.70
N LEU E 255 17.36 -15.74 12.67
CA LEU E 255 16.73 -16.29 13.87
C LEU E 255 17.28 -17.69 14.14
N LYS E 256 17.76 -17.89 15.36
CA LYS E 256 18.33 -19.15 15.75
C LYS E 256 17.22 -20.18 15.93
N PRO E 257 17.52 -21.47 15.73
CA PRO E 257 16.49 -22.49 15.95
C PRO E 257 16.20 -22.68 17.42
N LYS E 258 14.93 -22.91 17.74
CA LYS E 258 14.50 -23.15 19.11
C LYS E 258 13.63 -24.39 19.15
N LEU E 259 13.78 -25.14 20.23
CA LEU E 259 13.09 -26.41 20.45
C LEU E 259 11.64 -26.15 20.86
N PRO E 260 10.84 -27.20 21.12
CA PRO E 260 9.66 -26.99 21.96
C PRO E 260 9.96 -26.38 23.32
N ASN E 261 11.15 -26.63 23.88
CA ASN E 261 11.60 -25.87 25.04
C ASN E 261 12.04 -24.47 24.59
N GLY E 262 12.41 -23.64 25.58
CA GLY E 262 12.89 -22.31 25.26
C GLY E 262 14.32 -22.26 24.73
N GLU E 263 15.07 -23.35 24.89
CA GLU E 263 16.50 -23.31 24.65
C GLU E 263 16.85 -23.70 23.22
N CYS E 264 18.08 -23.38 22.84
CA CYS E 264 18.64 -23.74 21.54
C CYS E 264 19.00 -25.23 21.52
N PRO E 265 19.22 -25.81 20.33
CA PRO E 265 19.75 -27.17 20.26
C PRO E 265 21.15 -27.24 20.86
N PRO E 266 21.57 -28.42 21.34
CA PRO E 266 22.81 -28.47 22.13
C PRO E 266 24.07 -28.38 21.31
N GLY E 267 24.01 -28.65 20.01
CA GLY E 267 25.17 -28.60 19.15
C GLY E 267 25.26 -27.41 18.23
N PHE E 268 24.46 -26.37 18.44
CA PHE E 268 24.36 -25.28 17.50
C PHE E 268 25.45 -24.25 17.74
N LEU E 269 26.22 -23.94 16.69
CA LEU E 269 27.35 -23.03 16.80
C LEU E 269 27.33 -22.01 15.65
N GLY E 270 26.15 -21.66 15.18
CA GLY E 270 25.99 -20.60 14.23
C GLY E 270 25.66 -21.08 12.82
N PHE E 271 25.20 -20.13 12.00
CA PHE E 271 24.91 -20.33 10.60
C PHE E 271 26.21 -20.37 9.80
N ALA E 272 26.09 -20.53 8.47
CA ALA E 272 27.31 -20.61 7.68
C ALA E 272 27.49 -19.41 6.79
N VAL E 273 26.46 -18.58 6.64
CA VAL E 273 26.64 -17.33 5.90
C VAL E 273 27.40 -16.31 6.76
N ASN E 274 27.26 -16.41 8.08
CA ASN E 274 27.96 -15.52 9.00
C ASN E 274 29.39 -15.96 9.27
N MET E 275 29.81 -17.12 8.77
CA MET E 275 31.16 -17.62 9.07
C MET E 275 32.20 -17.27 8.02
N ILE E 276 31.80 -16.80 6.85
CA ILE E 276 32.76 -16.45 5.82
C ILE E 276 33.22 -15.02 6.02
N GLN E 277 34.51 -14.86 6.29
CA GLN E 277 35.09 -13.54 6.53
C GLN E 277 35.34 -12.90 5.18
N ILE E 278 34.52 -11.92 4.84
CA ILE E 278 34.52 -11.28 3.53
C ILE E 278 35.47 -10.09 3.60
N ASP E 279 36.08 -9.76 2.46
CA ASP E 279 37.08 -8.71 2.39
C ASP E 279 36.45 -7.35 2.63
N PRO E 280 37.18 -6.41 3.25
CA PRO E 280 36.58 -5.10 3.55
C PRO E 280 36.41 -4.22 2.34
N ALA E 281 37.00 -4.55 1.20
CA ALA E 281 36.73 -3.79 -0.01
C ALA E 281 35.33 -4.07 -0.54
N TYR E 282 34.77 -5.24 -0.24
CA TYR E 282 33.52 -5.72 -0.83
C TYR E 282 32.33 -5.64 0.11
N LEU E 283 32.50 -5.13 1.33
CA LEU E 283 31.42 -5.10 2.33
C LEU E 283 30.26 -4.22 1.89
N LEU E 284 30.54 -3.08 1.27
CA LEU E 284 29.48 -2.15 0.92
C LEU E 284 29.67 -1.64 -0.49
N CYS E 285 28.53 -1.27 -1.10
CA CYS E 285 28.46 -0.51 -2.34
C CYS E 285 29.10 -1.24 -3.51
N VAL E 286 28.94 -2.55 -3.56
CA VAL E 286 29.32 -3.31 -4.74
C VAL E 286 28.23 -3.23 -5.80
N THR E 287 27.04 -3.72 -5.46
CA THR E 287 25.88 -3.73 -6.33
C THR E 287 25.31 -2.31 -6.43
N SER E 288 24.61 -2.02 -7.54
CA SER E 288 23.99 -0.73 -7.82
C SER E 288 23.00 -0.26 -6.76
N TYR E 289 22.52 -1.14 -5.88
CA TYR E 289 21.69 -0.73 -4.76
C TYR E 289 22.48 -0.57 -3.47
N GLY E 290 23.77 -0.85 -3.49
CA GLY E 290 24.59 -0.72 -2.31
C GLY E 290 24.62 -1.93 -1.41
N TYR E 291 24.83 -3.12 -1.97
CA TYR E 291 24.82 -4.37 -1.22
C TYR E 291 26.22 -4.99 -1.27
N GLY E 292 26.51 -5.81 -0.27
CA GLY E 292 27.80 -6.45 -0.19
C GLY E 292 27.84 -7.74 -0.99
N LEU E 293 28.73 -8.64 -0.57
CA LEU E 293 28.74 -9.97 -1.14
C LEU E 293 28.16 -11.02 -0.20
N ARG E 294 28.11 -10.76 1.10
CA ARG E 294 27.44 -11.68 2.00
C ARG E 294 25.93 -11.61 1.85
N GLU E 295 25.40 -10.42 1.57
CA GLU E 295 23.96 -10.26 1.47
C GLU E 295 23.41 -10.83 0.16
N THR E 296 24.23 -10.89 -0.89
CA THR E 296 23.77 -11.41 -2.17
C THR E 296 24.43 -12.73 -2.53
N LEU E 297 25.75 -12.78 -2.66
CA LEU E 297 26.38 -13.96 -3.25
C LEU E 297 26.43 -15.11 -2.25
N PHE E 298 27.03 -14.88 -1.08
CA PHE E 298 27.15 -15.94 -0.10
C PHE E 298 25.87 -16.18 0.69
N TYR E 299 24.82 -15.41 0.43
CA TYR E 299 23.50 -15.78 0.91
C TYR E 299 22.74 -16.62 -0.11
N ASN E 300 22.86 -16.32 -1.40
CA ASN E 300 22.19 -17.13 -2.40
C ASN E 300 22.98 -18.37 -2.79
N LEU E 301 24.19 -18.54 -2.26
CA LEU E 301 24.84 -19.84 -2.41
C LEU E 301 24.35 -20.81 -1.34
N PHE E 302 24.06 -20.31 -0.14
CA PHE E 302 23.50 -21.14 0.93
C PHE E 302 22.68 -20.29 1.89
N SER E 303 21.37 -20.40 1.80
CA SER E 303 20.46 -19.62 2.61
C SER E 303 20.13 -20.36 3.89
N ARG E 304 20.20 -19.66 5.03
CA ARG E 304 19.58 -20.00 6.31
C ARG E 304 20.11 -21.28 6.96
N LEU E 305 21.15 -21.91 6.42
CA LEU E 305 21.50 -23.24 6.87
C LEU E 305 22.28 -23.19 8.18
N GLN E 306 22.18 -24.27 8.94
CA GLN E 306 22.80 -24.37 10.25
C GLN E 306 24.10 -25.18 10.16
N VAL E 307 25.01 -24.90 11.09
CA VAL E 307 26.24 -25.66 11.25
C VAL E 307 26.28 -26.18 12.68
N TYR E 308 26.17 -27.49 12.84
CA TYR E 308 26.17 -28.15 14.13
C TYR E 308 27.54 -28.77 14.40
N LYS E 309 27.74 -29.21 15.65
CA LYS E 309 29.07 -29.67 16.03
C LYS E 309 29.33 -31.11 15.62
N THR E 310 28.38 -32.01 15.91
CA THR E 310 28.52 -33.42 15.55
C THR E 310 27.27 -33.87 14.80
N ARG E 311 27.26 -35.15 14.40
CA ARG E 311 26.17 -35.68 13.59
C ARG E 311 24.96 -36.07 14.44
N ALA E 312 25.19 -36.56 15.66
CA ALA E 312 24.07 -36.90 16.54
C ALA E 312 23.31 -35.65 16.96
N ASP E 313 24.02 -34.54 17.18
CA ASP E 313 23.37 -33.25 17.43
C ASP E 313 22.59 -32.79 16.21
N MET E 314 23.04 -33.18 15.02
CA MET E 314 22.35 -32.81 13.80
C MET E 314 21.06 -33.61 13.61
N ILE E 315 21.12 -34.92 13.89
CA ILE E 315 19.96 -35.79 13.76
C ILE E 315 18.91 -35.46 14.82
N SER E 316 19.35 -35.12 16.05
CA SER E 316 18.41 -34.82 17.11
C SER E 316 17.70 -33.48 16.92
N ALA E 317 18.17 -32.64 16.00
CA ALA E 317 17.61 -31.31 15.79
C ALA E 317 16.81 -31.19 14.50
N LEU E 318 16.32 -32.31 13.97
CA LEU E 318 15.52 -32.26 12.75
C LEU E 318 14.21 -31.47 12.81
N PRO E 319 13.42 -31.42 13.91
CA PRO E 319 12.22 -30.56 13.87
C PRO E 319 12.49 -29.07 13.81
N CYS E 320 13.71 -28.62 14.06
CA CYS E 320 14.01 -27.20 14.08
C CYS E 320 14.96 -26.75 12.98
N ILE E 321 15.27 -27.61 12.00
CA ILE E 321 16.17 -27.19 10.94
C ILE E 321 15.46 -26.25 9.98
N SER E 322 16.24 -25.38 9.38
CA SER E 322 15.87 -24.49 8.30
C SER E 322 16.14 -25.21 6.97
N ASP E 323 16.34 -24.41 5.91
CA ASP E 323 16.60 -24.88 4.54
C ASP E 323 17.64 -26.00 4.41
N GLY E 324 18.65 -26.04 5.28
CA GLY E 324 19.60 -27.13 5.25
C GLY E 324 20.39 -27.21 6.54
N ALA E 325 21.32 -28.17 6.60
CA ALA E 325 22.18 -28.28 7.77
C ALA E 325 23.45 -29.02 7.39
N VAL E 326 24.57 -28.64 8.04
CA VAL E 326 25.83 -29.36 7.93
C VAL E 326 26.38 -29.48 9.35
N SER E 327 27.20 -30.50 9.58
CA SER E 327 27.90 -30.68 10.85
C SER E 327 29.39 -30.76 10.59
N LEU E 328 30.19 -30.47 11.63
CA LEU E 328 31.64 -30.51 11.48
C LEU E 328 32.19 -31.92 11.33
N ASP E 329 31.42 -32.95 11.68
CA ASP E 329 31.88 -34.31 11.49
C ASP E 329 31.94 -34.68 10.02
N GLY E 330 31.09 -34.07 9.20
CA GLY E 330 31.03 -34.39 7.78
C GLY E 330 29.67 -34.86 7.34
N GLY E 331 28.63 -34.45 8.06
CA GLY E 331 27.27 -34.81 7.74
C GLY E 331 26.56 -33.63 7.10
N ILE E 332 26.01 -33.87 5.91
CA ILE E 332 25.36 -32.84 5.12
C ILE E 332 23.92 -33.26 4.87
N ILE E 333 22.97 -32.35 5.09
CA ILE E 333 21.63 -32.49 4.51
C ILE E 333 21.28 -31.20 3.79
N ARG E 334 20.85 -31.33 2.53
CA ARG E 334 20.56 -30.19 1.66
C ARG E 334 19.11 -29.74 1.76
N LYS E 335 18.21 -30.67 2.03
CA LYS E 335 16.78 -30.41 2.02
C LYS E 335 16.17 -31.23 3.15
N THR E 336 14.93 -30.92 3.51
CA THR E 336 14.28 -31.56 4.66
C THR E 336 13.91 -33.02 4.43
N GLY E 337 14.19 -33.58 3.26
CA GLY E 337 13.97 -34.99 3.05
C GLY E 337 15.23 -35.76 2.73
N ILE E 338 16.28 -35.09 2.27
CA ILE E 338 17.45 -35.76 1.72
C ILE E 338 18.56 -35.82 2.77
N PHE E 339 18.99 -37.03 3.10
CA PHE E 339 20.03 -37.30 4.09
C PHE E 339 21.19 -37.94 3.36
N ASN E 340 22.24 -37.16 3.10
CA ASN E 340 23.42 -37.68 2.42
C ASN E 340 24.09 -38.76 3.26
N LEU E 341 24.66 -39.74 2.58
CA LEU E 341 25.31 -40.87 3.22
C LEU E 341 26.58 -41.19 2.46
N GLY E 342 27.16 -42.35 2.74
CA GLY E 342 28.29 -42.82 1.98
C GLY E 342 29.57 -42.08 2.27
N ASN E 343 30.61 -42.43 1.52
CA ASN E 343 31.90 -41.80 1.68
C ASN E 343 31.87 -40.37 1.16
N ARG E 344 32.79 -39.56 1.68
CA ARG E 344 32.76 -38.12 1.43
C ARG E 344 33.37 -37.79 0.08
N ASP E 345 32.58 -37.12 -0.75
CA ASP E 345 33.08 -36.57 -2.01
C ASP E 345 34.03 -35.41 -1.69
N GLU E 346 35.17 -35.40 -2.35
CA GLU E 346 36.15 -34.34 -2.12
C GLU E 346 35.97 -33.22 -3.14
N VAL E 347 36.09 -32.00 -2.66
CA VAL E 347 36.24 -30.81 -3.50
C VAL E 347 37.67 -30.32 -3.32
N ASN E 348 38.39 -30.20 -4.43
CA ASN E 348 39.82 -29.92 -4.34
C ASN E 348 40.10 -28.49 -3.90
N VAL E 349 39.32 -27.53 -4.39
CA VAL E 349 39.50 -26.15 -3.97
C VAL E 349 38.70 -25.91 -2.70
N ARG E 350 39.09 -24.86 -1.98
CA ARG E 350 38.43 -24.48 -0.74
C ARG E 350 38.78 -23.03 -0.44
N PHE E 351 38.02 -22.44 0.49
CA PHE E 351 38.31 -21.10 0.98
C PHE E 351 39.67 -21.06 1.66
N ALA E 352 40.38 -19.94 1.50
CA ALA E 352 41.69 -19.77 2.10
C ALA E 352 41.58 -19.22 3.51
N LYS E 353 42.72 -19.11 4.17
CA LYS E 353 42.80 -18.53 5.51
C LYS E 353 43.15 -17.04 5.40
N PRO E 354 42.48 -16.18 6.15
CA PRO E 354 42.84 -14.75 6.10
C PRO E 354 44.14 -14.48 6.84
N THR E 355 44.88 -13.50 6.31
CA THR E 355 46.16 -13.10 6.88
C THR E 355 46.02 -11.78 7.61
N ALA E 356 46.94 -11.53 8.53
CA ALA E 356 46.89 -10.36 9.40
C ALA E 356 48.08 -9.45 9.10
N SER E 357 47.80 -8.26 8.58
CA SER E 357 48.81 -7.24 8.34
C SER E 357 48.12 -5.89 8.38
N ARG E 358 48.80 -4.90 8.96
CA ARG E 358 48.15 -3.62 9.24
C ARG E 358 48.25 -2.64 8.08
N THR E 359 49.31 -2.72 7.27
CA THR E 359 49.43 -1.83 6.11
C THR E 359 48.40 -2.17 5.05
N MET E 360 48.22 -3.47 4.77
CA MET E 360 47.17 -3.90 3.86
C MET E 360 45.79 -3.62 4.43
N ASP E 361 45.66 -3.66 5.77
CA ASP E 361 44.39 -3.29 6.40
C ASP E 361 44.06 -1.82 6.19
N ASN E 362 45.07 -0.95 6.29
CA ASN E 362 44.85 0.48 6.09
C ASN E 362 44.56 0.78 4.62
N TYR E 363 45.23 0.08 3.71
CA TYR E 363 44.96 0.24 2.28
C TYR E 363 43.56 -0.25 1.93
N SER E 364 43.10 -1.33 2.58
CA SER E 364 41.76 -1.84 2.31
C SER E 364 40.69 -0.95 2.91
N GLU E 365 40.96 -0.32 4.05
CA GLU E 365 40.03 0.69 4.57
C GLU E 365 39.93 1.89 3.64
N ALA E 366 41.07 2.31 3.07
CA ALA E 366 41.06 3.38 2.08
C ALA E 366 40.26 3.00 0.84
N GLU E 367 40.37 1.73 0.42
CA GLU E 367 39.64 1.28 -0.75
C GLU E 367 38.15 1.14 -0.48
N LYS E 368 37.77 0.79 0.76
CA LYS E 368 36.35 0.76 1.12
C LYS E 368 35.74 2.16 1.11
N LYS E 369 36.47 3.14 1.65
CA LYS E 369 35.97 4.52 1.60
C LYS E 369 35.93 5.04 0.16
N MET E 370 36.88 4.62 -0.67
CA MET E 370 36.87 4.94 -2.10
C MET E 370 35.62 4.42 -2.79
N LYS E 371 35.25 3.16 -2.52
CA LYS E 371 34.10 2.56 -3.18
C LYS E 371 32.80 3.21 -2.72
N GLU E 372 32.72 3.59 -1.44
CA GLU E 372 31.54 4.31 -0.95
C GLU E 372 31.41 5.69 -1.59
N LEU E 373 32.54 6.38 -1.79
CA LEU E 373 32.52 7.67 -2.47
C LEU E 373 32.10 7.54 -3.93
N LYS E 374 32.59 6.50 -4.62
CA LYS E 374 32.21 6.29 -6.02
C LYS E 374 30.72 5.98 -6.15
N TRP E 375 30.17 5.23 -5.19
CA TRP E 375 28.74 4.94 -5.22
C TRP E 375 27.90 6.20 -5.00
N LYS E 376 28.31 7.06 -4.05
CA LYS E 376 27.58 8.32 -3.84
C LYS E 376 27.66 9.22 -5.07
N LYS E 377 28.80 9.23 -5.76
CA LYS E 377 28.94 10.03 -6.97
C LYS E 377 28.05 9.52 -8.10
N GLU E 378 27.98 8.20 -8.26
CA GLU E 378 27.12 7.62 -9.31
C GLU E 378 25.65 7.89 -9.02
N LYS E 379 25.24 7.88 -7.75
CA LYS E 379 23.85 8.22 -7.46
C LYS E 379 23.54 9.69 -7.67
N THR E 380 24.51 10.58 -7.42
CA THR E 380 24.32 11.99 -7.76
C THR E 380 24.20 12.18 -9.28
N LEU E 381 24.92 11.37 -10.04
CA LEU E 381 24.81 11.42 -11.50
C LEU E 381 23.46 10.89 -11.98
N GLU E 382 22.92 9.87 -11.31
CA GLU E 382 21.56 9.41 -11.58
C GLU E 382 20.55 10.53 -11.34
N ASP E 383 20.74 11.29 -10.26
CA ASP E 383 19.80 12.37 -9.97
C ASP E 383 19.92 13.53 -10.94
N ILE E 384 21.11 13.81 -11.46
CA ILE E 384 21.20 14.91 -12.44
C ILE E 384 20.57 14.48 -13.76
N LYS E 385 20.67 13.18 -14.11
CA LYS E 385 19.94 12.65 -15.26
C LYS E 385 18.43 12.80 -15.08
N ARG E 386 17.95 12.54 -13.86
CA ARG E 386 16.53 12.66 -13.54
C ARG E 386 16.03 14.10 -13.67
N GLU E 387 16.82 15.05 -13.19
CA GLU E 387 16.35 16.44 -13.27
C GLU E 387 16.50 17.02 -14.68
N GLN E 388 17.42 16.50 -15.49
CA GLN E 388 17.43 16.82 -16.92
C GLN E 388 16.18 16.32 -17.61
N VAL E 389 15.71 15.11 -17.23
CA VAL E 389 14.46 14.58 -17.77
C VAL E 389 13.28 15.48 -17.42
N LEU E 390 13.29 16.09 -16.23
CA LEU E 390 12.25 17.08 -15.91
C LEU E 390 12.39 18.37 -16.73
N ARG E 391 13.61 18.89 -16.87
CA ARG E 391 13.74 20.19 -17.54
C ARG E 391 13.48 20.12 -19.04
N GLU E 392 13.64 18.94 -19.66
CA GLU E 392 13.25 18.80 -21.06
C GLU E 392 11.75 18.98 -21.25
N HIS E 393 10.95 18.44 -20.33
CA HIS E 393 9.51 18.62 -20.39
C HIS E 393 9.13 20.06 -20.10
N ALA E 394 9.88 20.73 -19.23
CA ALA E 394 9.63 22.16 -19.00
C ALA E 394 9.90 22.99 -20.25
N VAL E 395 11.01 22.69 -20.95
CA VAL E 395 11.35 23.36 -22.22
C VAL E 395 10.25 23.13 -23.26
N PHE E 396 9.82 21.87 -23.41
CA PHE E 396 8.82 21.53 -24.41
C PHE E 396 7.48 22.21 -24.13
N ASN E 397 7.07 22.26 -22.85
CA ASN E 397 5.81 22.90 -22.51
C ASN E 397 5.87 24.41 -22.72
N PHE E 398 7.01 25.03 -22.38
CA PHE E 398 7.16 26.48 -22.58
C PHE E 398 7.18 26.82 -24.07
N GLY E 399 7.86 26.02 -24.89
CA GLY E 399 7.89 26.27 -26.31
C GLY E 399 6.54 26.07 -26.99
N LYS E 400 5.80 25.03 -26.56
CA LYS E 400 4.47 24.81 -27.11
C LYS E 400 3.50 25.92 -26.70
N LYS E 401 3.66 26.44 -25.47
CA LYS E 401 2.81 27.55 -25.03
C LYS E 401 3.15 28.83 -25.77
N LYS E 402 4.44 29.04 -26.08
CA LYS E 402 4.83 30.20 -26.89
C LYS E 402 4.27 30.10 -28.31
N GLU E 403 4.30 28.90 -28.89
CA GLU E 403 3.70 28.69 -30.21
C GLU E 403 2.20 28.94 -30.20
N GLU E 404 1.53 28.52 -29.12
CA GLU E 404 0.09 28.76 -29.00
C GLU E 404 -0.23 30.25 -28.84
N PHE E 405 0.59 30.97 -28.06
CA PHE E 405 0.33 32.39 -27.84
C PHE E 405 0.61 33.23 -29.08
N VAL E 406 1.72 32.95 -29.78
CA VAL E 406 2.05 33.70 -30.98
C VAL E 406 1.11 33.31 -32.13
N ARG E 407 0.59 32.08 -32.12
CA ARG E 407 -0.39 31.67 -33.12
C ARG E 407 -1.70 32.45 -32.99
N CYS E 408 -2.05 32.87 -31.78
CA CYS E 408 -3.23 33.71 -31.57
C CYS E 408 -2.86 35.02 -30.89
N ILE F 46 -24.75 38.56 -34.56
CA ILE F 46 -24.67 37.66 -33.43
C ILE F 46 -24.89 36.23 -33.90
N ALA F 47 -25.31 36.10 -35.16
CA ALA F 47 -25.75 34.81 -35.68
C ALA F 47 -24.61 33.84 -35.96
N HIS F 48 -23.39 34.34 -36.14
CA HIS F 48 -22.27 33.46 -36.44
C HIS F 48 -21.86 32.64 -35.23
N ALA F 49 -21.96 33.24 -34.03
CA ALA F 49 -21.67 32.49 -32.80
C ALA F 49 -22.73 31.42 -32.55
N GLU F 50 -23.99 31.73 -32.82
CA GLU F 50 -25.06 30.75 -32.65
C GLU F 50 -24.93 29.61 -33.66
N PHE F 51 -24.58 29.93 -34.90
CA PHE F 51 -24.33 28.89 -35.90
C PHE F 51 -23.12 28.05 -35.54
N ALA F 52 -22.11 28.68 -34.94
CA ALA F 52 -20.92 27.94 -34.49
C ALA F 52 -21.27 26.98 -33.36
N MET F 53 -22.12 27.42 -32.43
CA MET F 53 -22.57 26.54 -31.35
C MET F 53 -23.39 25.38 -31.88
N PHE F 54 -24.29 25.65 -32.84
CA PHE F 54 -25.14 24.59 -33.40
C PHE F 54 -24.30 23.55 -34.15
N ASN F 55 -23.36 24.03 -34.97
CA ASN F 55 -22.51 23.12 -35.74
C ASN F 55 -21.57 22.36 -34.83
N SER F 56 -21.07 23.00 -33.78
CA SER F 56 -20.15 22.33 -32.85
C SER F 56 -20.88 21.27 -32.03
N LYS F 57 -22.13 21.54 -31.64
CA LYS F 57 -22.91 20.54 -30.92
C LYS F 57 -23.23 19.33 -31.79
N ARG F 58 -23.60 19.57 -33.06
CA ARG F 58 -23.90 18.49 -33.98
C ARG F 58 -22.66 17.63 -34.25
N LEU F 59 -21.53 18.28 -34.48
CA LEU F 59 -20.30 17.54 -34.74
C LEU F 59 -19.78 16.83 -33.50
N GLU F 60 -19.98 17.40 -32.31
CA GLU F 60 -19.58 16.72 -31.08
C GLU F 60 -20.45 15.49 -30.81
N SER F 61 -21.75 15.58 -31.13
CA SER F 61 -22.63 14.43 -30.94
C SER F 61 -22.28 13.30 -31.90
N ASP F 62 -22.01 13.62 -33.17
CA ASP F 62 -21.59 12.59 -34.13
C ASP F 62 -20.24 11.99 -33.75
N LEU F 63 -19.33 12.83 -33.23
CA LEU F 63 -18.01 12.38 -32.83
C LEU F 63 -18.11 11.50 -31.58
N GLU F 64 -19.07 11.78 -30.70
CA GLU F 64 -19.29 10.95 -29.52
C GLU F 64 -19.88 9.59 -29.90
N ALA F 65 -20.75 9.56 -30.91
CA ALA F 65 -21.28 8.29 -31.40
C ALA F 65 -20.17 7.44 -32.03
N MET F 66 -19.24 8.09 -32.74
CA MET F 66 -18.09 7.36 -33.26
C MET F 66 -17.17 6.87 -32.14
N GLY F 67 -17.11 7.62 -31.02
CA GLY F 67 -16.38 7.13 -29.86
C GLY F 67 -17.03 5.91 -29.22
N ASN F 68 -18.37 5.87 -29.20
CA ASN F 68 -19.07 4.66 -28.75
C ASN F 68 -18.75 3.47 -29.64
N LYS F 69 -18.66 3.70 -30.96
CA LYS F 69 -18.32 2.62 -31.87
C LYS F 69 -16.91 2.09 -31.64
N ILE F 70 -15.93 2.99 -31.45
CA ILE F 70 -14.55 2.51 -31.24
C ILE F 70 -14.40 1.84 -29.86
N LYS F 71 -15.21 2.24 -28.87
CA LYS F 71 -15.26 1.51 -27.60
C LYS F 71 -15.77 0.10 -27.80
N GLN F 72 -16.80 -0.05 -28.64
CA GLN F 72 -17.37 -1.39 -28.88
C GLN F 72 -16.38 -2.29 -29.61
N HIS F 73 -15.60 -1.72 -30.53
CA HIS F 73 -14.59 -2.53 -31.23
C HIS F 73 -13.45 -2.93 -30.29
N GLU F 74 -13.04 -2.05 -29.38
CA GLU F 74 -12.00 -2.43 -28.43
C GLU F 74 -12.50 -3.50 -27.45
N ASP F 75 -13.79 -3.46 -27.09
CA ASP F 75 -14.34 -4.50 -26.23
C ASP F 75 -14.39 -5.85 -26.94
N ASN F 76 -14.73 -5.86 -28.24
CA ASN F 76 -14.69 -7.11 -29.00
C ASN F 76 -13.27 -7.65 -29.12
N LEU F 77 -12.28 -6.75 -29.27
CA LEU F 77 -10.89 -7.18 -29.28
C LEU F 77 -10.47 -7.79 -27.95
N LYS F 78 -10.93 -7.22 -26.83
CA LYS F 78 -10.61 -7.76 -25.52
C LYS F 78 -11.17 -9.16 -25.33
N PHE F 79 -12.44 -9.36 -25.75
CA PHE F 79 -13.07 -10.68 -25.67
C PHE F 79 -12.34 -11.71 -26.53
N LEU F 80 -11.98 -11.33 -27.76
CA LEU F 80 -11.33 -12.29 -28.65
C LEU F 80 -9.89 -12.62 -28.21
N LYS F 81 -9.17 -11.65 -27.64
CA LYS F 81 -7.85 -11.97 -27.10
C LYS F 81 -7.96 -12.88 -25.87
N SER F 82 -9.04 -12.75 -25.10
CA SER F 82 -9.26 -13.68 -23.99
C SER F 82 -9.55 -15.09 -24.49
N GLN F 83 -10.31 -15.21 -25.59
CA GLN F 83 -10.59 -16.52 -26.16
C GLN F 83 -9.33 -17.16 -26.74
N LYS F 84 -8.46 -16.35 -27.37
CA LYS F 84 -7.18 -16.85 -27.86
C LYS F 84 -6.28 -17.31 -26.72
N ASN F 85 -6.31 -16.58 -25.60
CA ASN F 85 -5.61 -17.01 -24.39
C ASN F 85 -6.09 -18.36 -23.91
N LYS F 86 -7.41 -18.59 -23.94
CA LYS F 86 -7.97 -19.87 -23.52
C LYS F 86 -7.53 -21.01 -24.44
N MET F 87 -7.50 -20.76 -25.75
CA MET F 87 -7.10 -21.81 -26.69
C MET F 87 -5.62 -22.14 -26.57
N ASP F 88 -4.77 -21.13 -26.34
CA ASP F 88 -3.35 -21.40 -26.18
C ASP F 88 -3.06 -22.09 -24.85
N GLU F 89 -3.81 -21.72 -23.80
CA GLU F 89 -3.81 -22.45 -22.54
C GLU F 89 -4.15 -23.92 -22.75
N ALA F 90 -5.15 -24.20 -23.59
CA ALA F 90 -5.55 -25.58 -23.84
C ALA F 90 -4.49 -26.35 -24.64
N ILE F 91 -3.77 -25.67 -25.55
CA ILE F 91 -2.69 -26.34 -26.28
C ILE F 91 -1.55 -26.71 -25.34
N VAL F 92 -1.18 -25.79 -24.43
CA VAL F 92 -0.14 -26.09 -23.44
C VAL F 92 -0.59 -27.20 -22.50
N ASP F 93 -1.89 -27.22 -22.16
CA ASP F 93 -2.45 -28.33 -21.38
C ASP F 93 -2.38 -29.66 -22.14
N LEU F 94 -2.56 -29.64 -23.45
CA LEU F 94 -2.44 -30.86 -24.25
C LEU F 94 -1.00 -31.38 -24.30
N GLN F 95 -0.02 -30.48 -24.31
CA GLN F 95 1.36 -30.93 -24.55
C GLN F 95 2.06 -31.51 -23.32
N VAL F 96 1.37 -31.97 -22.26
CA VAL F 96 2.10 -32.44 -21.08
C VAL F 96 2.70 -33.83 -21.31
N HIS F 97 1.87 -34.82 -21.55
CA HIS F 97 2.38 -36.17 -21.84
C HIS F 97 1.63 -36.84 -22.97
N MET F 98 0.60 -36.20 -23.53
CA MET F 98 -0.17 -36.79 -24.60
C MET F 98 0.62 -36.83 -25.90
N SER F 99 1.19 -35.70 -26.31
CA SER F 99 1.96 -35.65 -27.54
C SER F 99 3.29 -36.35 -27.37
N LYS F 100 3.61 -37.23 -28.33
CA LYS F 100 4.78 -38.10 -28.21
C LYS F 100 6.10 -37.39 -28.48
N LEU F 101 6.08 -36.15 -28.95
CA LEU F 101 7.30 -35.47 -29.32
C LEU F 101 7.11 -33.97 -29.20
N ASN F 102 7.90 -33.34 -28.32
CA ASN F 102 8.00 -31.90 -28.30
C ASN F 102 8.74 -31.40 -29.52
N SER F 103 8.42 -30.19 -29.97
CA SER F 103 9.11 -29.59 -31.10
C SER F 103 10.53 -29.23 -30.69
N SER F 104 11.50 -29.93 -31.28
CA SER F 104 12.89 -29.81 -30.84
C SER F 104 13.66 -28.86 -31.74
N PRO F 105 14.51 -27.97 -31.19
CA PRO F 105 15.40 -27.12 -31.97
C PRO F 105 16.68 -27.84 -32.41
N ASP F 120 18.48 -49.96 -22.63
CA ASP F 120 18.19 -50.62 -21.36
C ASP F 120 18.72 -49.78 -20.21
N ILE F 121 17.83 -49.45 -19.27
CA ILE F 121 18.21 -48.54 -18.18
C ILE F 121 19.04 -49.24 -17.11
N ASN F 122 18.95 -50.56 -17.01
CA ASN F 122 19.75 -51.30 -16.04
C ASN F 122 21.23 -51.26 -16.40
N ALA F 123 21.54 -51.34 -17.70
CA ALA F 123 22.92 -51.18 -18.13
C ALA F 123 23.42 -49.76 -17.91
N GLN F 124 22.53 -48.77 -18.03
CA GLN F 124 22.91 -47.38 -17.76
C GLN F 124 23.24 -47.17 -16.30
N ILE F 125 22.51 -47.84 -15.40
CA ILE F 125 22.85 -47.79 -13.98
C ILE F 125 24.15 -48.54 -13.72
N LEU F 126 24.32 -49.72 -14.34
CA LEU F 126 25.50 -50.55 -14.11
C LEU F 126 26.78 -49.98 -14.71
N ARG F 127 26.70 -48.98 -15.61
CA ARG F 127 27.93 -48.34 -16.06
C ARG F 127 28.60 -47.56 -14.93
N HIS F 128 27.81 -47.00 -14.02
CA HIS F 128 28.34 -46.22 -12.90
C HIS F 128 28.86 -47.21 -11.86
N GLU F 129 30.18 -47.40 -11.85
CA GLU F 129 30.78 -48.56 -11.21
C GLU F 129 30.74 -48.47 -9.69
N ASN F 130 30.65 -47.26 -9.15
CA ASN F 130 30.93 -47.08 -7.73
C ASN F 130 29.73 -46.66 -6.89
N SER F 131 28.59 -46.34 -7.49
CA SER F 131 27.50 -45.80 -6.68
C SER F 131 26.68 -46.93 -6.04
N ALA F 132 25.61 -46.54 -5.35
CA ALA F 132 24.78 -47.50 -4.63
C ALA F 132 23.77 -48.17 -5.55
N ALA F 133 23.22 -47.42 -6.51
CA ALA F 133 22.21 -47.96 -7.42
C ALA F 133 22.79 -49.04 -8.32
N GLY F 134 24.08 -48.95 -8.65
CA GLY F 134 24.74 -50.04 -9.35
C GLY F 134 24.75 -51.33 -8.54
N VAL F 135 24.98 -51.21 -7.23
CA VAL F 135 24.97 -52.37 -6.34
C VAL F 135 23.56 -52.94 -6.23
N LEU F 136 22.55 -52.07 -6.12
CA LEU F 136 21.16 -52.53 -6.07
C LEU F 136 20.74 -53.24 -7.34
N SER F 137 21.10 -52.68 -8.50
CA SER F 137 20.74 -53.32 -9.76
C SER F 137 21.52 -54.60 -10.01
N LEU F 138 22.74 -54.70 -9.49
CA LEU F 138 23.49 -55.94 -9.71
C LEU F 138 23.06 -57.03 -8.74
N VAL F 139 22.53 -56.66 -7.57
CA VAL F 139 21.87 -57.64 -6.72
C VAL F 139 20.56 -58.10 -7.36
N GLU F 140 19.79 -57.17 -7.93
CA GLU F 140 18.50 -57.51 -8.51
C GLU F 140 18.64 -58.34 -9.78
N THR F 141 19.70 -58.10 -10.57
CA THR F 141 19.93 -58.92 -11.75
C THR F 141 20.72 -60.19 -11.45
N LEU F 142 21.09 -60.43 -10.20
CA LEU F 142 21.79 -61.65 -9.83
C LEU F 142 20.79 -62.79 -9.68
N LEU F 150 18.50 -57.94 4.85
CA LEU F 150 17.29 -58.33 4.15
C LEU F 150 16.22 -57.25 4.28
N MET F 151 16.31 -56.45 5.34
CA MET F 151 15.37 -55.35 5.54
C MET F 151 15.61 -54.20 4.57
N LEU F 152 16.84 -54.10 4.05
CA LEU F 152 17.14 -53.07 3.06
C LEU F 152 16.43 -53.34 1.73
N THR F 153 16.20 -54.61 1.40
CA THR F 153 15.39 -54.92 0.22
C THR F 153 13.90 -54.69 0.48
N LYS F 154 13.51 -54.54 1.74
CA LYS F 154 12.12 -54.32 2.11
C LYS F 154 11.77 -52.84 2.22
N GLY F 155 12.74 -52.00 2.60
CA GLY F 155 12.45 -50.59 2.80
C GLY F 155 12.52 -49.73 1.55
N VAL F 156 13.32 -50.13 0.57
CA VAL F 156 13.60 -49.28 -0.59
C VAL F 156 12.47 -49.38 -1.61
N VAL F 157 11.93 -48.24 -2.02
CA VAL F 157 10.98 -48.23 -3.12
C VAL F 157 11.70 -48.45 -4.44
N GLY F 158 12.79 -47.73 -4.68
CA GLY F 158 13.60 -47.89 -5.88
C GLY F 158 14.19 -46.58 -6.36
N VAL F 159 15.35 -46.64 -7.00
CA VAL F 159 16.14 -45.46 -7.29
C VAL F 159 15.48 -44.59 -8.36
N VAL F 160 15.76 -43.28 -8.30
CA VAL F 160 14.97 -42.26 -9.00
C VAL F 160 15.13 -42.33 -10.52
N ALA F 161 16.21 -42.95 -11.01
CA ALA F 161 16.30 -43.21 -12.44
C ALA F 161 15.30 -44.27 -12.88
N LYS F 162 14.97 -45.22 -11.99
CA LYS F 162 14.06 -46.31 -12.32
C LYS F 162 12.59 -45.95 -12.13
N LEU F 163 12.27 -44.87 -11.43
CA LEU F 163 10.88 -44.60 -11.11
C LEU F 163 10.15 -43.80 -12.19
N GLY F 164 10.89 -43.14 -13.09
CA GLY F 164 10.23 -42.26 -14.03
C GLY F 164 10.30 -42.70 -15.49
N LYS F 165 9.40 -42.18 -16.32
CA LYS F 165 9.37 -42.44 -17.75
C LYS F 165 8.94 -41.18 -18.48
N VAL F 166 9.59 -40.88 -19.60
CA VAL F 166 9.36 -39.68 -20.39
C VAL F 166 9.22 -40.07 -21.86
N ASN F 167 8.23 -39.47 -22.54
CA ASN F 167 7.91 -39.81 -23.92
C ASN F 167 9.06 -39.54 -24.89
N ASP F 168 9.67 -38.37 -24.79
CA ASP F 168 10.63 -37.90 -25.78
C ASP F 168 12.04 -37.82 -25.21
N GLU F 169 13.01 -38.11 -26.08
CA GLU F 169 14.40 -38.27 -25.63
C GLU F 169 15.04 -36.94 -25.24
N ASN F 170 14.67 -35.85 -25.91
CA ASN F 170 15.32 -34.56 -25.66
C ASN F 170 14.95 -34.02 -24.28
N LEU F 171 13.67 -34.09 -23.92
CA LEU F 171 13.24 -33.55 -22.64
C LEU F 171 13.73 -34.40 -21.48
N SER F 172 13.82 -35.72 -21.68
CA SER F 172 14.37 -36.60 -20.66
C SER F 172 15.87 -36.37 -20.46
N GLN F 173 16.61 -36.20 -21.57
CA GLN F 173 18.04 -35.93 -21.46
C GLN F 173 18.31 -34.58 -20.78
N ILE F 174 17.48 -33.59 -21.06
CA ILE F 174 17.78 -32.30 -20.45
C ILE F 174 17.33 -32.23 -18.99
N LEU F 175 16.29 -32.99 -18.59
CA LEU F 175 16.01 -33.10 -17.16
C LEU F 175 17.07 -33.92 -16.43
N SER F 176 17.64 -34.94 -17.09
CA SER F 176 18.72 -35.70 -16.48
C SER F 176 20.00 -34.88 -16.37
N ASN F 177 20.19 -33.91 -17.25
CA ASN F 177 21.29 -32.97 -17.08
C ASN F 177 20.97 -31.90 -16.05
N TYR F 178 19.68 -31.62 -15.84
CA TYR F 178 19.26 -30.68 -14.81
C TYR F 178 19.55 -31.21 -13.41
N LEU F 179 19.05 -32.42 -13.10
CA LEU F 179 19.10 -32.89 -11.72
C LEU F 179 20.50 -33.28 -11.28
N GLY F 180 21.38 -33.59 -12.21
CA GLY F 180 22.70 -34.03 -11.80
C GLY F 180 22.75 -35.51 -11.55
N THR F 181 23.93 -36.09 -11.76
CA THR F 181 24.09 -37.54 -11.75
C THR F 181 24.23 -38.13 -10.36
N ARG F 182 23.83 -37.41 -9.31
CA ARG F 182 23.76 -37.95 -7.96
C ARG F 182 22.39 -37.72 -7.34
N SER F 183 21.61 -36.79 -7.89
CA SER F 183 20.18 -36.75 -7.61
C SER F 183 19.40 -37.62 -8.58
N MET F 184 20.08 -38.35 -9.46
CA MET F 184 19.46 -39.37 -10.30
C MET F 184 19.71 -40.76 -9.75
N LEU F 185 20.85 -40.95 -9.08
CA LEU F 185 21.18 -42.22 -8.44
C LEU F 185 20.83 -42.22 -6.96
N ALA F 186 19.86 -41.42 -6.56
CA ALA F 186 19.43 -41.40 -5.16
C ALA F 186 18.71 -42.70 -4.82
N VAL F 187 18.96 -43.20 -3.63
CA VAL F 187 18.30 -44.41 -3.14
C VAL F 187 17.20 -43.96 -2.21
N VAL F 188 15.99 -44.11 -2.63
CA VAL F 188 14.85 -43.53 -1.92
C VAL F 188 14.43 -44.51 -0.83
N CYS F 189 13.74 -44.02 0.19
CA CYS F 189 13.28 -44.85 1.29
C CYS F 189 11.92 -44.39 1.77
N ARG F 190 11.13 -45.34 2.28
CA ARG F 190 9.79 -45.03 2.76
C ARG F 190 9.82 -44.47 4.17
N ASN F 191 10.65 -45.06 5.04
CA ASN F 191 10.73 -44.69 6.45
C ASN F 191 12.16 -44.35 6.81
N TYR F 192 12.31 -43.50 7.84
CA TYR F 192 13.63 -43.15 8.36
C TYR F 192 14.36 -44.35 8.96
N GLU F 193 13.63 -45.38 9.40
CA GLU F 193 14.27 -46.58 9.91
C GLU F 193 15.02 -47.32 8.81
N SER F 194 14.55 -47.23 7.56
CA SER F 194 15.30 -47.78 6.44
C SER F 194 16.60 -47.01 6.20
N VAL F 195 16.56 -45.69 6.31
CA VAL F 195 17.75 -44.86 6.10
C VAL F 195 18.78 -45.11 7.20
N THR F 196 18.34 -45.22 8.45
CA THR F 196 19.28 -45.60 9.48
C THR F 196 19.60 -47.09 9.49
N ALA F 197 18.97 -47.88 8.62
CA ALA F 197 19.42 -49.23 8.36
C ALA F 197 20.38 -49.34 7.16
N LEU F 198 20.43 -48.33 6.28
CA LEU F 198 21.32 -48.42 5.13
C LEU F 198 22.78 -48.20 5.51
N GLU F 199 23.04 -47.41 6.54
CA GLU F 199 24.40 -47.10 6.97
C GLU F 199 24.51 -47.30 8.48
N ALA F 200 25.62 -47.89 8.91
CA ALA F 200 25.90 -48.07 10.32
C ALA F 200 27.27 -47.50 10.63
N TYR F 201 27.41 -46.95 11.83
CA TYR F 201 28.57 -46.17 12.22
C TYR F 201 29.29 -46.80 13.39
N ASP F 202 30.52 -46.33 13.61
CA ASP F 202 31.33 -46.74 14.73
C ASP F 202 31.05 -45.78 15.89
N ASN F 203 31.85 -45.85 16.95
CA ASN F 203 31.66 -44.97 18.10
C ASN F 203 32.19 -43.57 17.83
N HIS F 204 33.18 -43.45 16.94
CA HIS F 204 33.80 -42.16 16.68
C HIS F 204 32.99 -41.32 15.69
N GLY F 205 32.31 -41.96 14.76
CA GLY F 205 31.63 -41.26 13.69
C GLY F 205 32.15 -41.73 12.34
N ASN F 206 32.67 -42.95 12.29
CA ASN F 206 33.26 -43.50 11.08
C ASN F 206 32.33 -44.54 10.47
N ILE F 207 32.36 -44.63 9.14
CA ILE F 207 31.50 -45.57 8.44
C ILE F 207 32.05 -46.98 8.61
N ASP F 208 31.17 -47.91 8.96
CA ASP F 208 31.55 -49.30 9.21
C ASP F 208 31.30 -50.12 7.96
N ILE F 209 32.20 -51.07 7.70
CA ILE F 209 32.11 -51.88 6.49
C ILE F 209 31.10 -53.01 6.66
N ASN F 210 30.69 -53.31 7.88
CA ASN F 210 29.68 -54.32 8.16
C ASN F 210 28.41 -53.58 8.56
N ALA F 211 27.62 -53.22 7.55
CA ALA F 211 26.55 -52.25 7.71
C ALA F 211 25.42 -52.64 6.74
N GLY F 212 24.55 -51.69 6.43
CA GLY F 212 23.44 -51.98 5.54
C GLY F 212 23.83 -52.21 4.10
N LEU F 213 24.32 -51.17 3.41
CA LEU F 213 24.65 -51.29 1.99
C LEU F 213 26.07 -51.74 1.73
N HIS F 214 26.98 -51.59 2.70
CA HIS F 214 28.38 -51.88 2.42
C HIS F 214 28.71 -53.37 2.60
N CYS F 215 27.96 -54.08 3.44
CA CYS F 215 28.29 -55.47 3.74
C CYS F 215 27.99 -56.37 2.55
N LEU F 216 26.76 -56.28 2.01
CA LEU F 216 26.44 -57.09 0.84
C LEU F 216 27.14 -56.58 -0.41
N GLY F 217 27.56 -55.32 -0.42
CA GLY F 217 28.41 -54.83 -1.50
C GLY F 217 29.76 -55.51 -1.51
N SER F 218 30.44 -55.52 -0.34
CA SER F 218 31.71 -56.22 -0.25
C SER F 218 31.57 -57.74 -0.35
N SER F 219 30.37 -58.27 -0.05
CA SER F 219 30.14 -59.70 -0.25
C SER F 219 29.92 -60.02 -1.72
N ILE F 220 29.33 -59.09 -2.48
CA ILE F 220 29.11 -59.34 -3.90
C ILE F 220 30.28 -58.85 -4.75
N GLY F 221 31.10 -57.93 -4.23
CA GLY F 221 32.28 -57.47 -4.95
C GLY F 221 32.31 -55.99 -5.24
N ARG F 222 31.18 -55.42 -5.62
CA ARG F 222 31.10 -54.01 -5.97
C ARG F 222 31.27 -53.12 -4.74
N GLU F 223 31.80 -51.91 -4.95
CA GLU F 223 32.16 -51.03 -3.85
C GLU F 223 31.40 -49.72 -3.96
N ILE F 224 30.75 -49.32 -2.87
CA ILE F 224 30.23 -47.97 -2.74
C ILE F 224 31.39 -47.11 -2.24
N GLY F 225 31.94 -46.28 -3.13
CA GLY F 225 33.10 -45.48 -2.79
C GLY F 225 32.83 -43.99 -2.85
N ASP F 226 31.78 -43.62 -3.56
CA ASP F 226 31.37 -42.22 -3.65
C ASP F 226 30.08 -42.00 -2.87
N SER F 227 29.70 -40.73 -2.77
CA SER F 227 28.51 -40.36 -2.01
C SER F 227 27.25 -40.81 -2.73
N PHE F 228 26.18 -40.97 -1.96
CA PHE F 228 24.86 -41.24 -2.51
C PHE F 228 23.82 -40.59 -1.62
N ASP F 229 22.74 -40.14 -2.23
CA ASP F 229 21.69 -39.57 -1.42
C ASP F 229 20.84 -40.67 -0.80
N ALA F 230 20.02 -40.27 0.15
CA ALA F 230 18.90 -41.06 0.65
C ALA F 230 17.79 -40.08 0.93
N ILE F 231 16.56 -40.48 0.66
CA ILE F 231 15.46 -39.54 0.71
C ILE F 231 14.18 -40.20 1.21
N CYS F 232 13.71 -39.74 2.38
CA CYS F 232 12.57 -40.34 3.07
C CYS F 232 11.28 -39.75 2.53
N LEU F 233 10.35 -40.61 2.07
CA LEU F 233 9.05 -40.10 1.65
C LEU F 233 8.24 -39.54 2.81
N GLU F 234 8.53 -39.99 4.02
CA GLU F 234 7.77 -39.56 5.17
C GLU F 234 8.13 -38.13 5.58
N ASN F 235 9.37 -37.72 5.34
CA ASN F 235 9.85 -36.41 5.78
C ASN F 235 9.77 -35.34 4.70
N LEU F 236 9.65 -35.73 3.42
CA LEU F 236 9.50 -34.77 2.33
C LEU F 236 8.20 -33.99 2.47
N ARG F 237 8.29 -32.67 2.42
CA ARG F 237 7.10 -31.83 2.47
C ARG F 237 6.26 -32.02 1.21
N PRO F 238 5.09 -32.65 1.32
CA PRO F 238 4.27 -32.97 0.15
C PRO F 238 3.58 -31.77 -0.49
N TYR F 239 3.39 -31.82 -1.82
CA TYR F 239 2.66 -30.71 -2.48
C TYR F 239 1.26 -30.73 -1.86
N VAL F 240 0.75 -29.58 -1.45
CA VAL F 240 -0.60 -29.51 -0.81
C VAL F 240 -1.39 -28.44 -1.55
N GLY F 241 -1.69 -28.71 -2.81
CA GLY F 241 -2.45 -27.81 -3.69
C GLY F 241 -3.46 -28.60 -4.49
N GLN F 242 -4.54 -27.96 -4.95
CA GLN F 242 -5.56 -28.71 -5.69
C GLN F 242 -4.93 -29.36 -6.93
N HIS F 243 -5.20 -30.66 -7.12
CA HIS F 243 -4.73 -31.44 -8.30
C HIS F 243 -5.69 -31.19 -9.46
N ILE F 244 -5.36 -31.72 -10.64
CA ILE F 244 -6.22 -31.60 -11.81
C ILE F 244 -7.32 -32.64 -11.75
N ALA F 245 -8.58 -32.19 -11.82
CA ALA F 245 -9.72 -33.09 -11.79
C ALA F 245 -9.86 -33.84 -13.12
N ASP F 246 -10.31 -35.10 -13.02
CA ASP F 246 -10.63 -35.97 -14.15
C ASP F 246 -9.41 -36.23 -15.03
N ASP F 247 -8.27 -36.46 -14.40
CA ASP F 247 -7.07 -36.88 -15.11
C ASP F 247 -6.54 -38.15 -14.45
N LEU F 248 -6.38 -39.20 -15.24
CA LEU F 248 -5.99 -40.51 -14.69
C LEU F 248 -4.54 -40.54 -14.28
N GLN F 249 -3.71 -39.60 -14.75
CA GLN F 249 -2.29 -39.58 -14.43
C GLN F 249 -2.00 -38.77 -13.18
N ARG F 250 -2.99 -38.01 -12.69
CA ARG F 250 -2.97 -37.31 -11.40
C ARG F 250 -1.81 -36.31 -11.34
N ARG F 251 -1.94 -35.27 -12.16
CA ARG F 251 -0.95 -34.21 -12.24
C ARG F 251 -1.46 -32.92 -11.62
N LEU F 252 -0.59 -31.91 -11.67
CA LEU F 252 -0.68 -30.74 -10.81
C LEU F 252 -1.08 -29.51 -11.60
N ASP F 253 -2.01 -28.73 -11.06
CA ASP F 253 -2.46 -27.51 -11.73
C ASP F 253 -1.69 -26.31 -11.18
N LEU F 254 -0.40 -26.30 -11.47
CA LEU F 254 0.47 -25.19 -11.12
C LEU F 254 0.13 -24.00 -12.02
N LEU F 255 0.07 -22.81 -11.43
CA LEU F 255 -0.32 -21.63 -12.19
C LEU F 255 0.75 -21.24 -13.18
N LYS F 256 0.36 -21.10 -14.44
CA LYS F 256 1.11 -20.78 -15.65
C LYS F 256 1.34 -19.29 -15.77
N PRO F 257 2.56 -18.86 -16.06
CA PRO F 257 2.86 -17.43 -16.09
C PRO F 257 2.28 -16.77 -17.34
N LYS F 258 2.12 -15.45 -17.25
CA LYS F 258 1.52 -14.66 -18.31
C LYS F 258 2.25 -13.34 -18.43
N LEU F 259 2.55 -12.96 -19.68
CA LEU F 259 3.21 -11.70 -20.01
C LEU F 259 2.27 -10.52 -19.75
N PRO F 260 2.75 -9.28 -19.80
CA PRO F 260 1.83 -8.13 -19.64
C PRO F 260 0.85 -7.94 -20.78
N ASN F 261 1.01 -8.63 -21.91
CA ASN F 261 0.02 -8.54 -22.98
C ASN F 261 -1.27 -9.25 -22.61
N GLY F 262 -1.18 -10.22 -21.70
CA GLY F 262 -2.21 -11.20 -21.48
C GLY F 262 -1.79 -12.57 -21.94
N GLU F 263 -0.75 -12.67 -22.75
CA GLU F 263 -0.37 -13.88 -23.43
C GLU F 263 0.60 -14.67 -22.56
N CYS F 264 0.57 -16.00 -22.72
CA CYS F 264 1.61 -16.84 -22.14
C CYS F 264 2.95 -16.55 -22.81
N PRO F 265 4.07 -16.88 -22.16
CA PRO F 265 5.37 -16.68 -22.79
C PRO F 265 5.49 -17.51 -24.05
N PRO F 266 6.18 -16.99 -25.07
CA PRO F 266 5.97 -17.52 -26.43
C PRO F 266 6.59 -18.87 -26.69
N GLY F 267 7.53 -19.32 -25.86
CA GLY F 267 8.09 -20.64 -26.02
C GLY F 267 7.63 -21.64 -24.98
N PHE F 268 6.59 -21.35 -24.22
CA PHE F 268 6.31 -22.07 -22.98
C PHE F 268 5.61 -23.40 -23.27
N LEU F 269 6.16 -24.48 -22.71
CA LEU F 269 5.67 -25.84 -22.97
C LEU F 269 5.16 -26.55 -21.73
N GLY F 270 5.12 -25.90 -20.57
CA GLY F 270 4.60 -26.52 -19.38
C GLY F 270 5.65 -26.81 -18.33
N PHE F 271 5.16 -27.05 -17.12
CA PHE F 271 6.01 -27.39 -15.99
C PHE F 271 6.56 -28.80 -16.16
N ALA F 272 7.70 -29.05 -15.53
CA ALA F 272 8.40 -30.30 -15.80
C ALA F 272 8.07 -31.42 -14.83
N VAL F 273 7.33 -31.14 -13.76
CA VAL F 273 6.86 -32.20 -12.88
C VAL F 273 5.69 -32.95 -13.53
N ASN F 274 5.00 -32.31 -14.48
CA ASN F 274 3.89 -32.90 -15.20
C ASN F 274 4.33 -33.65 -16.45
N MET F 275 5.62 -33.96 -16.60
CA MET F 275 6.14 -34.60 -17.80
C MET F 275 6.48 -36.07 -17.61
N ILE F 276 6.51 -36.55 -16.38
CA ILE F 276 6.94 -37.90 -16.03
C ILE F 276 5.71 -38.80 -15.97
N GLN F 277 5.79 -39.99 -16.55
CA GLN F 277 4.71 -40.97 -16.50
C GLN F 277 5.07 -42.07 -15.52
N ILE F 278 4.24 -42.26 -14.50
CA ILE F 278 4.52 -43.15 -13.38
C ILE F 278 3.85 -44.49 -13.61
N ASP F 279 4.54 -45.56 -13.23
CA ASP F 279 3.94 -46.86 -12.99
C ASP F 279 2.77 -46.69 -12.01
N PRO F 280 1.54 -47.09 -12.38
CA PRO F 280 0.37 -46.77 -11.55
C PRO F 280 0.29 -47.50 -10.21
N ALA F 281 1.28 -48.31 -9.85
CA ALA F 281 1.34 -48.81 -8.48
C ALA F 281 1.66 -47.70 -7.49
N TYR F 282 2.45 -46.71 -7.92
CA TYR F 282 2.94 -45.65 -7.05
C TYR F 282 2.19 -44.33 -7.21
N LEU F 283 1.07 -44.31 -7.93
CA LEU F 283 0.31 -43.06 -8.08
C LEU F 283 -0.36 -42.63 -6.80
N LEU F 284 -0.60 -43.58 -5.89
CA LEU F 284 -1.25 -43.26 -4.58
C LEU F 284 -0.82 -44.26 -3.49
N CYS F 285 -0.91 -43.80 -2.22
CA CYS F 285 -0.67 -44.57 -0.96
C CYS F 285 0.79 -44.96 -0.69
N VAL F 286 1.78 -44.35 -1.35
CA VAL F 286 3.20 -44.72 -1.03
C VAL F 286 3.54 -44.29 0.41
N THR F 287 3.12 -43.09 0.79
CA THR F 287 3.30 -42.50 2.11
C THR F 287 2.09 -42.84 2.98
N SER F 288 2.35 -43.08 4.28
CA SER F 288 1.30 -43.49 5.21
C SER F 288 0.22 -42.43 5.43
N TYR F 289 0.49 -41.17 5.10
CA TYR F 289 -0.56 -40.16 5.08
C TYR F 289 -1.39 -40.19 3.81
N GLY F 290 -1.06 -41.06 2.86
CA GLY F 290 -1.88 -41.26 1.69
C GLY F 290 -1.57 -40.33 0.53
N TYR F 291 -0.29 -40.09 0.29
CA TYR F 291 0.15 -39.30 -0.85
C TYR F 291 0.82 -40.20 -1.87
N GLY F 292 0.91 -39.66 -3.09
CA GLY F 292 1.51 -40.33 -4.26
C GLY F 292 2.95 -39.89 -4.45
N LEU F 293 3.71 -40.63 -5.26
CA LEU F 293 5.13 -40.32 -5.51
C LEU F 293 5.28 -38.95 -6.18
N ARG F 294 4.38 -38.62 -7.12
CA ARG F 294 4.49 -37.35 -7.89
C ARG F 294 4.42 -36.09 -7.03
N GLU F 295 3.54 -36.03 -6.02
CA GLU F 295 3.40 -34.81 -5.24
C GLU F 295 4.28 -34.79 -4.00
N THR F 296 5.03 -35.85 -3.73
CA THR F 296 6.06 -35.80 -2.70
C THR F 296 7.46 -35.82 -3.29
N LEU F 297 7.79 -36.84 -4.08
CA LEU F 297 9.15 -36.97 -4.61
C LEU F 297 9.40 -35.98 -5.72
N PHE F 298 8.61 -36.05 -6.80
CA PHE F 298 8.92 -35.26 -7.98
C PHE F 298 8.58 -33.80 -7.82
N TYR F 299 7.80 -33.43 -6.81
CA TYR F 299 7.66 -32.01 -6.53
C TYR F 299 8.87 -31.47 -5.77
N ASN F 300 9.60 -32.33 -5.07
CA ASN F 300 10.83 -31.95 -4.42
C ASN F 300 12.05 -32.27 -5.27
N LEU F 301 11.85 -32.43 -6.57
CA LEU F 301 12.94 -32.44 -7.55
C LEU F 301 12.72 -31.45 -8.68
N PHE F 302 11.48 -31.27 -9.12
CA PHE F 302 11.12 -30.26 -10.11
C PHE F 302 10.07 -29.35 -9.46
N SER F 303 10.53 -28.39 -8.66
CA SER F 303 9.61 -27.56 -7.89
C SER F 303 9.24 -26.35 -8.71
N ARG F 304 8.16 -26.49 -9.50
CA ARG F 304 7.70 -25.49 -10.49
C ARG F 304 8.79 -25.13 -11.51
N LEU F 305 9.62 -26.12 -11.83
CA LEU F 305 10.55 -26.04 -12.93
C LEU F 305 9.76 -26.02 -14.23
N GLN F 306 10.06 -25.09 -15.13
CA GLN F 306 9.27 -24.94 -16.34
C GLN F 306 10.13 -24.93 -17.59
N VAL F 307 9.56 -25.50 -18.66
CA VAL F 307 10.30 -25.83 -19.88
C VAL F 307 9.86 -24.91 -21.01
N TYR F 308 10.85 -24.31 -21.66
CA TYR F 308 10.66 -23.45 -22.82
C TYR F 308 11.25 -24.14 -24.05
N LYS F 309 11.00 -23.54 -25.22
CA LYS F 309 11.41 -24.16 -26.47
C LYS F 309 12.86 -23.87 -26.81
N THR F 310 13.21 -22.59 -26.98
CA THR F 310 14.58 -22.18 -27.28
C THR F 310 15.10 -21.28 -26.17
N ARG F 311 16.40 -20.95 -26.25
CA ARG F 311 17.03 -20.24 -25.14
C ARG F 311 16.69 -18.75 -25.17
N ALA F 312 16.52 -18.18 -26.36
CA ALA F 312 16.06 -16.80 -26.50
C ALA F 312 14.66 -16.63 -25.92
N ASP F 313 13.82 -17.65 -26.06
CA ASP F 313 12.48 -17.64 -25.47
C ASP F 313 12.54 -17.72 -23.95
N MET F 314 13.58 -18.34 -23.41
CA MET F 314 13.72 -18.43 -21.96
C MET F 314 14.21 -17.12 -21.37
N ILE F 315 15.28 -16.54 -21.95
CA ILE F 315 15.79 -15.26 -21.47
C ILE F 315 14.79 -14.13 -21.71
N SER F 316 13.98 -14.23 -22.77
CA SER F 316 12.94 -13.24 -23.03
C SER F 316 11.85 -13.22 -21.97
N ALA F 317 11.63 -14.35 -21.29
CA ALA F 317 10.58 -14.48 -20.29
C ALA F 317 11.15 -14.88 -18.93
N LEU F 318 12.24 -14.25 -18.55
CA LEU F 318 12.96 -14.46 -17.29
C LEU F 318 12.33 -13.83 -16.04
N PRO F 319 11.67 -12.65 -16.07
CA PRO F 319 10.95 -12.24 -14.85
C PRO F 319 9.75 -13.09 -14.49
N CYS F 320 9.18 -13.86 -15.42
CA CYS F 320 7.99 -14.63 -15.11
C CYS F 320 8.32 -15.94 -14.42
N ILE F 321 9.59 -16.35 -14.42
CA ILE F 321 9.95 -17.58 -13.72
C ILE F 321 10.09 -17.26 -12.23
N SER F 322 9.93 -18.29 -11.40
CA SER F 322 10.18 -18.18 -9.97
C SER F 322 10.89 -19.41 -9.43
N ASP F 323 11.47 -20.20 -10.31
CA ASP F 323 12.37 -21.29 -9.96
C ASP F 323 13.32 -21.34 -11.15
N GLY F 324 13.96 -22.50 -11.36
CA GLY F 324 14.74 -22.66 -12.56
C GLY F 324 13.87 -22.70 -13.81
N ALA F 325 14.52 -22.72 -14.96
CA ALA F 325 13.85 -22.98 -16.22
C ALA F 325 14.77 -23.85 -17.07
N VAL F 326 14.18 -24.53 -18.04
CA VAL F 326 14.89 -25.51 -18.84
C VAL F 326 14.44 -25.37 -20.30
N SER F 327 15.40 -25.28 -21.21
CA SER F 327 15.09 -25.16 -22.62
C SER F 327 15.46 -26.44 -23.37
N LEU F 328 14.82 -26.63 -24.52
CA LEU F 328 15.04 -27.84 -25.32
C LEU F 328 16.27 -27.75 -26.21
N ASP F 329 16.99 -26.63 -26.19
CA ASP F 329 18.23 -26.54 -26.93
C ASP F 329 19.43 -26.95 -26.08
N GLY F 330 19.33 -26.80 -24.76
CA GLY F 330 20.42 -27.10 -23.87
C GLY F 330 20.49 -26.10 -22.74
N GLY F 331 19.67 -25.07 -22.80
CA GLY F 331 19.75 -23.98 -21.83
C GLY F 331 19.16 -24.36 -20.50
N ILE F 332 19.98 -24.29 -19.46
CA ILE F 332 19.59 -24.64 -18.09
C ILE F 332 19.92 -23.47 -17.20
N ILE F 333 18.94 -22.97 -16.45
CA ILE F 333 19.21 -22.12 -15.30
C ILE F 333 18.47 -22.73 -14.12
N ARG F 334 19.06 -22.62 -12.92
CA ARG F 334 18.55 -23.31 -11.75
C ARG F 334 18.06 -22.38 -10.65
N LYS F 335 18.68 -21.23 -10.47
CA LYS F 335 18.17 -20.19 -9.60
C LYS F 335 17.88 -18.96 -10.44
N THR F 336 17.60 -17.84 -9.78
CA THR F 336 17.24 -16.63 -10.51
C THR F 336 18.46 -16.01 -11.19
N GLY F 337 19.46 -15.61 -10.40
CA GLY F 337 20.62 -14.95 -10.97
C GLY F 337 21.65 -15.86 -11.59
N ILE F 338 21.54 -17.16 -11.37
CA ILE F 338 22.58 -18.10 -11.79
C ILE F 338 22.23 -18.68 -13.15
N PHE F 339 23.07 -18.41 -14.14
CA PHE F 339 22.96 -18.94 -15.48
C PHE F 339 24.00 -20.04 -15.66
N ASN F 340 23.76 -20.96 -16.57
CA ASN F 340 24.73 -22.00 -16.89
C ASN F 340 25.13 -21.87 -18.35
N LEU F 341 26.43 -21.75 -18.59
CA LEU F 341 26.95 -21.40 -19.90
C LEU F 341 27.98 -22.43 -20.32
N GLY F 342 28.27 -22.49 -21.61
CA GLY F 342 29.35 -23.32 -22.10
C GLY F 342 28.86 -24.63 -22.67
N ASN F 343 29.84 -25.49 -23.00
CA ASN F 343 29.57 -26.82 -23.52
C ASN F 343 28.80 -27.66 -22.51
N ARG F 344 27.67 -28.19 -22.96
CA ARG F 344 26.73 -28.84 -22.05
C ARG F 344 27.23 -30.21 -21.61
N ASP F 345 27.17 -30.43 -20.30
CA ASP F 345 27.64 -31.65 -19.68
C ASP F 345 26.81 -32.85 -20.09
N GLU F 346 27.40 -34.03 -19.99
CA GLU F 346 26.81 -35.28 -20.44
C GLU F 346 26.75 -36.25 -19.27
N VAL F 347 25.55 -36.60 -18.85
CA VAL F 347 25.34 -37.65 -17.86
C VAL F 347 24.90 -38.91 -18.59
N ASN F 348 25.21 -40.06 -18.01
CA ASN F 348 24.96 -41.32 -18.71
C ASN F 348 23.56 -41.86 -18.44
N VAL F 349 23.04 -41.66 -17.22
CA VAL F 349 21.71 -42.17 -16.90
C VAL F 349 20.65 -41.28 -17.52
N ARG F 350 19.64 -41.92 -18.11
CA ARG F 350 18.56 -41.23 -18.80
C ARG F 350 17.25 -41.82 -18.35
N PHE F 351 16.19 -41.02 -18.38
CA PHE F 351 14.85 -41.54 -18.15
C PHE F 351 14.46 -42.52 -19.26
N ALA F 352 13.73 -43.56 -18.89
CA ALA F 352 13.32 -44.54 -19.88
C ALA F 352 12.13 -44.02 -20.69
N LYS F 353 11.82 -44.74 -21.75
CA LYS F 353 10.71 -44.37 -22.62
C LYS F 353 9.56 -45.35 -22.43
N PRO F 354 8.33 -44.87 -22.21
CA PRO F 354 7.23 -45.78 -21.88
C PRO F 354 6.79 -46.63 -23.07
N THR F 355 6.49 -47.89 -22.77
CA THR F 355 6.07 -48.85 -23.79
C THR F 355 4.65 -49.34 -23.54
N MET F 360 0.22 -47.01 -29.37
CA MET F 360 0.49 -45.61 -29.69
C MET F 360 -0.75 -44.93 -30.27
N ASP F 361 -1.93 -45.44 -29.90
CA ASP F 361 -3.17 -44.85 -30.38
C ASP F 361 -3.55 -43.61 -29.60
N ASN F 362 -3.12 -43.51 -28.33
CA ASN F 362 -3.29 -42.28 -27.57
C ASN F 362 -2.49 -41.15 -28.19
N TYR F 363 -1.32 -41.47 -28.75
CA TYR F 363 -0.53 -40.50 -29.50
C TYR F 363 -1.29 -39.97 -30.70
N SER F 364 -1.99 -40.85 -31.42
CA SER F 364 -2.70 -40.43 -32.62
C SER F 364 -3.94 -39.61 -32.29
N GLU F 365 -4.67 -40.00 -31.23
CA GLU F 365 -5.80 -39.19 -30.76
C GLU F 365 -5.34 -37.81 -30.28
N ALA F 366 -4.20 -37.77 -29.58
CA ALA F 366 -3.65 -36.51 -29.12
C ALA F 366 -3.19 -35.63 -30.28
N GLU F 367 -2.64 -36.23 -31.33
CA GLU F 367 -2.19 -35.45 -32.46
C GLU F 367 -3.36 -34.94 -33.29
N LYS F 368 -4.46 -35.70 -33.34
CA LYS F 368 -5.69 -35.24 -33.97
C LYS F 368 -6.28 -34.05 -33.22
N LYS F 369 -6.32 -34.14 -31.89
CA LYS F 369 -6.81 -33.02 -31.08
C LYS F 369 -5.88 -31.81 -31.19
N MET F 370 -4.58 -32.06 -31.38
CA MET F 370 -3.62 -30.99 -31.60
C MET F 370 -3.90 -30.25 -32.90
N LYS F 371 -4.18 -31.01 -33.98
CA LYS F 371 -4.52 -30.39 -35.26
C LYS F 371 -5.80 -29.55 -35.15
N GLU F 372 -6.80 -30.05 -34.43
CA GLU F 372 -8.04 -29.31 -34.25
C GLU F 372 -7.82 -28.01 -33.47
N LEU F 373 -6.99 -28.06 -32.42
CA LEU F 373 -6.70 -26.86 -31.64
C LEU F 373 -5.90 -25.83 -32.43
N LYS F 374 -4.94 -26.28 -33.23
CA LYS F 374 -4.16 -25.34 -34.04
C LYS F 374 -5.02 -24.67 -35.11
N TRP F 375 -5.97 -25.42 -35.70
CA TRP F 375 -6.88 -24.82 -36.67
C TRP F 375 -7.80 -23.78 -36.04
N LYS F 376 -8.36 -24.09 -34.87
CA LYS F 376 -9.23 -23.12 -34.22
C LYS F 376 -8.47 -21.89 -33.72
N LYS F 377 -7.21 -22.08 -33.31
CA LYS F 377 -6.37 -20.94 -32.94
C LYS F 377 -6.10 -20.03 -34.14
N GLU F 378 -5.84 -20.63 -35.31
CA GLU F 378 -5.65 -19.84 -36.53
C GLU F 378 -6.90 -19.04 -36.88
N LYS F 379 -8.09 -19.64 -36.69
CA LYS F 379 -9.34 -18.92 -36.93
C LYS F 379 -9.49 -17.72 -35.99
N THR F 380 -9.12 -17.89 -34.71
CA THR F 380 -9.19 -16.77 -33.78
C THR F 380 -8.20 -15.66 -34.14
N LEU F 381 -7.01 -16.03 -34.64
CA LEU F 381 -6.06 -15.01 -35.11
C LEU F 381 -6.60 -14.23 -36.31
N GLU F 382 -7.30 -14.91 -37.22
CA GLU F 382 -7.88 -14.21 -38.36
C GLU F 382 -8.98 -13.25 -37.92
N ASP F 383 -9.76 -13.64 -36.91
CA ASP F 383 -10.82 -12.74 -36.46
C ASP F 383 -10.26 -11.54 -35.69
N ILE F 384 -9.19 -11.73 -34.90
CA ILE F 384 -8.62 -10.57 -34.20
C ILE F 384 -7.95 -9.62 -35.20
N LYS F 385 -7.39 -10.16 -36.29
CA LYS F 385 -6.81 -9.29 -37.31
C LYS F 385 -7.87 -8.46 -38.02
N ARG F 386 -9.02 -9.08 -38.35
CA ARG F 386 -10.10 -8.33 -39.00
C ARG F 386 -10.68 -7.25 -38.09
N GLU F 387 -10.83 -7.56 -36.80
CA GLU F 387 -11.34 -6.55 -35.87
C GLU F 387 -10.34 -5.43 -35.65
N GLN F 388 -9.03 -5.74 -35.71
CA GLN F 388 -8.01 -4.69 -35.59
C GLN F 388 -8.03 -3.77 -36.80
N VAL F 389 -8.25 -4.32 -38.00
CA VAL F 389 -8.36 -3.50 -39.21
C VAL F 389 -9.55 -2.55 -39.12
N LEU F 390 -10.70 -3.07 -38.66
CA LEU F 390 -11.87 -2.19 -38.55
C LEU F 390 -11.70 -1.15 -37.44
N ARG F 391 -10.95 -1.49 -36.38
CA ARG F 391 -10.57 -0.51 -35.36
C ARG F 391 -9.73 0.61 -35.95
N GLU F 392 -8.78 0.27 -36.83
CA GLU F 392 -7.94 1.28 -37.47
C GLU F 392 -8.76 2.21 -38.36
N HIS F 393 -9.73 1.66 -39.10
CA HIS F 393 -10.60 2.50 -39.92
C HIS F 393 -11.44 3.46 -39.07
N ALA F 394 -11.93 2.98 -37.91
CA ALA F 394 -12.69 3.84 -37.02
C ALA F 394 -11.83 4.97 -36.45
N VAL F 395 -10.57 4.68 -36.13
CA VAL F 395 -9.67 5.73 -35.63
C VAL F 395 -9.37 6.76 -36.72
N PHE F 396 -9.25 6.30 -37.97
CA PHE F 396 -8.99 7.21 -39.10
C PHE F 396 -10.15 8.18 -39.32
N ASN F 397 -11.38 7.65 -39.33
CA ASN F 397 -12.55 8.52 -39.49
C ASN F 397 -12.74 9.44 -38.28
N PHE F 398 -12.33 8.97 -37.09
CA PHE F 398 -12.32 9.79 -35.89
C PHE F 398 -11.42 11.02 -36.06
N GLY F 399 -10.20 10.80 -36.55
CA GLY F 399 -9.28 11.91 -36.73
C GLY F 399 -9.75 12.90 -37.78
N LYS F 400 -10.37 12.40 -38.86
CA LYS F 400 -10.89 13.30 -39.89
C LYS F 400 -12.05 14.16 -39.36
N LYS F 401 -12.99 13.56 -38.63
CA LYS F 401 -14.07 14.36 -38.06
C LYS F 401 -13.58 15.34 -36.99
N LYS F 402 -12.52 14.94 -36.26
CA LYS F 402 -11.97 15.81 -35.23
C LYS F 402 -11.33 17.05 -35.83
N GLU F 403 -10.51 16.87 -36.87
CA GLU F 403 -9.89 18.04 -37.50
C GLU F 403 -10.91 18.90 -38.22
N GLU F 404 -11.99 18.28 -38.73
CA GLU F 404 -13.09 19.03 -39.33
C GLU F 404 -13.73 20.00 -38.35
N PHE F 405 -14.13 19.52 -37.17
CA PHE F 405 -14.81 20.46 -36.28
C PHE F 405 -13.81 21.35 -35.53
N VAL F 406 -12.53 20.95 -35.48
CA VAL F 406 -11.51 21.87 -34.96
C VAL F 406 -11.36 23.07 -35.89
N ARG F 407 -11.38 22.84 -37.21
CA ARG F 407 -11.40 23.96 -38.15
C ARG F 407 -12.70 24.76 -38.04
N CYS F 408 -13.82 24.07 -37.81
CA CYS F 408 -15.11 24.75 -37.69
C CYS F 408 -15.17 25.64 -36.45
N LEU F 409 -14.51 25.24 -35.36
CA LEU F 409 -14.48 26.08 -34.17
C LEU F 409 -13.39 27.14 -34.26
N ALA F 410 -12.30 26.87 -34.98
CA ALA F 410 -11.19 27.81 -35.04
C ALA F 410 -11.41 28.90 -36.08
N GLN F 411 -12.34 28.73 -37.02
CA GLN F 411 -12.64 29.81 -37.94
C GLN F 411 -13.41 30.94 -37.27
N SER F 412 -14.06 30.68 -36.14
CA SER F 412 -14.82 31.70 -35.42
C SER F 412 -13.92 32.55 -34.55
N PHE G 4 -9.75 -12.09 -8.03
CA PHE G 4 -10.34 -12.01 -9.36
C PHE G 4 -11.49 -10.99 -9.39
N ALA G 5 -12.09 -10.73 -8.23
CA ALA G 5 -13.12 -9.70 -8.13
C ALA G 5 -12.54 -8.30 -8.28
N VAL G 6 -11.25 -8.12 -8.05
CA VAL G 6 -10.63 -6.80 -8.13
C VAL G 6 -10.30 -6.45 -9.59
N SER G 7 -9.96 -7.45 -10.38
CA SER G 7 -9.53 -7.22 -11.77
C SER G 7 -10.67 -6.72 -12.64
N ASN G 8 -11.88 -7.24 -12.43
CA ASN G 8 -13.03 -6.84 -13.25
C ASN G 8 -13.44 -5.40 -12.99
N MET G 9 -13.14 -4.86 -11.81
CA MET G 9 -13.43 -3.46 -11.54
C MET G 9 -12.27 -2.55 -11.94
N LEU G 10 -11.03 -3.02 -11.78
CA LEU G 10 -9.89 -2.21 -12.18
C LEU G 10 -9.81 -2.05 -13.70
N GLU G 11 -10.19 -3.08 -14.46
CA GLU G 11 -10.27 -2.91 -15.91
C GLU G 11 -11.40 -1.97 -16.31
N ALA G 12 -12.51 -1.99 -15.57
CA ALA G 12 -13.63 -1.10 -15.89
C ALA G 12 -13.32 0.34 -15.57
N LEU G 13 -12.48 0.59 -14.56
CA LEU G 13 -12.03 1.95 -14.29
C LEU G 13 -10.90 2.38 -15.22
N ASP G 14 -10.07 1.43 -15.66
CA ASP G 14 -8.98 1.78 -16.57
C ASP G 14 -9.46 2.01 -17.99
N SER G 15 -10.62 1.46 -18.36
CA SER G 15 -11.12 1.67 -19.71
C SER G 15 -11.68 3.07 -19.88
N GLY G 16 -12.69 3.44 -19.10
CA GLY G 16 -13.28 4.76 -19.21
C GLY G 16 -14.61 4.74 -19.94
N LYS G 17 -15.15 5.95 -20.14
CA LYS G 17 -16.38 6.08 -20.89
C LYS G 17 -16.19 5.79 -22.36
N PHE G 18 -14.97 6.01 -22.87
CA PHE G 18 -14.63 5.76 -24.26
C PHE G 18 -13.21 5.22 -24.29
N GLY G 19 -13.04 4.01 -24.81
CA GLY G 19 -11.75 3.34 -24.77
C GLY G 19 -10.73 4.03 -25.65
N SER G 20 -9.64 4.52 -25.04
CA SER G 20 -8.50 5.18 -25.68
C SER G 20 -8.88 6.48 -26.39
N VAL G 21 -10.03 7.06 -26.07
CA VAL G 21 -10.55 8.24 -26.77
C VAL G 21 -10.95 9.33 -25.76
N SER G 22 -11.31 8.91 -24.54
CA SER G 22 -12.08 9.75 -23.63
C SER G 22 -11.33 10.99 -23.13
N LYS G 23 -10.00 10.93 -23.07
CA LYS G 23 -9.21 12.12 -22.72
C LYS G 23 -9.36 13.18 -23.80
N GLU G 24 -9.36 12.76 -25.07
CA GLU G 24 -9.55 13.69 -26.18
C GLU G 24 -10.95 14.25 -26.19
N LEU G 25 -11.96 13.47 -25.82
CA LEU G 25 -13.32 14.00 -25.72
C LEU G 25 -13.48 14.96 -24.55
N GLU G 26 -12.71 14.76 -23.47
CA GLU G 26 -12.69 15.76 -22.40
C GLU G 26 -12.07 17.07 -22.89
N GLU G 27 -10.98 16.98 -23.66
CA GLU G 27 -10.39 18.15 -24.30
C GLU G 27 -11.38 18.85 -25.22
N ILE G 28 -12.18 18.07 -25.95
CA ILE G 28 -13.17 18.60 -26.88
C ILE G 28 -14.27 19.35 -26.14
N ALA G 29 -14.76 18.77 -25.03
CA ALA G 29 -15.79 19.44 -24.24
C ALA G 29 -15.25 20.72 -23.62
N ASP G 30 -13.97 20.73 -23.24
CA ASP G 30 -13.39 21.98 -22.70
C ASP G 30 -13.21 23.04 -23.79
N MET G 31 -12.87 22.63 -25.02
CA MET G 31 -12.77 23.56 -26.14
C MET G 31 -14.11 24.20 -26.45
N ARG G 32 -15.17 23.40 -26.51
CA ARG G 32 -16.49 23.95 -26.76
C ARG G 32 -16.96 24.80 -25.57
N MET G 33 -16.53 24.45 -24.36
CA MET G 33 -16.84 25.27 -23.19
C MET G 33 -16.19 26.64 -23.27
N ASP G 34 -14.95 26.69 -23.79
CA ASP G 34 -14.29 27.97 -24.01
C ASP G 34 -15.01 28.79 -25.08
N LEU G 35 -15.50 28.11 -26.13
CA LEU G 35 -16.28 28.80 -27.17
C LEU G 35 -17.56 29.40 -26.60
N VAL G 36 -18.23 28.65 -25.71
CA VAL G 36 -19.48 29.14 -25.10
C VAL G 36 -19.19 30.32 -24.17
N LYS G 37 -18.10 30.24 -23.39
CA LYS G 37 -17.75 31.35 -22.51
C LYS G 37 -17.39 32.61 -23.29
N ARG G 38 -16.71 32.45 -24.44
CA ARG G 38 -16.42 33.62 -25.28
C ARG G 38 -17.67 34.21 -25.89
N SER G 39 -18.62 33.37 -26.31
CA SER G 39 -19.83 33.91 -26.93
C SER G 39 -20.77 34.52 -25.90
N ILE G 40 -20.67 34.12 -24.63
CA ILE G 40 -21.42 34.83 -23.59
C ILE G 40 -20.71 36.14 -23.24
N TRP G 41 -19.36 36.13 -23.22
CA TRP G 41 -18.58 37.34 -22.97
C TRP G 41 -18.82 38.41 -24.03
N LEU G 42 -19.06 38.01 -25.27
CA LEU G 42 -19.35 39.01 -26.30
C LEU G 42 -20.79 39.50 -26.21
N TYR G 43 -21.76 38.59 -26.13
CA TYR G 43 -23.16 38.98 -26.06
C TYR G 43 -23.82 38.30 -24.86
N PRO G 44 -24.45 39.07 -23.96
CA PRO G 44 -25.07 38.49 -22.77
C PRO G 44 -26.32 37.65 -23.04
N SER G 45 -27.29 38.22 -23.77
CA SER G 45 -28.64 37.67 -23.91
C SER G 45 -28.68 36.32 -24.60
N LEU G 46 -27.60 35.93 -25.28
CA LEU G 46 -27.48 34.62 -25.89
C LEU G 46 -27.52 33.49 -24.85
N ALA G 47 -27.18 33.79 -23.59
CA ALA G 47 -27.36 32.82 -22.51
C ALA G 47 -28.81 32.39 -22.38
N TYR G 48 -29.76 33.33 -22.56
CA TYR G 48 -31.17 33.00 -22.55
C TYR G 48 -31.57 32.10 -23.71
N THR G 49 -30.77 32.06 -24.78
CA THR G 49 -31.00 31.11 -25.85
C THR G 49 -30.45 29.73 -25.50
N VAL G 50 -29.35 29.70 -24.72
CA VAL G 50 -28.65 28.44 -24.49
C VAL G 50 -28.96 27.87 -23.11
N PHE G 51 -29.69 28.61 -22.26
CA PHE G 51 -30.10 28.22 -20.90
C PHE G 51 -28.91 27.90 -19.98
N GLU G 52 -27.72 28.42 -20.28
CA GLU G 52 -26.54 28.03 -19.53
C GLU G 52 -25.52 29.17 -19.48
#